data_3LWA
# 
_entry.id   3LWA 
# 
_audit_conform.dict_name       mmcif_pdbx.dic 
_audit_conform.dict_version    5.399 
_audit_conform.dict_location   http://mmcif.pdb.org/dictionaries/ascii/mmcif_pdbx.dic 
# 
loop_
_database_2.database_id 
_database_2.database_code 
_database_2.pdbx_database_accession 
_database_2.pdbx_DOI 
PDB   3LWA         pdb_00003lwa 10.2210/pdb3lwa/pdb 
RCSB  RCSB057809   ?            ?                   
WWPDB D_1000057809 ?            ?                   
# 
loop_
_pdbx_audit_revision_history.ordinal 
_pdbx_audit_revision_history.data_content_type 
_pdbx_audit_revision_history.major_revision 
_pdbx_audit_revision_history.minor_revision 
_pdbx_audit_revision_history.revision_date 
1 'Structure model' 1 0 2010-03-02 
2 'Structure model' 1 1 2011-07-13 
3 'Structure model' 1 2 2017-11-08 
4 'Structure model' 1 3 2024-11-20 
# 
_pdbx_audit_revision_details.ordinal             1 
_pdbx_audit_revision_details.revision_ordinal    1 
_pdbx_audit_revision_details.data_content_type   'Structure model' 
_pdbx_audit_revision_details.provider            repository 
_pdbx_audit_revision_details.type                'Initial release' 
_pdbx_audit_revision_details.description         ? 
_pdbx_audit_revision_details.details             ? 
# 
loop_
_pdbx_audit_revision_group.ordinal 
_pdbx_audit_revision_group.revision_ordinal 
_pdbx_audit_revision_group.data_content_type 
_pdbx_audit_revision_group.group 
1 2 'Structure model' 'Version format compliance' 
2 3 'Structure model' 'Refinement description'    
3 4 'Structure model' 'Data collection'           
4 4 'Structure model' 'Database references'       
5 4 'Structure model' 'Derived calculations'      
6 4 'Structure model' 'Structure summary'         
# 
loop_
_pdbx_audit_revision_category.ordinal 
_pdbx_audit_revision_category.revision_ordinal 
_pdbx_audit_revision_category.data_content_type 
_pdbx_audit_revision_category.category 
1 3 'Structure model' software                  
2 4 'Structure model' chem_comp_atom            
3 4 'Structure model' chem_comp_bond            
4 4 'Structure model' database_2                
5 4 'Structure model' pdbx_entry_details        
6 4 'Structure model' pdbx_modification_feature 
7 4 'Structure model' pdbx_struct_conn_angle    
8 4 'Structure model' struct_conn               
9 4 'Structure model' struct_site               
# 
loop_
_pdbx_audit_revision_item.ordinal 
_pdbx_audit_revision_item.revision_ordinal 
_pdbx_audit_revision_item.data_content_type 
_pdbx_audit_revision_item.item 
1  4 'Structure model' '_database_2.pdbx_DOI'                      
2  4 'Structure model' '_database_2.pdbx_database_accession'       
3  4 'Structure model' '_pdbx_struct_conn_angle.ptnr1_auth_seq_id' 
4  4 'Structure model' '_pdbx_struct_conn_angle.ptnr3_auth_seq_id' 
5  4 'Structure model' '_pdbx_struct_conn_angle.value'             
6  4 'Structure model' '_struct_conn.pdbx_dist_value'              
7  4 'Structure model' '_struct_conn.pdbx_leaving_atom_flag'       
8  4 'Structure model' '_struct_conn.ptnr2_auth_seq_id'            
9  4 'Structure model' '_struct_site.pdbx_auth_asym_id'            
10 4 'Structure model' '_struct_site.pdbx_auth_comp_id'            
11 4 'Structure model' '_struct_site.pdbx_auth_seq_id'             
# 
_pdbx_database_status.entry_id                        3LWA 
_pdbx_database_status.deposit_site                    RCSB 
_pdbx_database_status.process_site                    RCSB 
_pdbx_database_status.recvd_initial_deposition_date   2010-02-23 
_pdbx_database_status.status_code                     REL 
_pdbx_database_status.status_code_sf                  REL 
_pdbx_database_status.status_code_mr                  ? 
_pdbx_database_status.SG_entry                        Y 
_pdbx_database_status.pdb_format_compatible           Y 
_pdbx_database_status.status_code_cs                  ? 
_pdbx_database_status.methods_development_category    ? 
_pdbx_database_status.status_code_nmr_data            ? 
# 
_pdbx_database_related.db_name        TargetDB 
_pdbx_database_related.db_id          APC61547.1 
_pdbx_database_related.details        . 
_pdbx_database_related.content_type   unspecified 
# 
loop_
_audit_author.name 
_audit_author.pdbx_ordinal 
'Stein, A.J.'                                   1 
'Weger, A.'                                     2 
'Hendricks, R.'                                 3 
'Cobb, G.'                                      4 
'Joachimiak, A.'                                5 
'Midwest Center for Structural Genomics (MCSG)' 6 
# 
_citation.id                        primary 
_citation.title                     
'The Crystal Structure of a Secreted Thiol-disulfide Isomerase from Corynebacterium glutamicum to 1.75A' 
_citation.journal_abbrev            'To be Published' 
_citation.journal_volume            ? 
_citation.page_first                ? 
_citation.page_last                 ? 
_citation.year                      ? 
_citation.journal_id_ASTM           ? 
_citation.country                   ? 
_citation.journal_id_ISSN           ? 
_citation.journal_id_CSD            0353 
_citation.book_publisher            ? 
_citation.pdbx_database_id_PubMed   ? 
_citation.pdbx_database_id_DOI      ? 
# 
loop_
_citation_author.citation_id 
_citation_author.name 
_citation_author.ordinal 
_citation_author.identifier_ORCID 
primary 'Stein, A.J.'    1 ? 
primary 'Weger, A.'      2 ? 
primary 'Hendricks, R.'  3 ? 
primary 'Cobb, G.'       4 ? 
primary 'Joachimiak, A.' 5 ? 
# 
loop_
_entity.id 
_entity.type 
_entity.src_method 
_entity.pdbx_description 
_entity.formula_weight 
_entity.pdbx_number_of_molecules 
_entity.pdbx_ec 
_entity.pdbx_mutation 
_entity.pdbx_fragment 
_entity.details 
1 polymer     man 'Secreted thiol-disulfide isomerase' 19824.275 1  ? ? 'sequence database residues 25-187' ? 
2 non-polymer syn 'CALCIUM ION'                        40.078    2  ? ? ?                                   ? 
3 water       nat water                                18.015    51 ? ? ?                                   ? 
# 
_entity_name_com.entity_id   1 
_entity_name_com.name        'Thiol-disulfide isomerase, thioredoxins' 
# 
_entity_poly.entity_id                      1 
_entity_poly.type                           'polypeptide(L)' 
_entity_poly.nstd_linkage                   no 
_entity_poly.nstd_monomer                   yes 
_entity_poly.pdbx_seq_one_letter_code       
;SDSTAGTDAVAVGGTFQFHSPDGK(MSE)EIFYDEADRQQLPDIGGDSL(MSE)EEGTQINLSDFENQVVILNAWGQWCA
PCRSESDDLQIIHEELQAAGNGDTPGGTVLGINVRDYSRDIAQDFVTDNGLDYPSIYDPPF(MSE)TAASLGGVPASVIP
TTIVLDKQHRPAAVFLREVTSKDVLDVALPLVDEA
;
_entity_poly.pdbx_seq_one_letter_code_can   
;SDSTAGTDAVAVGGTFQFHSPDGKMEIFYDEADRQQLPDIGGDSLMEEGTQINLSDFENQVVILNAWGQWCAPCRSESDD
LQIIHEELQAAGNGDTPGGTVLGINVRDYSRDIAQDFVTDNGLDYPSIYDPPFMTAASLGGVPASVIPTTIVLDKQHRPA
AVFLREVTSKDVLDVALPLVDEA
;
_entity_poly.pdbx_strand_id                 A 
_entity_poly.pdbx_target_identifier         APC61547.1 
# 
loop_
_pdbx_entity_nonpoly.entity_id 
_pdbx_entity_nonpoly.name 
_pdbx_entity_nonpoly.comp_id 
2 'CALCIUM ION' CA  
3 water         HOH 
# 
loop_
_entity_poly_seq.entity_id 
_entity_poly_seq.num 
_entity_poly_seq.mon_id 
_entity_poly_seq.hetero 
1 1   SER n 
1 2   ASP n 
1 3   SER n 
1 4   THR n 
1 5   ALA n 
1 6   GLY n 
1 7   THR n 
1 8   ASP n 
1 9   ALA n 
1 10  VAL n 
1 11  ALA n 
1 12  VAL n 
1 13  GLY n 
1 14  GLY n 
1 15  THR n 
1 16  PHE n 
1 17  GLN n 
1 18  PHE n 
1 19  HIS n 
1 20  SER n 
1 21  PRO n 
1 22  ASP n 
1 23  GLY n 
1 24  LYS n 
1 25  MSE n 
1 26  GLU n 
1 27  ILE n 
1 28  PHE n 
1 29  TYR n 
1 30  ASP n 
1 31  GLU n 
1 32  ALA n 
1 33  ASP n 
1 34  ARG n 
1 35  GLN n 
1 36  GLN n 
1 37  LEU n 
1 38  PRO n 
1 39  ASP n 
1 40  ILE n 
1 41  GLY n 
1 42  GLY n 
1 43  ASP n 
1 44  SER n 
1 45  LEU n 
1 46  MSE n 
1 47  GLU n 
1 48  GLU n 
1 49  GLY n 
1 50  THR n 
1 51  GLN n 
1 52  ILE n 
1 53  ASN n 
1 54  LEU n 
1 55  SER n 
1 56  ASP n 
1 57  PHE n 
1 58  GLU n 
1 59  ASN n 
1 60  GLN n 
1 61  VAL n 
1 62  VAL n 
1 63  ILE n 
1 64  LEU n 
1 65  ASN n 
1 66  ALA n 
1 67  TRP n 
1 68  GLY n 
1 69  GLN n 
1 70  TRP n 
1 71  CYS n 
1 72  ALA n 
1 73  PRO n 
1 74  CYS n 
1 75  ARG n 
1 76  SER n 
1 77  GLU n 
1 78  SER n 
1 79  ASP n 
1 80  ASP n 
1 81  LEU n 
1 82  GLN n 
1 83  ILE n 
1 84  ILE n 
1 85  HIS n 
1 86  GLU n 
1 87  GLU n 
1 88  LEU n 
1 89  GLN n 
1 90  ALA n 
1 91  ALA n 
1 92  GLY n 
1 93  ASN n 
1 94  GLY n 
1 95  ASP n 
1 96  THR n 
1 97  PRO n 
1 98  GLY n 
1 99  GLY n 
1 100 THR n 
1 101 VAL n 
1 102 LEU n 
1 103 GLY n 
1 104 ILE n 
1 105 ASN n 
1 106 VAL n 
1 107 ARG n 
1 108 ASP n 
1 109 TYR n 
1 110 SER n 
1 111 ARG n 
1 112 ASP n 
1 113 ILE n 
1 114 ALA n 
1 115 GLN n 
1 116 ASP n 
1 117 PHE n 
1 118 VAL n 
1 119 THR n 
1 120 ASP n 
1 121 ASN n 
1 122 GLY n 
1 123 LEU n 
1 124 ASP n 
1 125 TYR n 
1 126 PRO n 
1 127 SER n 
1 128 ILE n 
1 129 TYR n 
1 130 ASP n 
1 131 PRO n 
1 132 PRO n 
1 133 PHE n 
1 134 MSE n 
1 135 THR n 
1 136 ALA n 
1 137 ALA n 
1 138 SER n 
1 139 LEU n 
1 140 GLY n 
1 141 GLY n 
1 142 VAL n 
1 143 PRO n 
1 144 ALA n 
1 145 SER n 
1 146 VAL n 
1 147 ILE n 
1 148 PRO n 
1 149 THR n 
1 150 THR n 
1 151 ILE n 
1 152 VAL n 
1 153 LEU n 
1 154 ASP n 
1 155 LYS n 
1 156 GLN n 
1 157 HIS n 
1 158 ARG n 
1 159 PRO n 
1 160 ALA n 
1 161 ALA n 
1 162 VAL n 
1 163 PHE n 
1 164 LEU n 
1 165 ARG n 
1 166 GLU n 
1 167 VAL n 
1 168 THR n 
1 169 SER n 
1 170 LYS n 
1 171 ASP n 
1 172 VAL n 
1 173 LEU n 
1 174 ASP n 
1 175 VAL n 
1 176 ALA n 
1 177 LEU n 
1 178 PRO n 
1 179 LEU n 
1 180 VAL n 
1 181 ASP n 
1 182 GLU n 
1 183 ALA n 
# 
_entity_src_gen.entity_id                          1 
_entity_src_gen.pdbx_src_id                        1 
_entity_src_gen.pdbx_alt_source_flag               sample 
_entity_src_gen.pdbx_seq_type                      ? 
_entity_src_gen.pdbx_beg_seq_num                   ? 
_entity_src_gen.pdbx_end_seq_num                   ? 
_entity_src_gen.gene_src_common_name               ? 
_entity_src_gen.gene_src_genus                     ? 
_entity_src_gen.pdbx_gene_src_gene                 'cg0520, Cgl0439' 
_entity_src_gen.gene_src_species                   ? 
_entity_src_gen.gene_src_strain                    'ATCC 13032' 
_entity_src_gen.gene_src_tissue                    ? 
_entity_src_gen.gene_src_tissue_fraction           ? 
_entity_src_gen.gene_src_details                   pMCSG19 
_entity_src_gen.pdbx_gene_src_fragment             ? 
_entity_src_gen.pdbx_gene_src_scientific_name      'Corynebacterium glutamicum' 
_entity_src_gen.pdbx_gene_src_ncbi_taxonomy_id     1718 
_entity_src_gen.pdbx_gene_src_variant              ? 
_entity_src_gen.pdbx_gene_src_cell_line            ? 
_entity_src_gen.pdbx_gene_src_atcc                 ? 
_entity_src_gen.pdbx_gene_src_organ                ? 
_entity_src_gen.pdbx_gene_src_organelle            ? 
_entity_src_gen.pdbx_gene_src_cell                 ? 
_entity_src_gen.pdbx_gene_src_cellular_location    ? 
_entity_src_gen.host_org_common_name               ? 
_entity_src_gen.pdbx_host_org_scientific_name      'Escherichia coli' 
_entity_src_gen.pdbx_host_org_ncbi_taxonomy_id     469008 
_entity_src_gen.host_org_genus                     ? 
_entity_src_gen.pdbx_host_org_gene                 ? 
_entity_src_gen.pdbx_host_org_organ                ? 
_entity_src_gen.host_org_species                   ? 
_entity_src_gen.pdbx_host_org_tissue               ? 
_entity_src_gen.pdbx_host_org_tissue_fraction      ? 
_entity_src_gen.pdbx_host_org_strain               'BL21(DE3)' 
_entity_src_gen.pdbx_host_org_variant              ? 
_entity_src_gen.pdbx_host_org_cell_line            ? 
_entity_src_gen.pdbx_host_org_atcc                 ? 
_entity_src_gen.pdbx_host_org_culture_collection   ? 
_entity_src_gen.pdbx_host_org_cell                 ? 
_entity_src_gen.pdbx_host_org_organelle            ? 
_entity_src_gen.pdbx_host_org_cellular_location    ? 
_entity_src_gen.pdbx_host_org_vector_type          ? 
_entity_src_gen.pdbx_host_org_vector               ? 
_entity_src_gen.host_org_details                   ? 
_entity_src_gen.expression_system_id               ? 
_entity_src_gen.plasmid_name                       ? 
_entity_src_gen.plasmid_details                    ? 
_entity_src_gen.pdbx_description                   ? 
# 
loop_
_chem_comp.id 
_chem_comp.type 
_chem_comp.mon_nstd_flag 
_chem_comp.name 
_chem_comp.pdbx_synonyms 
_chem_comp.formula 
_chem_comp.formula_weight 
ALA 'L-peptide linking' y ALANINE          ? 'C3 H7 N O2'     89.093  
ARG 'L-peptide linking' y ARGININE         ? 'C6 H15 N4 O2 1' 175.209 
ASN 'L-peptide linking' y ASPARAGINE       ? 'C4 H8 N2 O3'    132.118 
ASP 'L-peptide linking' y 'ASPARTIC ACID'  ? 'C4 H7 N O4'     133.103 
CA  non-polymer         . 'CALCIUM ION'    ? 'Ca 2'           40.078  
CYS 'L-peptide linking' y CYSTEINE         ? 'C3 H7 N O2 S'   121.158 
GLN 'L-peptide linking' y GLUTAMINE        ? 'C5 H10 N2 O3'   146.144 
GLU 'L-peptide linking' y 'GLUTAMIC ACID'  ? 'C5 H9 N O4'     147.129 
GLY 'peptide linking'   y GLYCINE          ? 'C2 H5 N O2'     75.067  
HIS 'L-peptide linking' y HISTIDINE        ? 'C6 H10 N3 O2 1' 156.162 
HOH non-polymer         . WATER            ? 'H2 O'           18.015  
ILE 'L-peptide linking' y ISOLEUCINE       ? 'C6 H13 N O2'    131.173 
LEU 'L-peptide linking' y LEUCINE          ? 'C6 H13 N O2'    131.173 
LYS 'L-peptide linking' y LYSINE           ? 'C6 H15 N2 O2 1' 147.195 
MSE 'L-peptide linking' n SELENOMETHIONINE ? 'C5 H11 N O2 Se' 196.106 
PHE 'L-peptide linking' y PHENYLALANINE    ? 'C9 H11 N O2'    165.189 
PRO 'L-peptide linking' y PROLINE          ? 'C5 H9 N O2'     115.130 
SER 'L-peptide linking' y SERINE           ? 'C3 H7 N O3'     105.093 
THR 'L-peptide linking' y THREONINE        ? 'C4 H9 N O3'     119.119 
TRP 'L-peptide linking' y TRYPTOPHAN       ? 'C11 H12 N2 O2'  204.225 
TYR 'L-peptide linking' y TYROSINE         ? 'C9 H11 N O3'    181.189 
VAL 'L-peptide linking' y VALINE           ? 'C5 H11 N O2'    117.146 
# 
loop_
_pdbx_poly_seq_scheme.asym_id 
_pdbx_poly_seq_scheme.entity_id 
_pdbx_poly_seq_scheme.seq_id 
_pdbx_poly_seq_scheme.mon_id 
_pdbx_poly_seq_scheme.ndb_seq_num 
_pdbx_poly_seq_scheme.pdb_seq_num 
_pdbx_poly_seq_scheme.auth_seq_num 
_pdbx_poly_seq_scheme.pdb_mon_id 
_pdbx_poly_seq_scheme.auth_mon_id 
_pdbx_poly_seq_scheme.pdb_strand_id 
_pdbx_poly_seq_scheme.pdb_ins_code 
_pdbx_poly_seq_scheme.hetero 
A 1 1   SER 1   25  ?   ?   ?   A . n 
A 1 2   ASP 2   26  ?   ?   ?   A . n 
A 1 3   SER 3   27  ?   ?   ?   A . n 
A 1 4   THR 4   28  ?   ?   ?   A . n 
A 1 5   ALA 5   29  ?   ?   ?   A . n 
A 1 6   GLY 6   30  ?   ?   ?   A . n 
A 1 7   THR 7   31  ?   ?   ?   A . n 
A 1 8   ASP 8   32  ?   ?   ?   A . n 
A 1 9   ALA 9   33  ?   ?   ?   A . n 
A 1 10  VAL 10  34  ?   ?   ?   A . n 
A 1 11  ALA 11  35  ?   ?   ?   A . n 
A 1 12  VAL 12  36  ?   ?   ?   A . n 
A 1 13  GLY 13  37  37  GLY GLY A . n 
A 1 14  GLY 14  38  38  GLY GLY A . n 
A 1 15  THR 15  39  39  THR THR A . n 
A 1 16  PHE 16  40  40  PHE PHE A . n 
A 1 17  GLN 17  41  41  GLN GLN A . n 
A 1 18  PHE 18  42  42  PHE PHE A . n 
A 1 19  HIS 19  43  43  HIS HIS A . n 
A 1 20  SER 20  44  44  SER SER A . n 
A 1 21  PRO 21  45  45  PRO PRO A . n 
A 1 22  ASP 22  46  46  ASP ASP A . n 
A 1 23  GLY 23  47  47  GLY GLY A . n 
A 1 24  LYS 24  48  48  LYS LYS A . n 
A 1 25  MSE 25  49  49  MSE MSE A . n 
A 1 26  GLU 26  50  50  GLU GLU A . n 
A 1 27  ILE 27  51  51  ILE ILE A . n 
A 1 28  PHE 28  52  52  PHE PHE A . n 
A 1 29  TYR 29  53  53  TYR TYR A . n 
A 1 30  ASP 30  54  54  ASP ASP A . n 
A 1 31  GLU 31  55  55  GLU GLU A . n 
A 1 32  ALA 32  56  56  ALA ALA A . n 
A 1 33  ASP 33  57  57  ASP ASP A . n 
A 1 34  ARG 34  58  58  ARG ARG A . n 
A 1 35  GLN 35  59  59  GLN GLN A . n 
A 1 36  GLN 36  60  60  GLN GLN A . n 
A 1 37  LEU 37  61  61  LEU LEU A . n 
A 1 38  PRO 38  62  62  PRO PRO A . n 
A 1 39  ASP 39  63  63  ASP ASP A . n 
A 1 40  ILE 40  64  64  ILE ILE A . n 
A 1 41  GLY 41  65  65  GLY GLY A . n 
A 1 42  GLY 42  66  66  GLY GLY A . n 
A 1 43  ASP 43  67  67  ASP ASP A . n 
A 1 44  SER 44  68  68  SER SER A . n 
A 1 45  LEU 45  69  69  LEU LEU A . n 
A 1 46  MSE 46  70  70  MSE MSE A . n 
A 1 47  GLU 47  71  71  GLU GLU A . n 
A 1 48  GLU 48  72  72  GLU GLU A . n 
A 1 49  GLY 49  73  73  GLY GLY A . n 
A 1 50  THR 50  74  74  THR THR A . n 
A 1 51  GLN 51  75  75  GLN GLN A . n 
A 1 52  ILE 52  76  76  ILE ILE A . n 
A 1 53  ASN 53  77  77  ASN ASN A . n 
A 1 54  LEU 54  78  78  LEU LEU A . n 
A 1 55  SER 55  79  79  SER SER A . n 
A 1 56  ASP 56  80  80  ASP ASP A . n 
A 1 57  PHE 57  81  81  PHE PHE A . n 
A 1 58  GLU 58  82  82  GLU GLU A . n 
A 1 59  ASN 59  83  83  ASN ASN A . n 
A 1 60  GLN 60  84  84  GLN GLN A . n 
A 1 61  VAL 61  85  85  VAL VAL A . n 
A 1 62  VAL 62  86  86  VAL VAL A . n 
A 1 63  ILE 63  87  87  ILE ILE A . n 
A 1 64  LEU 64  88  88  LEU LEU A . n 
A 1 65  ASN 65  89  89  ASN ASN A . n 
A 1 66  ALA 66  90  90  ALA ALA A . n 
A 1 67  TRP 67  91  91  TRP TRP A . n 
A 1 68  GLY 68  92  92  GLY GLY A . n 
A 1 69  GLN 69  93  93  GLN GLN A . n 
A 1 70  TRP 70  94  94  TRP TRP A . n 
A 1 71  CYS 71  95  95  CYS CYS A . n 
A 1 72  ALA 72  96  96  ALA ALA A . n 
A 1 73  PRO 73  97  97  PRO PRO A . n 
A 1 74  CYS 74  98  98  CYS CYS A . n 
A 1 75  ARG 75  99  99  ARG ARG A . n 
A 1 76  SER 76  100 100 SER SER A . n 
A 1 77  GLU 77  101 101 GLU GLU A . n 
A 1 78  SER 78  102 102 SER SER A . n 
A 1 79  ASP 79  103 103 ASP ASP A . n 
A 1 80  ASP 80  104 104 ASP ASP A . n 
A 1 81  LEU 81  105 105 LEU LEU A . n 
A 1 82  GLN 82  106 106 GLN GLN A . n 
A 1 83  ILE 83  107 107 ILE ILE A . n 
A 1 84  ILE 84  108 108 ILE ILE A . n 
A 1 85  HIS 85  109 109 HIS HIS A . n 
A 1 86  GLU 86  110 110 GLU GLU A . n 
A 1 87  GLU 87  111 111 GLU GLU A . n 
A 1 88  LEU 88  112 112 LEU LEU A . n 
A 1 89  GLN 89  113 113 GLN GLN A . n 
A 1 90  ALA 90  114 114 ALA ALA A . n 
A 1 91  ALA 91  115 115 ALA ALA A . n 
A 1 92  GLY 92  116 116 GLY GLY A . n 
A 1 93  ASN 93  117 ?   ?   ?   A . n 
A 1 94  GLY 94  118 ?   ?   ?   A . n 
A 1 95  ASP 95  119 ?   ?   ?   A . n 
A 1 96  THR 96  120 120 THR THR A . n 
A 1 97  PRO 97  121 121 PRO PRO A . n 
A 1 98  GLY 98  122 122 GLY GLY A . n 
A 1 99  GLY 99  123 123 GLY GLY A . n 
A 1 100 THR 100 124 124 THR THR A . n 
A 1 101 VAL 101 125 125 VAL VAL A . n 
A 1 102 LEU 102 126 126 LEU LEU A . n 
A 1 103 GLY 103 127 127 GLY GLY A . n 
A 1 104 ILE 104 128 128 ILE ILE A . n 
A 1 105 ASN 105 129 129 ASN ASN A . n 
A 1 106 VAL 106 130 130 VAL VAL A . n 
A 1 107 ARG 107 131 131 ARG ARG A . n 
A 1 108 ASP 108 132 132 ASP ASP A . n 
A 1 109 TYR 109 133 133 TYR TYR A . n 
A 1 110 SER 110 134 134 SER SER A . n 
A 1 111 ARG 111 135 135 ARG ARG A . n 
A 1 112 ASP 112 136 136 ASP ASP A . n 
A 1 113 ILE 113 137 137 ILE ILE A . n 
A 1 114 ALA 114 138 138 ALA ALA A . n 
A 1 115 GLN 115 139 139 GLN GLN A . n 
A 1 116 ASP 116 140 140 ASP ASP A . n 
A 1 117 PHE 117 141 141 PHE PHE A . n 
A 1 118 VAL 118 142 142 VAL VAL A . n 
A 1 119 THR 119 143 143 THR THR A . n 
A 1 120 ASP 120 144 144 ASP ASP A . n 
A 1 121 ASN 121 145 145 ASN ASN A . n 
A 1 122 GLY 122 146 146 GLY GLY A . n 
A 1 123 LEU 123 147 147 LEU LEU A . n 
A 1 124 ASP 124 148 148 ASP ASP A . n 
A 1 125 TYR 125 149 149 TYR TYR A . n 
A 1 126 PRO 126 150 150 PRO PRO A . n 
A 1 127 SER 127 151 151 SER SER A . n 
A 1 128 ILE 128 152 152 ILE ILE A . n 
A 1 129 TYR 129 153 153 TYR TYR A . n 
A 1 130 ASP 130 154 154 ASP ASP A . n 
A 1 131 PRO 131 155 155 PRO PRO A . n 
A 1 132 PRO 132 156 156 PRO PRO A . n 
A 1 133 PHE 133 157 157 PHE PHE A . n 
A 1 134 MSE 134 158 158 MSE MSE A . n 
A 1 135 THR 135 159 159 THR THR A . n 
A 1 136 ALA 136 160 160 ALA ALA A . n 
A 1 137 ALA 137 161 161 ALA ALA A . n 
A 1 138 SER 138 162 162 SER SER A . n 
A 1 139 LEU 139 163 163 LEU LEU A . n 
A 1 140 GLY 140 164 164 GLY GLY A . n 
A 1 141 GLY 141 165 165 GLY GLY A . n 
A 1 142 VAL 142 166 166 VAL VAL A . n 
A 1 143 PRO 143 167 167 PRO PRO A . n 
A 1 144 ALA 144 168 168 ALA ALA A . n 
A 1 145 SER 145 169 169 SER SER A . n 
A 1 146 VAL 146 170 170 VAL VAL A . n 
A 1 147 ILE 147 171 171 ILE ILE A . n 
A 1 148 PRO 148 172 172 PRO PRO A . n 
A 1 149 THR 149 173 173 THR THR A . n 
A 1 150 THR 150 174 174 THR THR A . n 
A 1 151 ILE 151 175 175 ILE ILE A . n 
A 1 152 VAL 152 176 176 VAL VAL A . n 
A 1 153 LEU 153 177 177 LEU LEU A . n 
A 1 154 ASP 154 178 178 ASP ASP A . n 
A 1 155 LYS 155 179 179 LYS LYS A . n 
A 1 156 GLN 156 180 180 GLN GLN A . n 
A 1 157 HIS 157 181 181 HIS HIS A . n 
A 1 158 ARG 158 182 182 ARG ARG A . n 
A 1 159 PRO 159 183 183 PRO PRO A . n 
A 1 160 ALA 160 184 184 ALA ALA A . n 
A 1 161 ALA 161 185 185 ALA ALA A . n 
A 1 162 VAL 162 186 186 VAL VAL A . n 
A 1 163 PHE 163 187 187 PHE PHE A . n 
A 1 164 LEU 164 188 188 LEU LEU A . n 
A 1 165 ARG 165 189 189 ARG ARG A . n 
A 1 166 GLU 166 190 190 GLU GLU A . n 
A 1 167 VAL 167 191 191 VAL VAL A . n 
A 1 168 THR 168 192 192 THR THR A . n 
A 1 169 SER 169 193 193 SER SER A . n 
A 1 170 LYS 170 194 194 LYS LYS A . n 
A 1 171 ASP 171 195 195 ASP ASP A . n 
A 1 172 VAL 172 196 196 VAL VAL A . n 
A 1 173 LEU 173 197 197 LEU LEU A . n 
A 1 174 ASP 174 198 198 ASP ASP A . n 
A 1 175 VAL 175 199 199 VAL VAL A . n 
A 1 176 ALA 176 200 200 ALA ALA A . n 
A 1 177 LEU 177 201 201 LEU LEU A . n 
A 1 178 PRO 178 202 202 PRO PRO A . n 
A 1 179 LEU 179 203 203 LEU LEU A . n 
A 1 180 VAL 180 204 204 VAL VAL A . n 
A 1 181 ASP 181 205 205 ASP ASP A . n 
A 1 182 GLU 182 206 206 GLU GLU A . n 
A 1 183 ALA 183 207 ?   ?   ?   A . n 
# 
loop_
_pdbx_nonpoly_scheme.asym_id 
_pdbx_nonpoly_scheme.entity_id 
_pdbx_nonpoly_scheme.mon_id 
_pdbx_nonpoly_scheme.ndb_seq_num 
_pdbx_nonpoly_scheme.pdb_seq_num 
_pdbx_nonpoly_scheme.auth_seq_num 
_pdbx_nonpoly_scheme.pdb_mon_id 
_pdbx_nonpoly_scheme.auth_mon_id 
_pdbx_nonpoly_scheme.pdb_strand_id 
_pdbx_nonpoly_scheme.pdb_ins_code 
B 2 CA  1  1   1  CA  CA  A . 
C 2 CA  1  2   2  CA  CA  A . 
D 3 HOH 1  3   3  HOH HOH A . 
D 3 HOH 2  4   4  HOH HOH A . 
D 3 HOH 3  5   5  HOH HOH A . 
D 3 HOH 4  6   6  HOH HOH A . 
D 3 HOH 5  7   7  HOH HOH A . 
D 3 HOH 6  8   8  HOH HOH A . 
D 3 HOH 7  9   9  HOH HOH A . 
D 3 HOH 8  10  10 HOH HOH A . 
D 3 HOH 9  11  11 HOH HOH A . 
D 3 HOH 10 12  12 HOH HOH A . 
D 3 HOH 11 13  13 HOH HOH A . 
D 3 HOH 12 14  14 HOH HOH A . 
D 3 HOH 13 15  15 HOH HOH A . 
D 3 HOH 14 16  16 HOH HOH A . 
D 3 HOH 15 17  17 HOH HOH A . 
D 3 HOH 16 18  18 HOH HOH A . 
D 3 HOH 17 19  19 HOH HOH A . 
D 3 HOH 18 20  20 HOH HOH A . 
D 3 HOH 19 21  21 HOH HOH A . 
D 3 HOH 20 22  22 HOH HOH A . 
D 3 HOH 21 23  23 HOH HOH A . 
D 3 HOH 22 24  24 HOH HOH A . 
D 3 HOH 23 208 1  HOH HOH A . 
D 3 HOH 24 209 2  HOH HOH A . 
D 3 HOH 25 210 25 HOH HOH A . 
D 3 HOH 26 211 26 HOH HOH A . 
D 3 HOH 27 212 27 HOH HOH A . 
D 3 HOH 28 213 28 HOH HOH A . 
D 3 HOH 29 214 29 HOH HOH A . 
D 3 HOH 30 215 30 HOH HOH A . 
D 3 HOH 31 216 31 HOH HOH A . 
D 3 HOH 32 217 32 HOH HOH A . 
D 3 HOH 33 218 33 HOH HOH A . 
D 3 HOH 34 219 34 HOH HOH A . 
D 3 HOH 35 220 35 HOH HOH A . 
D 3 HOH 36 221 36 HOH HOH A . 
D 3 HOH 37 222 37 HOH HOH A . 
D 3 HOH 38 223 38 HOH HOH A . 
D 3 HOH 39 224 39 HOH HOH A . 
D 3 HOH 40 225 40 HOH HOH A . 
D 3 HOH 41 226 41 HOH HOH A . 
D 3 HOH 42 227 42 HOH HOH A . 
D 3 HOH 43 228 43 HOH HOH A . 
D 3 HOH 44 229 44 HOH HOH A . 
D 3 HOH 45 230 45 HOH HOH A . 
D 3 HOH 46 231 46 HOH HOH A . 
D 3 HOH 47 232 47 HOH HOH A . 
D 3 HOH 48 233 48 HOH HOH A . 
D 3 HOH 49 234 49 HOH HOH A . 
D 3 HOH 50 235 50 HOH HOH A . 
D 3 HOH 51 236 51 HOH HOH A . 
# 
loop_
_pdbx_unobs_or_zero_occ_atoms.id 
_pdbx_unobs_or_zero_occ_atoms.PDB_model_num 
_pdbx_unobs_or_zero_occ_atoms.polymer_flag 
_pdbx_unobs_or_zero_occ_atoms.occupancy_flag 
_pdbx_unobs_or_zero_occ_atoms.auth_asym_id 
_pdbx_unobs_or_zero_occ_atoms.auth_comp_id 
_pdbx_unobs_or_zero_occ_atoms.auth_seq_id 
_pdbx_unobs_or_zero_occ_atoms.PDB_ins_code 
_pdbx_unobs_or_zero_occ_atoms.auth_atom_id 
_pdbx_unobs_or_zero_occ_atoms.label_alt_id 
_pdbx_unobs_or_zero_occ_atoms.label_asym_id 
_pdbx_unobs_or_zero_occ_atoms.label_comp_id 
_pdbx_unobs_or_zero_occ_atoms.label_seq_id 
_pdbx_unobs_or_zero_occ_atoms.label_atom_id 
1  1 Y 1 A GLN 41  ? CG  ? A GLN 17  CG  
2  1 Y 1 A GLN 41  ? CD  ? A GLN 17  CD  
3  1 Y 1 A GLN 41  ? OE1 ? A GLN 17  OE1 
4  1 Y 1 A GLN 41  ? NE2 ? A GLN 17  NE2 
5  1 Y 1 A HIS 43  ? CG  ? A HIS 19  CG  
6  1 Y 1 A HIS 43  ? ND1 ? A HIS 19  ND1 
7  1 Y 1 A HIS 43  ? CD2 ? A HIS 19  CD2 
8  1 Y 1 A HIS 43  ? CE1 ? A HIS 19  CE1 
9  1 Y 1 A HIS 43  ? NE2 ? A HIS 19  NE2 
10 1 Y 1 A ASP 46  ? CG  ? A ASP 22  CG  
11 1 Y 1 A ASP 46  ? OD1 ? A ASP 22  OD1 
12 1 Y 1 A ASP 46  ? OD2 ? A ASP 22  OD2 
13 1 Y 1 A LYS 48  ? CG  ? A LYS 24  CG  
14 1 Y 1 A LYS 48  ? CD  ? A LYS 24  CD  
15 1 Y 1 A LYS 48  ? CE  ? A LYS 24  CE  
16 1 Y 1 A LYS 48  ? NZ  ? A LYS 24  NZ  
17 1 Y 1 A ASP 57  ? CG  ? A ASP 33  CG  
18 1 Y 1 A ASP 57  ? OD1 ? A ASP 33  OD1 
19 1 Y 1 A ASP 57  ? OD2 ? A ASP 33  OD2 
20 1 Y 1 A GLU 71  ? CG  ? A GLU 47  CG  
21 1 Y 1 A GLU 71  ? CD  ? A GLU 47  CD  
22 1 Y 1 A GLU 71  ? OE1 ? A GLU 47  OE1 
23 1 Y 1 A GLU 71  ? OE2 ? A GLU 47  OE2 
24 1 Y 1 A ASP 136 ? CG  ? A ASP 112 CG  
25 1 Y 1 A ASP 136 ? OD1 ? A ASP 112 OD1 
26 1 Y 1 A ASP 136 ? OD2 ? A ASP 112 OD2 
27 1 Y 1 A MSE 158 ? CG  ? A MSE 134 CG  
28 1 Y 1 A MSE 158 ? SE  ? A MSE 134 SE  
29 1 Y 1 A MSE 158 ? CE  ? A MSE 134 CE  
30 1 Y 1 A GLU 190 ? CG  ? A GLU 166 CG  
31 1 Y 1 A GLU 190 ? CD  ? A GLU 166 CD  
32 1 Y 1 A GLU 190 ? OE1 ? A GLU 166 OE1 
33 1 Y 1 A GLU 190 ? OE2 ? A GLU 166 OE2 
34 1 Y 1 A LYS 194 ? CG  ? A LYS 170 CG  
35 1 Y 1 A LYS 194 ? CD  ? A LYS 170 CD  
36 1 Y 1 A LYS 194 ? CE  ? A LYS 170 CE  
37 1 Y 1 A LYS 194 ? NZ  ? A LYS 170 NZ  
38 1 Y 1 A GLU 206 ? CG  ? A GLU 182 CG  
39 1 Y 1 A GLU 206 ? CD  ? A GLU 182 CD  
40 1 Y 1 A GLU 206 ? OE1 ? A GLU 182 OE1 
41 1 Y 1 A GLU 206 ? OE2 ? A GLU 182 OE2 
# 
loop_
_software.name 
_software.version 
_software.date 
_software.type 
_software.contact_author 
_software.contact_author_email 
_software.classification 
_software.location 
_software.language 
_software.citation_id 
_software.pdbx_ordinal 
DENZO       .     ?                    package 'Zbyszek Otwinowski' zbyszek@mix.swmed.edu    'data reduction'  
http://www.lnls.br/infra/linhasluz/denzo-hkl.htm ?          ? 1  
SCALEPACK   .     ?                    package 'Zbyszek Otwinowski' zbyszek@mix.swmed.edu    'data scaling'    
http://www.lnls.br/infra/linhasluz/denzo-hkl.htm ?          ? 2  
REFMAC      .     ?                    program 'Murshudov, G.N.'    ccp4@dl.ac.uk            refinement        
http://www.ccp4.ac.uk/main.html                  Fortran_77 ? 3  
PDB_EXTRACT 3.004 'September 10, 2007' package PDB                  sw-help@rcsb.rutgers.edu 'data extraction' 
http://pdb.rutgers.edu/software/                 C++        ? 4  
SBC-Collect .     ?                    ?       ?                    ?                        'data collection' ? ?          ? 5  
HKL-3000    .     ?                    ?       ?                    ?                        'data reduction'  ? ?          ? 6  
HKL-3000    .     ?                    ?       ?                    ?                        'data scaling'    ? ?          ? 7  
SHELX       .     ?                    ?       ?                    ?                        phasing           ? ?          ? 8  
MLPHARE     .     ?                    ?       ?                    ?                        phasing           ? ?          ? 9  
RESOLVE     .     ?                    ?       ?                    ?                        phasing           ? ?          ? 10 
ARP/wARP    .     ?                    ?       ?                    ?                        'model building'  ? ?          ? 11 
Coot        .     ?                    ?       ?                    ?                        'model building'  ? ?          ? 12 
# 
_cell.entry_id           3LWA 
_cell.length_a           38.818 
_cell.length_b           35.376 
_cell.length_c           53.718 
_cell.angle_alpha        90.000 
_cell.angle_beta         96.690 
_cell.angle_gamma        90.000 
_cell.pdbx_unique_axis   ? 
_cell.Z_PDB              2 
_cell.length_a_esd       ? 
_cell.length_b_esd       ? 
_cell.length_c_esd       ? 
_cell.angle_alpha_esd    ? 
_cell.angle_beta_esd     ? 
_cell.angle_gamma_esd    ? 
# 
_symmetry.Int_Tables_number                4 
_symmetry.entry_id                         3LWA 
_symmetry.space_group_name_H-M             'P 1 21 1' 
_symmetry.pdbx_full_space_group_name_H-M   ? 
_symmetry.cell_setting                     ? 
_symmetry.space_group_name_Hall            ? 
# 
_exptl.crystals_number   1 
_exptl.entry_id          3LWA 
_exptl.method            'X-RAY DIFFRACTION' 
# 
_exptl_crystal.id                    1 
_exptl_crystal.density_percent_sol   34.0 
_exptl_crystal.density_Matthews      1.86 
_exptl_crystal.density_meas          ? 
_exptl_crystal.description           ? 
_exptl_crystal.F_000                 ? 
_exptl_crystal.preparation           ? 
# 
_exptl_crystal_grow.crystal_id      1 
_exptl_crystal_grow.method          'VAPOR DIFFUSION, SITTING DROP' 
_exptl_crystal_grow.pH              ? 
_exptl_crystal_grow.temp            289 
_exptl_crystal_grow.pdbx_details    '16% PEG 8000, 20% Glycerol, 0.04M K3PO4, VAPOR DIFFUSION, SITTING DROP, temperature 289K' 
_exptl_crystal_grow.temp_details    ? 
_exptl_crystal_grow.pdbx_pH_range   ? 
# 
_diffrn.id                     1 
_diffrn.ambient_temp           100 
_diffrn.ambient_temp_details   ? 
_diffrn.crystal_id             1 
# 
_diffrn_detector.diffrn_id              1 
_diffrn_detector.detector               CCD 
_diffrn_detector.type                   'ADSC QUANTUM 315' 
_diffrn_detector.pdbx_collection_date   2010-01-01 
_diffrn_detector.details                ? 
# 
_diffrn_radiation.diffrn_id                        1 
_diffrn_radiation.pdbx_diffrn_protocol             'SINGLE WAVELENGTH' 
_diffrn_radiation.monochromator                    'Double crystal' 
_diffrn_radiation.wavelength_id                    1 
_diffrn_radiation.pdbx_monochromatic_or_laue_m_l   ? 
_diffrn_radiation.pdbx_scattering_type             x-ray 
# 
_diffrn_radiation_wavelength.id           1 
_diffrn_radiation_wavelength.wavelength   0.9794 
_diffrn_radiation_wavelength.wt           1.0 
# 
_diffrn_source.diffrn_id                   1 
_diffrn_source.source                      SYNCHROTRON 
_diffrn_source.type                        'APS BEAMLINE 19-ID' 
_diffrn_source.pdbx_wavelength_list        0.9794 
_diffrn_source.pdbx_wavelength             ? 
_diffrn_source.pdbx_synchrotron_site       APS 
_diffrn_source.pdbx_synchrotron_beamline   19-ID 
# 
_reflns.entry_id                     3LWA 
_reflns.d_resolution_high            1.750 
_reflns.d_resolution_low             50.000 
_reflns.number_obs                   14734 
_reflns.pdbx_Rmerge_I_obs            0.079 
_reflns.pdbx_netI_over_sigmaI        10.700 
_reflns.pdbx_chi_squared             2.272 
_reflns.pdbx_redundancy              3.600 
_reflns.percent_possible_obs         99.000 
_reflns.observed_criterion_sigma_F   ? 
_reflns.observed_criterion_sigma_I   ? 
_reflns.number_all                   ? 
_reflns.pdbx_Rsym_value              ? 
_reflns.B_iso_Wilson_estimate        ? 
_reflns.R_free_details               ? 
_reflns.limit_h_max                  ? 
_reflns.limit_h_min                  ? 
_reflns.limit_k_max                  ? 
_reflns.limit_k_min                  ? 
_reflns.limit_l_max                  ? 
_reflns.limit_l_min                  ? 
_reflns.observed_criterion_F_max     ? 
_reflns.observed_criterion_F_min     ? 
_reflns.pdbx_scaling_rejects         ? 
_reflns.pdbx_diffrn_id               1 
_reflns.pdbx_ordinal                 1 
# 
loop_
_reflns_shell.d_res_high 
_reflns_shell.d_res_low 
_reflns_shell.number_measured_obs 
_reflns_shell.number_measured_all 
_reflns_shell.number_unique_obs 
_reflns_shell.Rmerge_I_obs 
_reflns_shell.meanI_over_sigI_obs 
_reflns_shell.pdbx_Rsym_value 
_reflns_shell.pdbx_chi_squared 
_reflns_shell.pdbx_redundancy 
_reflns_shell.percent_possible_obs 
_reflns_shell.number_unique_all 
_reflns_shell.percent_possible_all 
_reflns_shell.pdbx_diffrn_id 
_reflns_shell.pdbx_ordinal 
1.75 1.81  ? ? ? 0.573 ? ? 1.312 3.70 ? 1434 99.30  ? 1  
1.81 1.89  ? ? ? 0.374 ? ? 1.416 3.70 ? 1472 99.70  ? 2  
1.89 1.97  ? ? ? 0.254 ? ? 1.361 3.70 ? 1464 99.80  ? 3  
1.97 2.07  ? ? ? 0.192 ? ? 1.513 3.70 ? 1498 100.00 ? 4  
2.07 2.20  ? ? ? 0.146 ? ? 1.747 3.70 ? 1460 99.70  ? 5  
2.20 2.38  ? ? ? 0.118 ? ? 2.036 3.70 ? 1480 99.50  ? 6  
2.38 2.61  ? ? ? 0.095 ? ? 2.284 3.70 ? 1491 99.60  ? 7  
2.61 2.99  ? ? ? 0.083 ? ? 2.984 3.60 ? 1475 98.80  ? 8  
2.99 3.77  ? ? ? 0.058 ? ? 3.402 3.50 ? 1467 98.30  ? 9  
3.77 50.00 ? ? ? 0.054 ? ? 4.983 3.40 ? 1493 95.80  ? 10 
# 
_refine.entry_id                                 3LWA 
_refine.ls_d_res_high                            1.750 
_refine.ls_d_res_low                             26.680 
_refine.pdbx_ls_sigma_F                          0.00 
_refine.ls_percent_reflns_obs                    98.650 
_refine.ls_number_reflns_obs                     14724 
_refine.pdbx_ls_cross_valid_method               THROUGHOUT 
_refine.pdbx_R_Free_selection_details            RANDOM 
_refine.details                                  
;HYDROGENS HAVE BEEN ADDED IN THE RIDING POSITIONS
 U VALUES      : REFINED INDIVIDUALLY
;
_refine.ls_R_factor_obs                          0.201 
_refine.ls_R_factor_R_work                       0.200 
_refine.ls_R_factor_R_free                       0.230 
_refine.ls_percent_reflns_R_free                 5.100 
_refine.ls_number_reflns_R_free                  751 
_refine.B_iso_mean                               24.394 
_refine.aniso_B[1][1]                            -0.010 
_refine.aniso_B[2][2]                            -0.010 
_refine.aniso_B[3][3]                            0.010 
_refine.aniso_B[1][2]                            0.000 
_refine.aniso_B[1][3]                            -0.010 
_refine.aniso_B[2][3]                            0.000 
_refine.correlation_coeff_Fo_to_Fc               0.957 
_refine.correlation_coeff_Fo_to_Fc_free          0.946 
_refine.pdbx_overall_ESU_R                       0.138 
_refine.pdbx_overall_ESU_R_Free                  0.125 
_refine.overall_SU_ML                            0.094 
_refine.overall_SU_B                             2.966 
_refine.solvent_model_details                    MASK 
_refine.pdbx_solvent_vdw_probe_radii             1.400 
_refine.pdbx_solvent_ion_probe_radii             0.800 
_refine.pdbx_solvent_shrinkage_radii             0.800 
_refine.pdbx_method_to_determine_struct          ? 
_refine.pdbx_stereochemistry_target_values       'MAXIMUM LIKELIHOOD' 
_refine.pdbx_ls_sigma_I                          ? 
_refine.ls_number_reflns_all                     ? 
_refine.ls_R_factor_all                          ? 
_refine.ls_redundancy_reflns_obs                 ? 
_refine.pdbx_data_cutoff_high_absF               ? 
_refine.pdbx_data_cutoff_low_absF                ? 
_refine.ls_number_parameters                     ? 
_refine.ls_number_restraints                     ? 
_refine.ls_R_factor_R_free_error                 ? 
_refine.ls_R_factor_R_free_error_details         ? 
_refine.pdbx_starting_model                      ? 
_refine.pdbx_stereochem_target_val_spec_case     ? 
_refine.solvent_model_param_bsol                 ? 
_refine.solvent_model_param_ksol                 ? 
_refine.occupancy_max                            ? 
_refine.occupancy_min                            ? 
_refine.pdbx_isotropic_thermal_model             ? 
_refine.B_iso_min                                ? 
_refine.B_iso_max                                ? 
_refine.overall_SU_R_Cruickshank_DPI             ? 
_refine.overall_SU_R_free                        ? 
_refine.pdbx_data_cutoff_high_rms_absF           ? 
_refine.ls_wR_factor_R_free                      ? 
_refine.ls_wR_factor_R_work                      ? 
_refine.overall_FOM_free_R_set                   ? 
_refine.overall_FOM_work_R_set                   ? 
_refine.pdbx_overall_phase_error                 ? 
_refine.pdbx_refine_id                           'X-RAY DIFFRACTION' 
_refine.pdbx_diffrn_id                           1 
_refine.pdbx_TLS_residual_ADP_flag               ? 
_refine.pdbx_overall_SU_R_free_Cruickshank_DPI   ? 
_refine.pdbx_overall_SU_R_Blow_DPI               ? 
_refine.pdbx_overall_SU_R_free_Blow_DPI          ? 
# 
_refine_hist.pdbx_refine_id                   'X-RAY DIFFRACTION' 
_refine_hist.cycle_id                         LAST 
_refine_hist.pdbx_number_atoms_protein        1251 
_refine_hist.pdbx_number_atoms_nucleic_acid   0 
_refine_hist.pdbx_number_atoms_ligand         2 
_refine_hist.number_atoms_solvent             51 
_refine_hist.number_atoms_total               1304 
_refine_hist.d_res_high                       1.750 
_refine_hist.d_res_low                        26.680 
# 
loop_
_refine_ls_restr.type 
_refine_ls_restr.number 
_refine_ls_restr.dev_ideal 
_refine_ls_restr.dev_ideal_target 
_refine_ls_restr.weight 
_refine_ls_restr.pdbx_refine_id 
_refine_ls_restr.pdbx_restraint_function 
r_bond_refined_d       1279 0.011  0.022  ? 'X-RAY DIFFRACTION' ? 
r_angle_refined_deg    1754 1.331  1.961  ? 'X-RAY DIFFRACTION' ? 
r_dihedral_angle_1_deg 169  5.920  5.000  ? 'X-RAY DIFFRACTION' ? 
r_dihedral_angle_2_deg 58   38.515 25.345 ? 'X-RAY DIFFRACTION' ? 
r_dihedral_angle_3_deg 181  13.371 15.000 ? 'X-RAY DIFFRACTION' ? 
r_dihedral_angle_4_deg 6    11.088 15.000 ? 'X-RAY DIFFRACTION' ? 
r_chiral_restr         203  0.093  0.200  ? 'X-RAY DIFFRACTION' ? 
r_gen_planes_refined   1003 0.006  0.021  ? 'X-RAY DIFFRACTION' ? 
r_mcbond_it            836  0.773  1.500  ? 'X-RAY DIFFRACTION' ? 
r_mcangle_it           1344 1.474  2.000  ? 'X-RAY DIFFRACTION' ? 
r_scbond_it            443  2.592  3.000  ? 'X-RAY DIFFRACTION' ? 
r_scangle_it           408  4.193  4.500  ? 'X-RAY DIFFRACTION' ? 
# 
_refine_ls_shell.d_res_high                       1.746 
_refine_ls_shell.d_res_low                        1.791 
_refine_ls_shell.pdbx_total_number_of_bins_used   20 
_refine_ls_shell.percent_reflns_obs               93.150 
_refine_ls_shell.number_reflns_R_work             954 
_refine_ls_shell.R_factor_all                     ? 
_refine_ls_shell.R_factor_R_work                  0.300 
_refine_ls_shell.R_factor_R_free                  0.307 
_refine_ls_shell.percent_reflns_R_free            ? 
_refine_ls_shell.number_reflns_R_free             53 
_refine_ls_shell.R_factor_R_free_error            ? 
_refine_ls_shell.number_reflns_all                1007 
_refine_ls_shell.number_reflns_obs                ? 
_refine_ls_shell.redundancy_reflns_obs            ? 
_refine_ls_shell.pdbx_refine_id                   'X-RAY DIFFRACTION' 
# 
_struct.entry_id                  3LWA 
_struct.title                     
'The Crystal Structure of a Secreted Thiol-disulfide Isomerase from Corynebacterium glutamicum to 1.75A' 
_struct.pdbx_model_details        ? 
_struct.pdbx_CASP_flag            ? 
_struct.pdbx_model_type_details   ? 
# 
_struct_keywords.entry_id        3LWA 
_struct_keywords.pdbx_keywords   ISOMERASE 
_struct_keywords.text            
;Thiol-disulfide, isomerase, thioredoxin, Corynebacterium, glutamicum, PSI, MCSG, Structural Genomics, Midwest Center for Structural Genomics, Protein Structure Initiative
;
# 
loop_
_struct_asym.id 
_struct_asym.pdbx_blank_PDB_chainid_flag 
_struct_asym.pdbx_modified 
_struct_asym.entity_id 
_struct_asym.details 
A N N 1 ? 
B N N 2 ? 
C N N 2 ? 
D N N 3 ? 
# 
_struct_ref.id                         1 
_struct_ref.db_name                    UNP 
_struct_ref.db_code                    Q8NT71_CORGL 
_struct_ref.pdbx_db_accession          Q8NT71 
_struct_ref.entity_id                  1 
_struct_ref.pdbx_seq_one_letter_code   
;SDSTAGTDAVAVGGTFQFHSPDGKMEIFYDEADRQQLPDIGGDSLMEEGTQINLSDFENQVVILNAWGQWCAPCRSESDD
LQIIHEELQAAGNGDTPGGTVLGINVRDYSRDIAQDFVTDNGLDYPSIYDPPFMTAASLGGVPASVIPTTIVLDKQHRPA
AVFLREVTSKDVLDVALPLVDEA
;
_struct_ref.pdbx_align_begin           25 
_struct_ref.pdbx_db_isoform            ? 
# 
_struct_ref_seq.align_id                      1 
_struct_ref_seq.ref_id                        1 
_struct_ref_seq.pdbx_PDB_id_code              3LWA 
_struct_ref_seq.pdbx_strand_id                A 
_struct_ref_seq.seq_align_beg                 1 
_struct_ref_seq.pdbx_seq_align_beg_ins_code   ? 
_struct_ref_seq.seq_align_end                 183 
_struct_ref_seq.pdbx_seq_align_end_ins_code   ? 
_struct_ref_seq.pdbx_db_accession             Q8NT71 
_struct_ref_seq.db_align_beg                  25 
_struct_ref_seq.pdbx_db_align_beg_ins_code    ? 
_struct_ref_seq.db_align_end                  207 
_struct_ref_seq.pdbx_db_align_end_ins_code    ? 
_struct_ref_seq.pdbx_auth_seq_align_beg       25 
_struct_ref_seq.pdbx_auth_seq_align_end       207 
# 
_pdbx_struct_assembly.id                   1 
_pdbx_struct_assembly.details              author_and_software_defined_assembly 
_pdbx_struct_assembly.method_details       PISA 
_pdbx_struct_assembly.oligomeric_details   monomeric 
_pdbx_struct_assembly.oligomeric_count     1 
# 
_pdbx_struct_assembly_gen.assembly_id       1 
_pdbx_struct_assembly_gen.oper_expression   1 
_pdbx_struct_assembly_gen.asym_id_list      A,B,C,D 
# 
_pdbx_struct_oper_list.id                   1 
_pdbx_struct_oper_list.type                 'identity operation' 
_pdbx_struct_oper_list.name                 1_555 
_pdbx_struct_oper_list.symmetry_operation   x,y,z 
_pdbx_struct_oper_list.matrix[1][1]         1.0000000000 
_pdbx_struct_oper_list.matrix[1][2]         0.0000000000 
_pdbx_struct_oper_list.matrix[1][3]         0.0000000000 
_pdbx_struct_oper_list.vector[1]            0.0000000000 
_pdbx_struct_oper_list.matrix[2][1]         0.0000000000 
_pdbx_struct_oper_list.matrix[2][2]         1.0000000000 
_pdbx_struct_oper_list.matrix[2][3]         0.0000000000 
_pdbx_struct_oper_list.vector[2]            0.0000000000 
_pdbx_struct_oper_list.matrix[3][1]         0.0000000000 
_pdbx_struct_oper_list.matrix[3][2]         0.0000000000 
_pdbx_struct_oper_list.matrix[3][3]         1.0000000000 
_pdbx_struct_oper_list.vector[3]            0.0000000000 
# 
_struct_biol.id        1 
_struct_biol.details   ? 
# 
loop_
_struct_conf.conf_type_id 
_struct_conf.id 
_struct_conf.pdbx_PDB_helix_id 
_struct_conf.beg_label_comp_id 
_struct_conf.beg_label_asym_id 
_struct_conf.beg_label_seq_id 
_struct_conf.pdbx_beg_PDB_ins_code 
_struct_conf.end_label_comp_id 
_struct_conf.end_label_asym_id 
_struct_conf.end_label_seq_id 
_struct_conf.pdbx_end_PDB_ins_code 
_struct_conf.beg_auth_comp_id 
_struct_conf.beg_auth_asym_id 
_struct_conf.beg_auth_seq_id 
_struct_conf.end_auth_comp_id 
_struct_conf.end_auth_asym_id 
_struct_conf.end_auth_seq_id 
_struct_conf.pdbx_PDB_helix_class 
_struct_conf.details 
_struct_conf.pdbx_PDB_helix_length 
HELX_P HELX_P1 1 ASP A 30  ? ARG A 34  ? ASP A 54  ARG A 58  5 ? 5  
HELX_P HELX_P2 2 SER A 55  ? GLU A 58  ? SER A 79  GLU A 82  5 ? 4  
HELX_P HELX_P3 3 CYS A 71  ? ALA A 91  ? CYS A 95  ALA A 115 1 ? 21 
HELX_P HELX_P4 4 SER A 110 ? ASN A 121 ? SER A 134 ASN A 145 1 ? 12 
HELX_P HELX_P5 5 PHE A 133 ? LEU A 139 ? PHE A 157 LEU A 163 5 ? 7  
HELX_P HELX_P6 6 THR A 168 ? GLU A 182 ? THR A 192 GLU A 206 1 ? 15 
# 
_struct_conf_type.id          HELX_P 
_struct_conf_type.criteria    ? 
_struct_conf_type.reference   ? 
# 
loop_
_struct_conn.id 
_struct_conn.conn_type_id 
_struct_conn.pdbx_leaving_atom_flag 
_struct_conn.pdbx_PDB_id 
_struct_conn.ptnr1_label_asym_id 
_struct_conn.ptnr1_label_comp_id 
_struct_conn.ptnr1_label_seq_id 
_struct_conn.ptnr1_label_atom_id 
_struct_conn.pdbx_ptnr1_label_alt_id 
_struct_conn.pdbx_ptnr1_PDB_ins_code 
_struct_conn.pdbx_ptnr1_standard_comp_id 
_struct_conn.ptnr1_symmetry 
_struct_conn.ptnr2_label_asym_id 
_struct_conn.ptnr2_label_comp_id 
_struct_conn.ptnr2_label_seq_id 
_struct_conn.ptnr2_label_atom_id 
_struct_conn.pdbx_ptnr2_label_alt_id 
_struct_conn.pdbx_ptnr2_PDB_ins_code 
_struct_conn.ptnr1_auth_asym_id 
_struct_conn.ptnr1_auth_comp_id 
_struct_conn.ptnr1_auth_seq_id 
_struct_conn.ptnr2_auth_asym_id 
_struct_conn.ptnr2_auth_comp_id 
_struct_conn.ptnr2_auth_seq_id 
_struct_conn.ptnr2_symmetry 
_struct_conn.pdbx_ptnr3_label_atom_id 
_struct_conn.pdbx_ptnr3_label_seq_id 
_struct_conn.pdbx_ptnr3_label_comp_id 
_struct_conn.pdbx_ptnr3_label_asym_id 
_struct_conn.pdbx_ptnr3_label_alt_id 
_struct_conn.pdbx_ptnr3_PDB_ins_code 
_struct_conn.details 
_struct_conn.pdbx_dist_value 
_struct_conn.pdbx_value_order 
_struct_conn.pdbx_role 
covale1 covale both ? A LYS 24  C  ? ? ? 1_555 A MSE 25  N ? ? A LYS 48  A MSE 49  1_555 ? ? ? ? ? ? ? 1.334 ? ? 
covale2 covale both ? A MSE 25  C  ? ? ? 1_555 A GLU 26  N ? ? A MSE 49  A GLU 50  1_555 ? ? ? ? ? ? ? 1.324 ? ? 
covale3 covale both ? A LEU 45  C  ? ? ? 1_555 A MSE 46  N ? ? A LEU 69  A MSE 70  1_555 ? ? ? ? ? ? ? 1.333 ? ? 
covale4 covale both ? A MSE 46  C  ? ? ? 1_555 A GLU 47  N ? ? A MSE 70  A GLU 71  1_555 ? ? ? ? ? ? ? 1.329 ? ? 
covale5 covale both ? A PHE 133 C  ? ? ? 1_555 A MSE 134 N ? ? A PHE 157 A MSE 158 1_555 ? ? ? ? ? ? ? 1.336 ? ? 
covale6 covale both ? A MSE 134 C  ? ? ? 1_555 A THR 135 N ? ? A MSE 158 A THR 159 1_555 ? ? ? ? ? ? ? 1.330 ? ? 
metalc1 metalc ?    ? B CA  .   CA ? ? ? 1_555 D HOH .   O ? ? A CA  1   A HOH 221 1_555 ? ? ? ? ? ? ? 2.102 ? ? 
metalc2 metalc ?    ? B CA  .   CA ? ? ? 1_555 D HOH .   O ? ? A CA  1   A HOH 222 1_555 ? ? ? ? ? ? ? 2.130 ? ? 
metalc3 metalc ?    ? B CA  .   CA ? ? ? 1_555 D HOH .   O ? ? A CA  1   A HOH 223 1_555 ? ? ? ? ? ? ? 2.177 ? ? 
metalc4 metalc ?    ? B CA  .   CA ? ? ? 1_555 D HOH .   O ? ? A CA  1   A HOH 224 1_555 ? ? ? ? ? ? ? 2.098 ? ? 
metalc5 metalc ?    ? B CA  .   CA ? ? ? 1_555 D HOH .   O ? ? A CA  1   A HOH 225 1_555 ? ? ? ? ? ? ? 2.208 ? ? 
metalc6 metalc ?    ? B CA  .   CA ? ? ? 1_555 D HOH .   O ? ? A CA  1   A HOH 226 1_555 ? ? ? ? ? ? ? 2.104 ? ? 
# 
loop_
_struct_conn_type.id 
_struct_conn_type.criteria 
_struct_conn_type.reference 
covale ? ? 
metalc ? ? 
# 
loop_
_pdbx_struct_conn_angle.id 
_pdbx_struct_conn_angle.ptnr1_label_atom_id 
_pdbx_struct_conn_angle.ptnr1_label_alt_id 
_pdbx_struct_conn_angle.ptnr1_label_asym_id 
_pdbx_struct_conn_angle.ptnr1_label_comp_id 
_pdbx_struct_conn_angle.ptnr1_label_seq_id 
_pdbx_struct_conn_angle.ptnr1_auth_atom_id 
_pdbx_struct_conn_angle.ptnr1_auth_asym_id 
_pdbx_struct_conn_angle.ptnr1_auth_comp_id 
_pdbx_struct_conn_angle.ptnr1_auth_seq_id 
_pdbx_struct_conn_angle.ptnr1_PDB_ins_code 
_pdbx_struct_conn_angle.ptnr1_symmetry 
_pdbx_struct_conn_angle.ptnr2_label_atom_id 
_pdbx_struct_conn_angle.ptnr2_label_alt_id 
_pdbx_struct_conn_angle.ptnr2_label_asym_id 
_pdbx_struct_conn_angle.ptnr2_label_comp_id 
_pdbx_struct_conn_angle.ptnr2_label_seq_id 
_pdbx_struct_conn_angle.ptnr2_auth_atom_id 
_pdbx_struct_conn_angle.ptnr2_auth_asym_id 
_pdbx_struct_conn_angle.ptnr2_auth_comp_id 
_pdbx_struct_conn_angle.ptnr2_auth_seq_id 
_pdbx_struct_conn_angle.ptnr2_PDB_ins_code 
_pdbx_struct_conn_angle.ptnr2_symmetry 
_pdbx_struct_conn_angle.ptnr3_label_atom_id 
_pdbx_struct_conn_angle.ptnr3_label_alt_id 
_pdbx_struct_conn_angle.ptnr3_label_asym_id 
_pdbx_struct_conn_angle.ptnr3_label_comp_id 
_pdbx_struct_conn_angle.ptnr3_label_seq_id 
_pdbx_struct_conn_angle.ptnr3_auth_atom_id 
_pdbx_struct_conn_angle.ptnr3_auth_asym_id 
_pdbx_struct_conn_angle.ptnr3_auth_comp_id 
_pdbx_struct_conn_angle.ptnr3_auth_seq_id 
_pdbx_struct_conn_angle.ptnr3_PDB_ins_code 
_pdbx_struct_conn_angle.ptnr3_symmetry 
_pdbx_struct_conn_angle.value 
_pdbx_struct_conn_angle.value_esd 
1  O ? D HOH . ? A HOH 221 ? 1_555 CA ? B CA . ? A CA 1 ? 1_555 O ? D HOH . ? A HOH 222 ? 1_555 83.3  ? 
2  O ? D HOH . ? A HOH 221 ? 1_555 CA ? B CA . ? A CA 1 ? 1_555 O ? D HOH . ? A HOH 223 ? 1_555 93.4  ? 
3  O ? D HOH . ? A HOH 222 ? 1_555 CA ? B CA . ? A CA 1 ? 1_555 O ? D HOH . ? A HOH 223 ? 1_555 96.0  ? 
4  O ? D HOH . ? A HOH 221 ? 1_555 CA ? B CA . ? A CA 1 ? 1_555 O ? D HOH . ? A HOH 224 ? 1_555 84.4  ? 
5  O ? D HOH . ? A HOH 222 ? 1_555 CA ? B CA . ? A CA 1 ? 1_555 O ? D HOH . ? A HOH 224 ? 1_555 167.5 ? 
6  O ? D HOH . ? A HOH 223 ? 1_555 CA ? B CA . ? A CA 1 ? 1_555 O ? D HOH . ? A HOH 224 ? 1_555 87.1  ? 
7  O ? D HOH . ? A HOH 221 ? 1_555 CA ? B CA . ? A CA 1 ? 1_555 O ? D HOH . ? A HOH 225 ? 1_555 94.4  ? 
8  O ? D HOH . ? A HOH 222 ? 1_555 CA ? B CA . ? A CA 1 ? 1_555 O ? D HOH . ? A HOH 225 ? 1_555 88.8  ? 
9  O ? D HOH . ? A HOH 223 ? 1_555 CA ? B CA . ? A CA 1 ? 1_555 O ? D HOH . ? A HOH 225 ? 1_555 171.3 ? 
10 O ? D HOH . ? A HOH 224 ? 1_555 CA ? B CA . ? A CA 1 ? 1_555 O ? D HOH . ? A HOH 225 ? 1_555 89.7  ? 
11 O ? D HOH . ? A HOH 221 ? 1_555 CA ? B CA . ? A CA 1 ? 1_555 O ? D HOH . ? A HOH 226 ? 1_555 179.1 ? 
12 O ? D HOH . ? A HOH 222 ? 1_555 CA ? B CA . ? A CA 1 ? 1_555 O ? D HOH . ? A HOH 226 ? 1_555 95.8  ? 
13 O ? D HOH . ? A HOH 223 ? 1_555 CA ? B CA . ? A CA 1 ? 1_555 O ? D HOH . ? A HOH 226 ? 1_555 86.7  ? 
14 O ? D HOH . ? A HOH 224 ? 1_555 CA ? B CA . ? A CA 1 ? 1_555 O ? D HOH . ? A HOH 226 ? 1_555 96.5  ? 
15 O ? D HOH . ? A HOH 225 ? 1_555 CA ? B CA . ? A CA 1 ? 1_555 O ? D HOH . ? A HOH 226 ? 1_555 85.6  ? 
# 
loop_
_pdbx_modification_feature.ordinal 
_pdbx_modification_feature.label_comp_id 
_pdbx_modification_feature.label_asym_id 
_pdbx_modification_feature.label_seq_id 
_pdbx_modification_feature.label_alt_id 
_pdbx_modification_feature.modified_residue_label_comp_id 
_pdbx_modification_feature.modified_residue_label_asym_id 
_pdbx_modification_feature.modified_residue_label_seq_id 
_pdbx_modification_feature.modified_residue_label_alt_id 
_pdbx_modification_feature.auth_comp_id 
_pdbx_modification_feature.auth_asym_id 
_pdbx_modification_feature.auth_seq_id 
_pdbx_modification_feature.PDB_ins_code 
_pdbx_modification_feature.symmetry 
_pdbx_modification_feature.modified_residue_auth_comp_id 
_pdbx_modification_feature.modified_residue_auth_asym_id 
_pdbx_modification_feature.modified_residue_auth_seq_id 
_pdbx_modification_feature.modified_residue_PDB_ins_code 
_pdbx_modification_feature.modified_residue_symmetry 
_pdbx_modification_feature.comp_id_linking_atom 
_pdbx_modification_feature.modified_residue_id_linking_atom 
_pdbx_modification_feature.modified_residue_id 
_pdbx_modification_feature.ref_pcm_id 
_pdbx_modification_feature.ref_comp_id 
_pdbx_modification_feature.type 
_pdbx_modification_feature.category 
1 MSE A 25  ? . . . . MSE A 49  ? 1_555 . . . . . . . MET 1 MSE Selenomethionine 'Named protein modification' 
2 MSE A 46  ? . . . . MSE A 70  ? 1_555 . . . . . . . MET 1 MSE Selenomethionine 'Named protein modification' 
3 MSE A 134 ? . . . . MSE A 158 ? 1_555 . . . . . . . MET 1 MSE Selenomethionine 'Named protein modification' 
# 
_struct_mon_prot_cis.pdbx_id                1 
_struct_mon_prot_cis.label_comp_id          ILE 
_struct_mon_prot_cis.label_seq_id           147 
_struct_mon_prot_cis.label_asym_id          A 
_struct_mon_prot_cis.label_alt_id           . 
_struct_mon_prot_cis.pdbx_PDB_ins_code      ? 
_struct_mon_prot_cis.auth_comp_id           ILE 
_struct_mon_prot_cis.auth_seq_id            171 
_struct_mon_prot_cis.auth_asym_id           A 
_struct_mon_prot_cis.pdbx_label_comp_id_2   PRO 
_struct_mon_prot_cis.pdbx_label_seq_id_2    148 
_struct_mon_prot_cis.pdbx_label_asym_id_2   A 
_struct_mon_prot_cis.pdbx_PDB_ins_code_2    ? 
_struct_mon_prot_cis.pdbx_auth_comp_id_2    PRO 
_struct_mon_prot_cis.pdbx_auth_seq_id_2     172 
_struct_mon_prot_cis.pdbx_auth_asym_id_2    A 
_struct_mon_prot_cis.pdbx_PDB_model_num     1 
_struct_mon_prot_cis.pdbx_omega_angle       1.81 
# 
loop_
_struct_sheet.id 
_struct_sheet.type 
_struct_sheet.number_strands 
_struct_sheet.details 
A ? 6 ? 
B ? 2 ? 
# 
loop_
_struct_sheet_order.sheet_id 
_struct_sheet_order.range_id_1 
_struct_sheet_order.range_id_2 
_struct_sheet_order.offset 
_struct_sheet_order.sense 
A 1 2 ? anti-parallel 
A 2 3 ? anti-parallel 
A 3 4 ? anti-parallel 
A 4 5 ? parallel      
A 5 6 ? parallel      
B 1 2 ? anti-parallel 
# 
loop_
_struct_sheet_range.sheet_id 
_struct_sheet_range.id 
_struct_sheet_range.beg_label_comp_id 
_struct_sheet_range.beg_label_asym_id 
_struct_sheet_range.beg_label_seq_id 
_struct_sheet_range.pdbx_beg_PDB_ins_code 
_struct_sheet_range.end_label_comp_id 
_struct_sheet_range.end_label_asym_id 
_struct_sheet_range.end_label_seq_id 
_struct_sheet_range.pdbx_end_PDB_ins_code 
_struct_sheet_range.beg_auth_comp_id 
_struct_sheet_range.beg_auth_asym_id 
_struct_sheet_range.beg_auth_seq_id 
_struct_sheet_range.end_auth_comp_id 
_struct_sheet_range.end_auth_asym_id 
_struct_sheet_range.end_auth_seq_id 
A 1 GLU A 26  ? PHE A 28  ? GLU A 50  PHE A 52  
A 2 PRO A 159 ? PHE A 163 ? PRO A 183 PHE A 187 
A 3 THR A 149 ? LEU A 153 ? THR A 173 LEU A 177 
A 4 VAL A 61  ? TRP A 67  ? VAL A 85  TRP A 91  
A 5 GLY A 99  ? ASN A 105 ? GLY A 123 ASN A 129 
A 6 SER A 127 ? TYR A 129 ? SER A 151 TYR A 153 
B 1 GLY A 41  ? ASP A 43  ? GLY A 65  ASP A 67  
B 2 GLN A 51  ? ASN A 53  ? GLN A 75  ASN A 77  
# 
loop_
_pdbx_struct_sheet_hbond.sheet_id 
_pdbx_struct_sheet_hbond.range_id_1 
_pdbx_struct_sheet_hbond.range_id_2 
_pdbx_struct_sheet_hbond.range_1_label_atom_id 
_pdbx_struct_sheet_hbond.range_1_label_comp_id 
_pdbx_struct_sheet_hbond.range_1_label_asym_id 
_pdbx_struct_sheet_hbond.range_1_label_seq_id 
_pdbx_struct_sheet_hbond.range_1_PDB_ins_code 
_pdbx_struct_sheet_hbond.range_1_auth_atom_id 
_pdbx_struct_sheet_hbond.range_1_auth_comp_id 
_pdbx_struct_sheet_hbond.range_1_auth_asym_id 
_pdbx_struct_sheet_hbond.range_1_auth_seq_id 
_pdbx_struct_sheet_hbond.range_2_label_atom_id 
_pdbx_struct_sheet_hbond.range_2_label_comp_id 
_pdbx_struct_sheet_hbond.range_2_label_asym_id 
_pdbx_struct_sheet_hbond.range_2_label_seq_id 
_pdbx_struct_sheet_hbond.range_2_PDB_ins_code 
_pdbx_struct_sheet_hbond.range_2_auth_atom_id 
_pdbx_struct_sheet_hbond.range_2_auth_comp_id 
_pdbx_struct_sheet_hbond.range_2_auth_asym_id 
_pdbx_struct_sheet_hbond.range_2_auth_seq_id 
A 1 2 N ILE A 27  ? N ILE A 51  O VAL A 162 ? O VAL A 186 
A 2 3 O ALA A 160 ? O ALA A 184 N VAL A 152 ? N VAL A 176 
A 3 4 O LEU A 153 ? O LEU A 177 N VAL A 62  ? N VAL A 86  
A 4 5 N ASN A 65  ? N ASN A 89  O ILE A 104 ? O ILE A 128 
A 5 6 N ASN A 105 ? N ASN A 129 O ILE A 128 ? O ILE A 152 
B 1 2 N GLY A 42  ? N GLY A 66  O ILE A 52  ? O ILE A 76  
# 
loop_
_struct_site.id 
_struct_site.pdbx_evidence_code 
_struct_site.pdbx_auth_asym_id 
_struct_site.pdbx_auth_comp_id 
_struct_site.pdbx_auth_seq_id 
_struct_site.pdbx_auth_ins_code 
_struct_site.pdbx_num_residues 
_struct_site.details 
AC1 Software A CA 1 ? 6 'BINDING SITE FOR RESIDUE CA A 1' 
AC2 Software A CA 2 ? 4 'BINDING SITE FOR RESIDUE CA A 2' 
# 
loop_
_struct_site_gen.id 
_struct_site_gen.site_id 
_struct_site_gen.pdbx_num_res 
_struct_site_gen.label_comp_id 
_struct_site_gen.label_asym_id 
_struct_site_gen.label_seq_id 
_struct_site_gen.pdbx_auth_ins_code 
_struct_site_gen.auth_comp_id 
_struct_site_gen.auth_asym_id 
_struct_site_gen.auth_seq_id 
_struct_site_gen.label_atom_id 
_struct_site_gen.label_alt_id 
_struct_site_gen.symmetry 
_struct_site_gen.details 
1  AC1 6 HOH D .   ? HOH A 221 . ? 1_555 ? 
2  AC1 6 HOH D .   ? HOH A 222 . ? 1_555 ? 
3  AC1 6 HOH D .   ? HOH A 223 . ? 1_555 ? 
4  AC1 6 HOH D .   ? HOH A 224 . ? 1_555 ? 
5  AC1 6 HOH D .   ? HOH A 225 . ? 1_555 ? 
6  AC1 6 HOH D .   ? HOH A 226 . ? 1_555 ? 
7  AC2 4 SER A 44  ? SER A 68  . ? 1_555 ? 
8  AC2 4 LEU A 45  ? LEU A 69  . ? 1_555 ? 
9  AC2 4 MSE A 46  ? MSE A 70  . ? 1_555 ? 
10 AC2 4 SER A 127 ? SER A 151 . ? 1_555 ? 
# 
_pdbx_entry_details.entry_id                   3LWA 
_pdbx_entry_details.compound_details           ? 
_pdbx_entry_details.source_details             ? 
_pdbx_entry_details.nonpolymer_details         ? 
_pdbx_entry_details.sequence_details           ? 
_pdbx_entry_details.has_ligand_of_interest     ? 
_pdbx_entry_details.has_protein_modification   Y 
# 
_pdbx_validate_torsion.id              1 
_pdbx_validate_torsion.PDB_model_num   1 
_pdbx_validate_torsion.auth_comp_id    LEU 
_pdbx_validate_torsion.auth_asym_id    A 
_pdbx_validate_torsion.auth_seq_id     188 
_pdbx_validate_torsion.PDB_ins_code    ? 
_pdbx_validate_torsion.label_alt_id    ? 
_pdbx_validate_torsion.phi             -101.69 
_pdbx_validate_torsion.psi             41.58 
# 
_pdbx_SG_project.id                    1 
_pdbx_SG_project.project_name          'PSI, Protein Structure Initiative' 
_pdbx_SG_project.full_name_of_center   'Midwest Center for Structural Genomics' 
_pdbx_SG_project.initial_of_center     MCSG 
# 
loop_
_pdbx_struct_mod_residue.id 
_pdbx_struct_mod_residue.label_asym_id 
_pdbx_struct_mod_residue.label_comp_id 
_pdbx_struct_mod_residue.label_seq_id 
_pdbx_struct_mod_residue.auth_asym_id 
_pdbx_struct_mod_residue.auth_comp_id 
_pdbx_struct_mod_residue.auth_seq_id 
_pdbx_struct_mod_residue.PDB_ins_code 
_pdbx_struct_mod_residue.parent_comp_id 
_pdbx_struct_mod_residue.details 
1 A MSE 25  A MSE 49  ? MET SELENOMETHIONINE 
2 A MSE 46  A MSE 70  ? MET SELENOMETHIONINE 
3 A MSE 134 A MSE 158 ? MET SELENOMETHIONINE 
# 
loop_
_pdbx_unobs_or_zero_occ_residues.id 
_pdbx_unobs_or_zero_occ_residues.PDB_model_num 
_pdbx_unobs_or_zero_occ_residues.polymer_flag 
_pdbx_unobs_or_zero_occ_residues.occupancy_flag 
_pdbx_unobs_or_zero_occ_residues.auth_asym_id 
_pdbx_unobs_or_zero_occ_residues.auth_comp_id 
_pdbx_unobs_or_zero_occ_residues.auth_seq_id 
_pdbx_unobs_or_zero_occ_residues.PDB_ins_code 
_pdbx_unobs_or_zero_occ_residues.label_asym_id 
_pdbx_unobs_or_zero_occ_residues.label_comp_id 
_pdbx_unobs_or_zero_occ_residues.label_seq_id 
1  1 Y 1 A SER 25  ? A SER 1   
2  1 Y 1 A ASP 26  ? A ASP 2   
3  1 Y 1 A SER 27  ? A SER 3   
4  1 Y 1 A THR 28  ? A THR 4   
5  1 Y 1 A ALA 29  ? A ALA 5   
6  1 Y 1 A GLY 30  ? A GLY 6   
7  1 Y 1 A THR 31  ? A THR 7   
8  1 Y 1 A ASP 32  ? A ASP 8   
9  1 Y 1 A ALA 33  ? A ALA 9   
10 1 Y 1 A VAL 34  ? A VAL 10  
11 1 Y 1 A ALA 35  ? A ALA 11  
12 1 Y 1 A VAL 36  ? A VAL 12  
13 1 Y 1 A ASN 117 ? A ASN 93  
14 1 Y 1 A GLY 118 ? A GLY 94  
15 1 Y 1 A ASP 119 ? A ASP 95  
16 1 Y 1 A ALA 207 ? A ALA 183 
# 
loop_
_chem_comp_atom.comp_id 
_chem_comp_atom.atom_id 
_chem_comp_atom.type_symbol 
_chem_comp_atom.pdbx_aromatic_flag 
_chem_comp_atom.pdbx_stereo_config 
_chem_comp_atom.pdbx_ordinal 
ALA N    N  N N 1   
ALA CA   C  N S 2   
ALA C    C  N N 3   
ALA O    O  N N 4   
ALA CB   C  N N 5   
ALA OXT  O  N N 6   
ALA H    H  N N 7   
ALA H2   H  N N 8   
ALA HA   H  N N 9   
ALA HB1  H  N N 10  
ALA HB2  H  N N 11  
ALA HB3  H  N N 12  
ALA HXT  H  N N 13  
ARG N    N  N N 14  
ARG CA   C  N S 15  
ARG C    C  N N 16  
ARG O    O  N N 17  
ARG CB   C  N N 18  
ARG CG   C  N N 19  
ARG CD   C  N N 20  
ARG NE   N  N N 21  
ARG CZ   C  N N 22  
ARG NH1  N  N N 23  
ARG NH2  N  N N 24  
ARG OXT  O  N N 25  
ARG H    H  N N 26  
ARG H2   H  N N 27  
ARG HA   H  N N 28  
ARG HB2  H  N N 29  
ARG HB3  H  N N 30  
ARG HG2  H  N N 31  
ARG HG3  H  N N 32  
ARG HD2  H  N N 33  
ARG HD3  H  N N 34  
ARG HE   H  N N 35  
ARG HH11 H  N N 36  
ARG HH12 H  N N 37  
ARG HH21 H  N N 38  
ARG HH22 H  N N 39  
ARG HXT  H  N N 40  
ASN N    N  N N 41  
ASN CA   C  N S 42  
ASN C    C  N N 43  
ASN O    O  N N 44  
ASN CB   C  N N 45  
ASN CG   C  N N 46  
ASN OD1  O  N N 47  
ASN ND2  N  N N 48  
ASN OXT  O  N N 49  
ASN H    H  N N 50  
ASN H2   H  N N 51  
ASN HA   H  N N 52  
ASN HB2  H  N N 53  
ASN HB3  H  N N 54  
ASN HD21 H  N N 55  
ASN HD22 H  N N 56  
ASN HXT  H  N N 57  
ASP N    N  N N 58  
ASP CA   C  N S 59  
ASP C    C  N N 60  
ASP O    O  N N 61  
ASP CB   C  N N 62  
ASP CG   C  N N 63  
ASP OD1  O  N N 64  
ASP OD2  O  N N 65  
ASP OXT  O  N N 66  
ASP H    H  N N 67  
ASP H2   H  N N 68  
ASP HA   H  N N 69  
ASP HB2  H  N N 70  
ASP HB3  H  N N 71  
ASP HD2  H  N N 72  
ASP HXT  H  N N 73  
CA  CA   CA N N 74  
CYS N    N  N N 75  
CYS CA   C  N R 76  
CYS C    C  N N 77  
CYS O    O  N N 78  
CYS CB   C  N N 79  
CYS SG   S  N N 80  
CYS OXT  O  N N 81  
CYS H    H  N N 82  
CYS H2   H  N N 83  
CYS HA   H  N N 84  
CYS HB2  H  N N 85  
CYS HB3  H  N N 86  
CYS HG   H  N N 87  
CYS HXT  H  N N 88  
GLN N    N  N N 89  
GLN CA   C  N S 90  
GLN C    C  N N 91  
GLN O    O  N N 92  
GLN CB   C  N N 93  
GLN CG   C  N N 94  
GLN CD   C  N N 95  
GLN OE1  O  N N 96  
GLN NE2  N  N N 97  
GLN OXT  O  N N 98  
GLN H    H  N N 99  
GLN H2   H  N N 100 
GLN HA   H  N N 101 
GLN HB2  H  N N 102 
GLN HB3  H  N N 103 
GLN HG2  H  N N 104 
GLN HG3  H  N N 105 
GLN HE21 H  N N 106 
GLN HE22 H  N N 107 
GLN HXT  H  N N 108 
GLU N    N  N N 109 
GLU CA   C  N S 110 
GLU C    C  N N 111 
GLU O    O  N N 112 
GLU CB   C  N N 113 
GLU CG   C  N N 114 
GLU CD   C  N N 115 
GLU OE1  O  N N 116 
GLU OE2  O  N N 117 
GLU OXT  O  N N 118 
GLU H    H  N N 119 
GLU H2   H  N N 120 
GLU HA   H  N N 121 
GLU HB2  H  N N 122 
GLU HB3  H  N N 123 
GLU HG2  H  N N 124 
GLU HG3  H  N N 125 
GLU HE2  H  N N 126 
GLU HXT  H  N N 127 
GLY N    N  N N 128 
GLY CA   C  N N 129 
GLY C    C  N N 130 
GLY O    O  N N 131 
GLY OXT  O  N N 132 
GLY H    H  N N 133 
GLY H2   H  N N 134 
GLY HA2  H  N N 135 
GLY HA3  H  N N 136 
GLY HXT  H  N N 137 
HIS N    N  N N 138 
HIS CA   C  N S 139 
HIS C    C  N N 140 
HIS O    O  N N 141 
HIS CB   C  N N 142 
HIS CG   C  Y N 143 
HIS ND1  N  Y N 144 
HIS CD2  C  Y N 145 
HIS CE1  C  Y N 146 
HIS NE2  N  Y N 147 
HIS OXT  O  N N 148 
HIS H    H  N N 149 
HIS H2   H  N N 150 
HIS HA   H  N N 151 
HIS HB2  H  N N 152 
HIS HB3  H  N N 153 
HIS HD1  H  N N 154 
HIS HD2  H  N N 155 
HIS HE1  H  N N 156 
HIS HE2  H  N N 157 
HIS HXT  H  N N 158 
HOH O    O  N N 159 
HOH H1   H  N N 160 
HOH H2   H  N N 161 
ILE N    N  N N 162 
ILE CA   C  N S 163 
ILE C    C  N N 164 
ILE O    O  N N 165 
ILE CB   C  N S 166 
ILE CG1  C  N N 167 
ILE CG2  C  N N 168 
ILE CD1  C  N N 169 
ILE OXT  O  N N 170 
ILE H    H  N N 171 
ILE H2   H  N N 172 
ILE HA   H  N N 173 
ILE HB   H  N N 174 
ILE HG12 H  N N 175 
ILE HG13 H  N N 176 
ILE HG21 H  N N 177 
ILE HG22 H  N N 178 
ILE HG23 H  N N 179 
ILE HD11 H  N N 180 
ILE HD12 H  N N 181 
ILE HD13 H  N N 182 
ILE HXT  H  N N 183 
LEU N    N  N N 184 
LEU CA   C  N S 185 
LEU C    C  N N 186 
LEU O    O  N N 187 
LEU CB   C  N N 188 
LEU CG   C  N N 189 
LEU CD1  C  N N 190 
LEU CD2  C  N N 191 
LEU OXT  O  N N 192 
LEU H    H  N N 193 
LEU H2   H  N N 194 
LEU HA   H  N N 195 
LEU HB2  H  N N 196 
LEU HB3  H  N N 197 
LEU HG   H  N N 198 
LEU HD11 H  N N 199 
LEU HD12 H  N N 200 
LEU HD13 H  N N 201 
LEU HD21 H  N N 202 
LEU HD22 H  N N 203 
LEU HD23 H  N N 204 
LEU HXT  H  N N 205 
LYS N    N  N N 206 
LYS CA   C  N S 207 
LYS C    C  N N 208 
LYS O    O  N N 209 
LYS CB   C  N N 210 
LYS CG   C  N N 211 
LYS CD   C  N N 212 
LYS CE   C  N N 213 
LYS NZ   N  N N 214 
LYS OXT  O  N N 215 
LYS H    H  N N 216 
LYS H2   H  N N 217 
LYS HA   H  N N 218 
LYS HB2  H  N N 219 
LYS HB3  H  N N 220 
LYS HG2  H  N N 221 
LYS HG3  H  N N 222 
LYS HD2  H  N N 223 
LYS HD3  H  N N 224 
LYS HE2  H  N N 225 
LYS HE3  H  N N 226 
LYS HZ1  H  N N 227 
LYS HZ2  H  N N 228 
LYS HZ3  H  N N 229 
LYS HXT  H  N N 230 
MSE N    N  N N 231 
MSE CA   C  N S 232 
MSE C    C  N N 233 
MSE O    O  N N 234 
MSE OXT  O  N N 235 
MSE CB   C  N N 236 
MSE CG   C  N N 237 
MSE SE   SE N N 238 
MSE CE   C  N N 239 
MSE H    H  N N 240 
MSE H2   H  N N 241 
MSE HA   H  N N 242 
MSE HXT  H  N N 243 
MSE HB2  H  N N 244 
MSE HB3  H  N N 245 
MSE HG2  H  N N 246 
MSE HG3  H  N N 247 
MSE HE1  H  N N 248 
MSE HE2  H  N N 249 
MSE HE3  H  N N 250 
PHE N    N  N N 251 
PHE CA   C  N S 252 
PHE C    C  N N 253 
PHE O    O  N N 254 
PHE CB   C  N N 255 
PHE CG   C  Y N 256 
PHE CD1  C  Y N 257 
PHE CD2  C  Y N 258 
PHE CE1  C  Y N 259 
PHE CE2  C  Y N 260 
PHE CZ   C  Y N 261 
PHE OXT  O  N N 262 
PHE H    H  N N 263 
PHE H2   H  N N 264 
PHE HA   H  N N 265 
PHE HB2  H  N N 266 
PHE HB3  H  N N 267 
PHE HD1  H  N N 268 
PHE HD2  H  N N 269 
PHE HE1  H  N N 270 
PHE HE2  H  N N 271 
PHE HZ   H  N N 272 
PHE HXT  H  N N 273 
PRO N    N  N N 274 
PRO CA   C  N S 275 
PRO C    C  N N 276 
PRO O    O  N N 277 
PRO CB   C  N N 278 
PRO CG   C  N N 279 
PRO CD   C  N N 280 
PRO OXT  O  N N 281 
PRO H    H  N N 282 
PRO HA   H  N N 283 
PRO HB2  H  N N 284 
PRO HB3  H  N N 285 
PRO HG2  H  N N 286 
PRO HG3  H  N N 287 
PRO HD2  H  N N 288 
PRO HD3  H  N N 289 
PRO HXT  H  N N 290 
SER N    N  N N 291 
SER CA   C  N S 292 
SER C    C  N N 293 
SER O    O  N N 294 
SER CB   C  N N 295 
SER OG   O  N N 296 
SER OXT  O  N N 297 
SER H    H  N N 298 
SER H2   H  N N 299 
SER HA   H  N N 300 
SER HB2  H  N N 301 
SER HB3  H  N N 302 
SER HG   H  N N 303 
SER HXT  H  N N 304 
THR N    N  N N 305 
THR CA   C  N S 306 
THR C    C  N N 307 
THR O    O  N N 308 
THR CB   C  N R 309 
THR OG1  O  N N 310 
THR CG2  C  N N 311 
THR OXT  O  N N 312 
THR H    H  N N 313 
THR H2   H  N N 314 
THR HA   H  N N 315 
THR HB   H  N N 316 
THR HG1  H  N N 317 
THR HG21 H  N N 318 
THR HG22 H  N N 319 
THR HG23 H  N N 320 
THR HXT  H  N N 321 
TRP N    N  N N 322 
TRP CA   C  N S 323 
TRP C    C  N N 324 
TRP O    O  N N 325 
TRP CB   C  N N 326 
TRP CG   C  Y N 327 
TRP CD1  C  Y N 328 
TRP CD2  C  Y N 329 
TRP NE1  N  Y N 330 
TRP CE2  C  Y N 331 
TRP CE3  C  Y N 332 
TRP CZ2  C  Y N 333 
TRP CZ3  C  Y N 334 
TRP CH2  C  Y N 335 
TRP OXT  O  N N 336 
TRP H    H  N N 337 
TRP H2   H  N N 338 
TRP HA   H  N N 339 
TRP HB2  H  N N 340 
TRP HB3  H  N N 341 
TRP HD1  H  N N 342 
TRP HE1  H  N N 343 
TRP HE3  H  N N 344 
TRP HZ2  H  N N 345 
TRP HZ3  H  N N 346 
TRP HH2  H  N N 347 
TRP HXT  H  N N 348 
TYR N    N  N N 349 
TYR CA   C  N S 350 
TYR C    C  N N 351 
TYR O    O  N N 352 
TYR CB   C  N N 353 
TYR CG   C  Y N 354 
TYR CD1  C  Y N 355 
TYR CD2  C  Y N 356 
TYR CE1  C  Y N 357 
TYR CE2  C  Y N 358 
TYR CZ   C  Y N 359 
TYR OH   O  N N 360 
TYR OXT  O  N N 361 
TYR H    H  N N 362 
TYR H2   H  N N 363 
TYR HA   H  N N 364 
TYR HB2  H  N N 365 
TYR HB3  H  N N 366 
TYR HD1  H  N N 367 
TYR HD2  H  N N 368 
TYR HE1  H  N N 369 
TYR HE2  H  N N 370 
TYR HH   H  N N 371 
TYR HXT  H  N N 372 
VAL N    N  N N 373 
VAL CA   C  N S 374 
VAL C    C  N N 375 
VAL O    O  N N 376 
VAL CB   C  N N 377 
VAL CG1  C  N N 378 
VAL CG2  C  N N 379 
VAL OXT  O  N N 380 
VAL H    H  N N 381 
VAL H2   H  N N 382 
VAL HA   H  N N 383 
VAL HB   H  N N 384 
VAL HG11 H  N N 385 
VAL HG12 H  N N 386 
VAL HG13 H  N N 387 
VAL HG21 H  N N 388 
VAL HG22 H  N N 389 
VAL HG23 H  N N 390 
VAL HXT  H  N N 391 
# 
loop_
_chem_comp_bond.comp_id 
_chem_comp_bond.atom_id_1 
_chem_comp_bond.atom_id_2 
_chem_comp_bond.value_order 
_chem_comp_bond.pdbx_aromatic_flag 
_chem_comp_bond.pdbx_stereo_config 
_chem_comp_bond.pdbx_ordinal 
ALA N   CA   sing N N 1   
ALA N   H    sing N N 2   
ALA N   H2   sing N N 3   
ALA CA  C    sing N N 4   
ALA CA  CB   sing N N 5   
ALA CA  HA   sing N N 6   
ALA C   O    doub N N 7   
ALA C   OXT  sing N N 8   
ALA CB  HB1  sing N N 9   
ALA CB  HB2  sing N N 10  
ALA CB  HB3  sing N N 11  
ALA OXT HXT  sing N N 12  
ARG N   CA   sing N N 13  
ARG N   H    sing N N 14  
ARG N   H2   sing N N 15  
ARG CA  C    sing N N 16  
ARG CA  CB   sing N N 17  
ARG CA  HA   sing N N 18  
ARG C   O    doub N N 19  
ARG C   OXT  sing N N 20  
ARG CB  CG   sing N N 21  
ARG CB  HB2  sing N N 22  
ARG CB  HB3  sing N N 23  
ARG CG  CD   sing N N 24  
ARG CG  HG2  sing N N 25  
ARG CG  HG3  sing N N 26  
ARG CD  NE   sing N N 27  
ARG CD  HD2  sing N N 28  
ARG CD  HD3  sing N N 29  
ARG NE  CZ   sing N N 30  
ARG NE  HE   sing N N 31  
ARG CZ  NH1  sing N N 32  
ARG CZ  NH2  doub N N 33  
ARG NH1 HH11 sing N N 34  
ARG NH1 HH12 sing N N 35  
ARG NH2 HH21 sing N N 36  
ARG NH2 HH22 sing N N 37  
ARG OXT HXT  sing N N 38  
ASN N   CA   sing N N 39  
ASN N   H    sing N N 40  
ASN N   H2   sing N N 41  
ASN CA  C    sing N N 42  
ASN CA  CB   sing N N 43  
ASN CA  HA   sing N N 44  
ASN C   O    doub N N 45  
ASN C   OXT  sing N N 46  
ASN CB  CG   sing N N 47  
ASN CB  HB2  sing N N 48  
ASN CB  HB3  sing N N 49  
ASN CG  OD1  doub N N 50  
ASN CG  ND2  sing N N 51  
ASN ND2 HD21 sing N N 52  
ASN ND2 HD22 sing N N 53  
ASN OXT HXT  sing N N 54  
ASP N   CA   sing N N 55  
ASP N   H    sing N N 56  
ASP N   H2   sing N N 57  
ASP CA  C    sing N N 58  
ASP CA  CB   sing N N 59  
ASP CA  HA   sing N N 60  
ASP C   O    doub N N 61  
ASP C   OXT  sing N N 62  
ASP CB  CG   sing N N 63  
ASP CB  HB2  sing N N 64  
ASP CB  HB3  sing N N 65  
ASP CG  OD1  doub N N 66  
ASP CG  OD2  sing N N 67  
ASP OD2 HD2  sing N N 68  
ASP OXT HXT  sing N N 69  
CYS N   CA   sing N N 70  
CYS N   H    sing N N 71  
CYS N   H2   sing N N 72  
CYS CA  C    sing N N 73  
CYS CA  CB   sing N N 74  
CYS CA  HA   sing N N 75  
CYS C   O    doub N N 76  
CYS C   OXT  sing N N 77  
CYS CB  SG   sing N N 78  
CYS CB  HB2  sing N N 79  
CYS CB  HB3  sing N N 80  
CYS SG  HG   sing N N 81  
CYS OXT HXT  sing N N 82  
GLN N   CA   sing N N 83  
GLN N   H    sing N N 84  
GLN N   H2   sing N N 85  
GLN CA  C    sing N N 86  
GLN CA  CB   sing N N 87  
GLN CA  HA   sing N N 88  
GLN C   O    doub N N 89  
GLN C   OXT  sing N N 90  
GLN CB  CG   sing N N 91  
GLN CB  HB2  sing N N 92  
GLN CB  HB3  sing N N 93  
GLN CG  CD   sing N N 94  
GLN CG  HG2  sing N N 95  
GLN CG  HG3  sing N N 96  
GLN CD  OE1  doub N N 97  
GLN CD  NE2  sing N N 98  
GLN NE2 HE21 sing N N 99  
GLN NE2 HE22 sing N N 100 
GLN OXT HXT  sing N N 101 
GLU N   CA   sing N N 102 
GLU N   H    sing N N 103 
GLU N   H2   sing N N 104 
GLU CA  C    sing N N 105 
GLU CA  CB   sing N N 106 
GLU CA  HA   sing N N 107 
GLU C   O    doub N N 108 
GLU C   OXT  sing N N 109 
GLU CB  CG   sing N N 110 
GLU CB  HB2  sing N N 111 
GLU CB  HB3  sing N N 112 
GLU CG  CD   sing N N 113 
GLU CG  HG2  sing N N 114 
GLU CG  HG3  sing N N 115 
GLU CD  OE1  doub N N 116 
GLU CD  OE2  sing N N 117 
GLU OE2 HE2  sing N N 118 
GLU OXT HXT  sing N N 119 
GLY N   CA   sing N N 120 
GLY N   H    sing N N 121 
GLY N   H2   sing N N 122 
GLY CA  C    sing N N 123 
GLY CA  HA2  sing N N 124 
GLY CA  HA3  sing N N 125 
GLY C   O    doub N N 126 
GLY C   OXT  sing N N 127 
GLY OXT HXT  sing N N 128 
HIS N   CA   sing N N 129 
HIS N   H    sing N N 130 
HIS N   H2   sing N N 131 
HIS CA  C    sing N N 132 
HIS CA  CB   sing N N 133 
HIS CA  HA   sing N N 134 
HIS C   O    doub N N 135 
HIS C   OXT  sing N N 136 
HIS CB  CG   sing N N 137 
HIS CB  HB2  sing N N 138 
HIS CB  HB3  sing N N 139 
HIS CG  ND1  sing Y N 140 
HIS CG  CD2  doub Y N 141 
HIS ND1 CE1  doub Y N 142 
HIS ND1 HD1  sing N N 143 
HIS CD2 NE2  sing Y N 144 
HIS CD2 HD2  sing N N 145 
HIS CE1 NE2  sing Y N 146 
HIS CE1 HE1  sing N N 147 
HIS NE2 HE2  sing N N 148 
HIS OXT HXT  sing N N 149 
HOH O   H1   sing N N 150 
HOH O   H2   sing N N 151 
ILE N   CA   sing N N 152 
ILE N   H    sing N N 153 
ILE N   H2   sing N N 154 
ILE CA  C    sing N N 155 
ILE CA  CB   sing N N 156 
ILE CA  HA   sing N N 157 
ILE C   O    doub N N 158 
ILE C   OXT  sing N N 159 
ILE CB  CG1  sing N N 160 
ILE CB  CG2  sing N N 161 
ILE CB  HB   sing N N 162 
ILE CG1 CD1  sing N N 163 
ILE CG1 HG12 sing N N 164 
ILE CG1 HG13 sing N N 165 
ILE CG2 HG21 sing N N 166 
ILE CG2 HG22 sing N N 167 
ILE CG2 HG23 sing N N 168 
ILE CD1 HD11 sing N N 169 
ILE CD1 HD12 sing N N 170 
ILE CD1 HD13 sing N N 171 
ILE OXT HXT  sing N N 172 
LEU N   CA   sing N N 173 
LEU N   H    sing N N 174 
LEU N   H2   sing N N 175 
LEU CA  C    sing N N 176 
LEU CA  CB   sing N N 177 
LEU CA  HA   sing N N 178 
LEU C   O    doub N N 179 
LEU C   OXT  sing N N 180 
LEU CB  CG   sing N N 181 
LEU CB  HB2  sing N N 182 
LEU CB  HB3  sing N N 183 
LEU CG  CD1  sing N N 184 
LEU CG  CD2  sing N N 185 
LEU CG  HG   sing N N 186 
LEU CD1 HD11 sing N N 187 
LEU CD1 HD12 sing N N 188 
LEU CD1 HD13 sing N N 189 
LEU CD2 HD21 sing N N 190 
LEU CD2 HD22 sing N N 191 
LEU CD2 HD23 sing N N 192 
LEU OXT HXT  sing N N 193 
LYS N   CA   sing N N 194 
LYS N   H    sing N N 195 
LYS N   H2   sing N N 196 
LYS CA  C    sing N N 197 
LYS CA  CB   sing N N 198 
LYS CA  HA   sing N N 199 
LYS C   O    doub N N 200 
LYS C   OXT  sing N N 201 
LYS CB  CG   sing N N 202 
LYS CB  HB2  sing N N 203 
LYS CB  HB3  sing N N 204 
LYS CG  CD   sing N N 205 
LYS CG  HG2  sing N N 206 
LYS CG  HG3  sing N N 207 
LYS CD  CE   sing N N 208 
LYS CD  HD2  sing N N 209 
LYS CD  HD3  sing N N 210 
LYS CE  NZ   sing N N 211 
LYS CE  HE2  sing N N 212 
LYS CE  HE3  sing N N 213 
LYS NZ  HZ1  sing N N 214 
LYS NZ  HZ2  sing N N 215 
LYS NZ  HZ3  sing N N 216 
LYS OXT HXT  sing N N 217 
MSE N   CA   sing N N 218 
MSE N   H    sing N N 219 
MSE N   H2   sing N N 220 
MSE CA  C    sing N N 221 
MSE CA  CB   sing N N 222 
MSE CA  HA   sing N N 223 
MSE C   O    doub N N 224 
MSE C   OXT  sing N N 225 
MSE OXT HXT  sing N N 226 
MSE CB  CG   sing N N 227 
MSE CB  HB2  sing N N 228 
MSE CB  HB3  sing N N 229 
MSE CG  SE   sing N N 230 
MSE CG  HG2  sing N N 231 
MSE CG  HG3  sing N N 232 
MSE SE  CE   sing N N 233 
MSE CE  HE1  sing N N 234 
MSE CE  HE2  sing N N 235 
MSE CE  HE3  sing N N 236 
PHE N   CA   sing N N 237 
PHE N   H    sing N N 238 
PHE N   H2   sing N N 239 
PHE CA  C    sing N N 240 
PHE CA  CB   sing N N 241 
PHE CA  HA   sing N N 242 
PHE C   O    doub N N 243 
PHE C   OXT  sing N N 244 
PHE CB  CG   sing N N 245 
PHE CB  HB2  sing N N 246 
PHE CB  HB3  sing N N 247 
PHE CG  CD1  doub Y N 248 
PHE CG  CD2  sing Y N 249 
PHE CD1 CE1  sing Y N 250 
PHE CD1 HD1  sing N N 251 
PHE CD2 CE2  doub Y N 252 
PHE CD2 HD2  sing N N 253 
PHE CE1 CZ   doub Y N 254 
PHE CE1 HE1  sing N N 255 
PHE CE2 CZ   sing Y N 256 
PHE CE2 HE2  sing N N 257 
PHE CZ  HZ   sing N N 258 
PHE OXT HXT  sing N N 259 
PRO N   CA   sing N N 260 
PRO N   CD   sing N N 261 
PRO N   H    sing N N 262 
PRO CA  C    sing N N 263 
PRO CA  CB   sing N N 264 
PRO CA  HA   sing N N 265 
PRO C   O    doub N N 266 
PRO C   OXT  sing N N 267 
PRO CB  CG   sing N N 268 
PRO CB  HB2  sing N N 269 
PRO CB  HB3  sing N N 270 
PRO CG  CD   sing N N 271 
PRO CG  HG2  sing N N 272 
PRO CG  HG3  sing N N 273 
PRO CD  HD2  sing N N 274 
PRO CD  HD3  sing N N 275 
PRO OXT HXT  sing N N 276 
SER N   CA   sing N N 277 
SER N   H    sing N N 278 
SER N   H2   sing N N 279 
SER CA  C    sing N N 280 
SER CA  CB   sing N N 281 
SER CA  HA   sing N N 282 
SER C   O    doub N N 283 
SER C   OXT  sing N N 284 
SER CB  OG   sing N N 285 
SER CB  HB2  sing N N 286 
SER CB  HB3  sing N N 287 
SER OG  HG   sing N N 288 
SER OXT HXT  sing N N 289 
THR N   CA   sing N N 290 
THR N   H    sing N N 291 
THR N   H2   sing N N 292 
THR CA  C    sing N N 293 
THR CA  CB   sing N N 294 
THR CA  HA   sing N N 295 
THR C   O    doub N N 296 
THR C   OXT  sing N N 297 
THR CB  OG1  sing N N 298 
THR CB  CG2  sing N N 299 
THR CB  HB   sing N N 300 
THR OG1 HG1  sing N N 301 
THR CG2 HG21 sing N N 302 
THR CG2 HG22 sing N N 303 
THR CG2 HG23 sing N N 304 
THR OXT HXT  sing N N 305 
TRP N   CA   sing N N 306 
TRP N   H    sing N N 307 
TRP N   H2   sing N N 308 
TRP CA  C    sing N N 309 
TRP CA  CB   sing N N 310 
TRP CA  HA   sing N N 311 
TRP C   O    doub N N 312 
TRP C   OXT  sing N N 313 
TRP CB  CG   sing N N 314 
TRP CB  HB2  sing N N 315 
TRP CB  HB3  sing N N 316 
TRP CG  CD1  doub Y N 317 
TRP CG  CD2  sing Y N 318 
TRP CD1 NE1  sing Y N 319 
TRP CD1 HD1  sing N N 320 
TRP CD2 CE2  doub Y N 321 
TRP CD2 CE3  sing Y N 322 
TRP NE1 CE2  sing Y N 323 
TRP NE1 HE1  sing N N 324 
TRP CE2 CZ2  sing Y N 325 
TRP CE3 CZ3  doub Y N 326 
TRP CE3 HE3  sing N N 327 
TRP CZ2 CH2  doub Y N 328 
TRP CZ2 HZ2  sing N N 329 
TRP CZ3 CH2  sing Y N 330 
TRP CZ3 HZ3  sing N N 331 
TRP CH2 HH2  sing N N 332 
TRP OXT HXT  sing N N 333 
TYR N   CA   sing N N 334 
TYR N   H    sing N N 335 
TYR N   H2   sing N N 336 
TYR CA  C    sing N N 337 
TYR CA  CB   sing N N 338 
TYR CA  HA   sing N N 339 
TYR C   O    doub N N 340 
TYR C   OXT  sing N N 341 
TYR CB  CG   sing N N 342 
TYR CB  HB2  sing N N 343 
TYR CB  HB3  sing N N 344 
TYR CG  CD1  doub Y N 345 
TYR CG  CD2  sing Y N 346 
TYR CD1 CE1  sing Y N 347 
TYR CD1 HD1  sing N N 348 
TYR CD2 CE2  doub Y N 349 
TYR CD2 HD2  sing N N 350 
TYR CE1 CZ   doub Y N 351 
TYR CE1 HE1  sing N N 352 
TYR CE2 CZ   sing Y N 353 
TYR CE2 HE2  sing N N 354 
TYR CZ  OH   sing N N 355 
TYR OH  HH   sing N N 356 
TYR OXT HXT  sing N N 357 
VAL N   CA   sing N N 358 
VAL N   H    sing N N 359 
VAL N   H2   sing N N 360 
VAL CA  C    sing N N 361 
VAL CA  CB   sing N N 362 
VAL CA  HA   sing N N 363 
VAL C   O    doub N N 364 
VAL C   OXT  sing N N 365 
VAL CB  CG1  sing N N 366 
VAL CB  CG2  sing N N 367 
VAL CB  HB   sing N N 368 
VAL CG1 HG11 sing N N 369 
VAL CG1 HG12 sing N N 370 
VAL CG1 HG13 sing N N 371 
VAL CG2 HG21 sing N N 372 
VAL CG2 HG22 sing N N 373 
VAL CG2 HG23 sing N N 374 
VAL OXT HXT  sing N N 375 
# 
_atom_sites.entry_id                    3LWA 
_atom_sites.fract_transf_matrix[1][1]   -0.01784071 
_atom_sites.fract_transf_matrix[1][2]   -0.01426522 
_atom_sites.fract_transf_matrix[1][3]   -0.01228765 
_atom_sites.fract_transf_matrix[2][1]   0.00737655 
_atom_sites.fract_transf_matrix[2][2]   0.01191935 
_atom_sites.fract_transf_matrix[2][3]   -0.02454782 
_atom_sites.fract_transf_matrix[3][1]   0.01110656 
_atom_sites.fract_transf_matrix[3][2]   -0.01462273 
_atom_sites.fract_transf_matrix[3][3]   -0.00376267 
_atom_sites.fract_transf_vector[1]      0.339493 
_atom_sites.fract_transf_vector[2]      0.445357 
_atom_sites.fract_transf_vector[3]      0.750180 
# 
loop_
_atom_type.symbol 
C  
CA 
N  
O  
S  
SE 
# 
loop_
_atom_site.group_PDB 
_atom_site.id 
_atom_site.type_symbol 
_atom_site.label_atom_id 
_atom_site.label_alt_id 
_atom_site.label_comp_id 
_atom_site.label_asym_id 
_atom_site.label_entity_id 
_atom_site.label_seq_id 
_atom_site.pdbx_PDB_ins_code 
_atom_site.Cartn_x 
_atom_site.Cartn_y 
_atom_site.Cartn_z 
_atom_site.occupancy 
_atom_site.B_iso_or_equiv 
_atom_site.pdbx_formal_charge 
_atom_site.auth_seq_id 
_atom_site.auth_comp_id 
_atom_site.auth_asym_id 
_atom_site.auth_atom_id 
_atom_site.pdbx_PDB_model_num 
ATOM   1    N  N   . GLY A 1 13  ? 17.990  3.446   -4.037  1.00 36.84 ? 37  GLY A N   1 
ATOM   2    C  CA  . GLY A 1 13  ? 18.272  4.735   -3.326  1.00 35.93 ? 37  GLY A CA  1 
ATOM   3    C  C   . GLY A 1 13  ? 17.469  4.912   -2.046  1.00 35.71 ? 37  GLY A C   1 
ATOM   4    O  O   . GLY A 1 13  ? 16.921  5.992   -1.794  1.00 36.24 ? 37  GLY A O   1 
ATOM   5    N  N   . GLY A 1 14  ? 17.401  3.850   -1.237  1.00 34.42 ? 38  GLY A N   1 
ATOM   6    C  CA  . GLY A 1 14  ? 16.706  3.883   0.060   1.00 32.70 ? 38  GLY A CA  1 
ATOM   7    C  C   . GLY A 1 14  ? 17.516  3.217   1.164   1.00 31.51 ? 38  GLY A C   1 
ATOM   8    O  O   . GLY A 1 14  ? 18.644  2.774   0.939   1.00 31.13 ? 38  GLY A O   1 
ATOM   9    N  N   . THR A 1 15  ? 16.947  3.146   2.367   1.00 29.73 ? 39  THR A N   1 
ATOM   10   C  CA  . THR A 1 15  ? 17.657  2.557   3.497   1.00 27.93 ? 39  THR A CA  1 
ATOM   11   C  C   . THR A 1 15  ? 16.834  1.484   4.204   1.00 27.23 ? 39  THR A C   1 
ATOM   12   O  O   . THR A 1 15  ? 17.370  0.726   5.019   1.00 26.62 ? 39  THR A O   1 
ATOM   13   C  CB  . THR A 1 15  ? 18.055  3.625   4.547   1.00 27.96 ? 39  THR A CB  1 
ATOM   14   O  OG1 . THR A 1 15  ? 16.874  4.244   5.080   1.00 26.47 ? 39  THR A OG1 1 
ATOM   15   C  CG2 . THR A 1 15  ? 18.942  4.691   3.933   1.00 28.37 ? 39  THR A CG2 1 
ATOM   16   N  N   . PHE A 1 16  ? 15.532  1.435   3.917   1.00 26.38 ? 40  PHE A N   1 
ATOM   17   C  CA  . PHE A 1 16  ? 14.640  0.506   4.615   1.00 25.74 ? 40  PHE A CA  1 
ATOM   18   C  C   . PHE A 1 16  ? 15.040  -0.952  4.472   1.00 25.60 ? 40  PHE A C   1 
ATOM   19   O  O   . PHE A 1 16  ? 15.174  -1.452  3.366   1.00 25.92 ? 40  PHE A O   1 
ATOM   20   C  CB  . PHE A 1 16  ? 13.192  0.667   4.159   1.00 25.58 ? 40  PHE A CB  1 
ATOM   21   C  CG  . PHE A 1 16  ? 12.236  -0.246  4.869   1.00 23.43 ? 40  PHE A CG  1 
ATOM   22   C  CD1 . PHE A 1 16  ? 12.041  -0.134  6.240   1.00 23.12 ? 40  PHE A CD1 1 
ATOM   23   C  CD2 . PHE A 1 16  ? 11.517  -1.197  4.165   1.00 25.12 ? 40  PHE A CD2 1 
ATOM   24   C  CE1 . PHE A 1 16  ? 11.148  -0.983  6.911   1.00 23.34 ? 40  PHE A CE1 1 
ATOM   25   C  CE2 . PHE A 1 16  ? 10.616  -2.061  4.830   1.00 24.10 ? 40  PHE A CE2 1 
ATOM   26   C  CZ  . PHE A 1 16  ? 10.435  -1.937  6.196   1.00 21.66 ? 40  PHE A CZ  1 
ATOM   27   N  N   . GLN A 1 17  ? 15.209  -1.623  5.598   1.00 26.22 ? 41  GLN A N   1 
ATOM   28   C  CA  . GLN A 1 17  ? 15.501  -3.054  5.619   1.00 27.00 ? 41  GLN A CA  1 
ATOM   29   C  C   . GLN A 1 17  ? 14.474  -3.736  6.512   1.00 27.35 ? 41  GLN A C   1 
ATOM   30   O  O   . GLN A 1 17  ? 14.293  -3.365  7.671   1.00 28.27 ? 41  GLN A O   1 
ATOM   31   C  CB  . GLN A 1 17  ? 16.934  -3.332  6.120   1.00 27.44 ? 41  GLN A CB  1 
ATOM   32   N  N   . PHE A 1 18  ? 13.793  -4.733  5.961   1.00 28.22 ? 42  PHE A N   1 
ATOM   33   C  CA  . PHE A 1 18  ? 12.741  -5.425  6.677   1.00 28.59 ? 42  PHE A CA  1 
ATOM   34   C  C   . PHE A 1 18  ? 13.254  -6.711  7.323   1.00 29.25 ? 42  PHE A C   1 
ATOM   35   O  O   . PHE A 1 18  ? 13.976  -7.464  6.687   1.00 29.37 ? 42  PHE A O   1 
ATOM   36   C  CB  . PHE A 1 18  ? 11.630  -5.777  5.704   1.00 28.92 ? 42  PHE A CB  1 
ATOM   37   C  CG  . PHE A 1 18  ? 10.603  -6.673  6.291   1.00 29.64 ? 42  PHE A CG  1 
ATOM   38   C  CD1 . PHE A 1 18  ? 9.661   -6.165  7.177   1.00 29.30 ? 42  PHE A CD1 1 
ATOM   39   C  CD2 . PHE A 1 18  ? 10.599  -8.028  5.995   1.00 30.62 ? 42  PHE A CD2 1 
ATOM   40   C  CE1 . PHE A 1 18  ? 8.723   -6.984  7.734   1.00 29.88 ? 42  PHE A CE1 1 
ATOM   41   C  CE2 . PHE A 1 18  ? 9.661   -8.854  6.553   1.00 31.57 ? 42  PHE A CE2 1 
ATOM   42   C  CZ  . PHE A 1 18  ? 8.722   -8.334  7.424   1.00 31.88 ? 42  PHE A CZ  1 
ATOM   43   N  N   . HIS A 1 19  ? 12.867  -6.960  8.571   1.00 29.84 ? 43  HIS A N   1 
ATOM   44   C  CA  . HIS A 1 19  ? 13.187  -8.230  9.257   1.00 31.08 ? 43  HIS A CA  1 
ATOM   45   C  C   . HIS A 1 19  ? 12.093  -8.643  10.234  1.00 31.80 ? 43  HIS A C   1 
ATOM   46   O  O   . HIS A 1 19  ? 11.632  -7.825  11.039  1.00 32.37 ? 43  HIS A O   1 
ATOM   47   C  CB  . HIS A 1 19  ? 14.533  -8.135  9.992   1.00 31.39 ? 43  HIS A CB  1 
ATOM   48   N  N   . SER A 1 20  ? 11.674  -9.905  10.172  1.00 32.57 ? 44  SER A N   1 
ATOM   49   C  CA  . SER A 1 20  ? 10.741  -10.447 11.163  1.00 33.63 ? 44  SER A CA  1 
ATOM   50   C  C   . SER A 1 20  ? 11.138  -11.877 11.542  1.00 34.07 ? 44  SER A C   1 
ATOM   51   O  O   . SER A 1 20  ? 10.495  -12.829 11.105  1.00 34.75 ? 44  SER A O   1 
ATOM   52   C  CB  . SER A 1 20  ? 9.310   -10.423 10.626  1.00 33.68 ? 44  SER A CB  1 
ATOM   53   O  OG  . SER A 1 20  ? 8.388   -10.750 11.657  1.00 34.64 ? 44  SER A OG  1 
ATOM   54   N  N   . PRO A 1 21  ? 12.195  -12.035 12.365  1.00 34.20 ? 45  PRO A N   1 
ATOM   55   C  CA  . PRO A 1 21  ? 12.763  -13.365 12.670  1.00 33.83 ? 45  PRO A CA  1 
ATOM   56   C  C   . PRO A 1 21  ? 11.940  -14.213 13.661  1.00 33.08 ? 45  PRO A C   1 
ATOM   57   O  O   . PRO A 1 21  ? 12.276  -15.391 13.876  1.00 33.55 ? 45  PRO A O   1 
ATOM   58   C  CB  . PRO A 1 21  ? 14.111  -13.014 13.307  1.00 33.93 ? 45  PRO A CB  1 
ATOM   59   C  CG  . PRO A 1 21  ? 13.809  -11.745 14.070  1.00 34.58 ? 45  PRO A CG  1 
ATOM   60   C  CD  . PRO A 1 21  ? 12.859  -10.971 13.150  1.00 34.63 ? 45  PRO A CD  1 
ATOM   61   N  N   . ASP A 1 22  ? 10.904  -13.618 14.263  1.00 31.46 ? 46  ASP A N   1 
ATOM   62   C  CA  . ASP A 1 22  ? 10.057  -14.272 15.275  1.00 30.21 ? 46  ASP A CA  1 
ATOM   63   C  C   . ASP A 1 22  ? 8.722   -14.785 14.703  1.00 29.16 ? 46  ASP A C   1 
ATOM   64   O  O   . ASP A 1 22  ? 7.847   -15.215 15.458  1.00 29.16 ? 46  ASP A O   1 
ATOM   65   C  CB  . ASP A 1 22  ? 9.801   -13.318 16.460  1.00 30.71 ? 46  ASP A CB  1 
ATOM   66   N  N   . GLY A 1 23  ? 8.576   -14.747 13.377  1.00 27.99 ? 47  GLY A N   1 
ATOM   67   C  CA  . GLY A 1 23  ? 7.372   -15.259 12.710  1.00 26.99 ? 47  GLY A CA  1 
ATOM   68   C  C   . GLY A 1 23  ? 6.152   -14.362 12.901  1.00 26.65 ? 47  GLY A C   1 
ATOM   69   O  O   . GLY A 1 23  ? 5.035   -14.765 12.596  1.00 26.27 ? 47  GLY A O   1 
ATOM   70   N  N   . LYS A 1 24  ? 6.367   -13.152 13.420  1.00 25.98 ? 48  LYS A N   1 
ATOM   71   C  CA  . LYS A 1 24  ? 5.252   -12.219 13.657  1.00 25.50 ? 48  LYS A CA  1 
ATOM   72   C  C   . LYS A 1 24  ? 4.747   -11.703 12.316  1.00 25.54 ? 48  LYS A C   1 
ATOM   73   O  O   . LYS A 1 24  ? 5.539   -11.490 11.403  1.00 25.64 ? 48  LYS A O   1 
ATOM   74   C  CB  . LYS A 1 24  ? 5.715   -11.054 14.532  1.00 25.98 ? 48  LYS A CB  1 
HETATM 75   N  N   . MSE A 1 25  ? 3.436   -11.487 12.207  1.00 24.44 ? 49  MSE A N   1 
HETATM 76   C  CA  . MSE A 1 25  ? 2.816   -11.079 10.946  1.00 24.84 ? 49  MSE A CA  1 
HETATM 77   C  C   . MSE A 1 25  ? 2.467   -9.591  10.893  1.00 23.97 ? 49  MSE A C   1 
HETATM 78   O  O   . MSE A 1 25  ? 1.826   -9.126  9.953   1.00 24.36 ? 49  MSE A O   1 
HETATM 79   C  CB  . MSE A 1 25  ? 1.564   -11.895 10.703  1.00 26.04 ? 49  MSE A CB  1 
HETATM 80   C  CG  . MSE A 1 25  ? 1.843   -13.353 10.515  1.00 30.56 ? 49  MSE A CG  1 
HETATM 81   SE SE  . MSE A 1 25  ? 0.176   -14.314 10.304  1.00 44.87 ? 49  MSE A SE  1 
HETATM 82   C  CE  . MSE A 1 25  ? -0.345  -14.429 12.185  1.00 40.36 ? 49  MSE A CE  1 
ATOM   83   N  N   . GLU A 1 26  ? 2.897   -8.860  11.909  1.00 22.85 ? 50  GLU A N   1 
ATOM   84   C  CA  . GLU A 1 26  ? 2.787   -7.400  11.922  1.00 23.73 ? 50  GLU A CA  1 
ATOM   85   C  C   . GLU A 1 26  ? 3.973   -6.829  12.714  1.00 23.17 ? 50  GLU A C   1 
ATOM   86   O  O   . GLU A 1 26  ? 4.347   -7.366  13.765  1.00 22.40 ? 50  GLU A O   1 
ATOM   87   C  CB  . GLU A 1 26  ? 1.441   -6.935  12.501  1.00 24.10 ? 50  GLU A CB  1 
ATOM   88   C  CG  . GLU A 1 26  ? 1.104   -7.483  13.898  1.00 28.05 ? 50  GLU A CG  1 
ATOM   89   C  CD  . GLU A 1 26  ? -0.002  -6.703  14.619  1.00 34.17 ? 50  GLU A CD  1 
ATOM   90   O  OE1 . GLU A 1 26  ? -1.041  -6.389  14.006  1.00 37.54 ? 50  GLU A OE1 1 
ATOM   91   O  OE2 . GLU A 1 26  ? 0.159   -6.421  15.824  1.00 38.38 ? 50  GLU A OE2 1 
ATOM   92   N  N   . ILE A 1 27  ? 4.543   -5.747  12.194  1.00 22.41 ? 51  ILE A N   1 
ATOM   93   C  CA  . ILE A 1 27  ? 5.748   -5.120  12.726  1.00 23.16 ? 51  ILE A CA  1 
ATOM   94   C  C   . ILE A 1 27  ? 5.513   -3.623  12.760  1.00 22.15 ? 51  ILE A C   1 
ATOM   95   O  O   . ILE A 1 27  ? 5.073   -3.062  11.769  1.00 21.76 ? 51  ILE A O   1 
ATOM   96   C  CB  . ILE A 1 27  ? 6.945   -5.393  11.792  1.00 22.75 ? 51  ILE A CB  1 
ATOM   97   C  CG1 . ILE A 1 27  ? 7.159   -6.891  11.682  1.00 27.19 ? 51  ILE A CG1 1 
ATOM   98   C  CG2 . ILE A 1 27  ? 8.229   -4.751  12.321  1.00 25.46 ? 51  ILE A CG2 1 
ATOM   99   C  CD1 . ILE A 1 27  ? 7.790   -7.286  10.407  1.00 31.81 ? 51  ILE A CD1 1 
ATOM   100  N  N   . PHE A 1 28  ? 5.821   -2.987  13.888  1.00 22.38 ? 52  PHE A N   1 
ATOM   101  C  CA  . PHE A 1 28  ? 5.630   -1.550  14.034  1.00 22.73 ? 52  PHE A CA  1 
ATOM   102  C  C   . PHE A 1 28  ? 6.966   -0.875  14.281  1.00 22.97 ? 52  PHE A C   1 
ATOM   103  O  O   . PHE A 1 28  ? 7.827   -1.430  14.965  1.00 22.69 ? 52  PHE A O   1 
ATOM   104  C  CB  . PHE A 1 28  ? 4.657   -1.255  15.167  1.00 23.03 ? 52  PHE A CB  1 
ATOM   105  C  CG  . PHE A 1 28  ? 3.318   -1.913  14.993  1.00 23.48 ? 52  PHE A CG  1 
ATOM   106  C  CD1 . PHE A 1 28  ? 2.311   -1.292  14.259  1.00 23.80 ? 52  PHE A CD1 1 
ATOM   107  C  CD2 . PHE A 1 28  ? 3.067   -3.165  15.552  1.00 24.12 ? 52  PHE A CD2 1 
ATOM   108  C  CE1 . PHE A 1 28  ? 1.058   -1.921  14.090  1.00 23.85 ? 52  PHE A CE1 1 
ATOM   109  C  CE2 . PHE A 1 28  ? 1.849   -3.792  15.390  1.00 25.48 ? 52  PHE A CE2 1 
ATOM   110  C  CZ  . PHE A 1 28  ? 0.832   -3.176  14.666  1.00 24.73 ? 52  PHE A CZ  1 
ATOM   111  N  N   . TYR A 1 29  ? 7.139   0.314   13.717  1.00 22.13 ? 53  TYR A N   1 
ATOM   112  C  CA  . TYR A 1 29  ? 8.394   1.046   13.813  1.00 23.05 ? 53  TYR A CA  1 
ATOM   113  C  C   . TYR A 1 29  ? 8.224   2.364   14.523  1.00 24.08 ? 53  TYR A C   1 
ATOM   114  O  O   . TYR A 1 29  ? 7.503   3.246   14.038  1.00 22.72 ? 53  TYR A O   1 
ATOM   115  C  CB  . TYR A 1 29  ? 8.936   1.337   12.413  1.00 22.77 ? 53  TYR A CB  1 
ATOM   116  C  CG  . TYR A 1 29  ? 9.155   0.085   11.612  1.00 23.10 ? 53  TYR A CG  1 
ATOM   117  C  CD1 . TYR A 1 29  ? 10.259  -0.733  11.849  1.00 25.21 ? 53  TYR A CD1 1 
ATOM   118  C  CD2 . TYR A 1 29  ? 8.254   -0.295  10.640  1.00 24.02 ? 53  TYR A CD2 1 
ATOM   119  C  CE1 . TYR A 1 29  ? 10.453  -1.897  11.114  1.00 26.91 ? 53  TYR A CE1 1 
ATOM   120  C  CE2 . TYR A 1 29  ? 8.425   -1.453  9.904   1.00 26.71 ? 53  TYR A CE2 1 
ATOM   121  C  CZ  . TYR A 1 29  ? 9.537   -2.245  10.137  1.00 25.26 ? 53  TYR A CZ  1 
ATOM   122  O  OH  . TYR A 1 29  ? 9.699   -3.396  9.408   1.00 26.85 ? 53  TYR A OH  1 
ATOM   123  N  N   . ASP A 1 30  ? 8.913   2.510   15.650  1.00 25.85 ? 54  ASP A N   1 
ATOM   124  C  CA  . ASP A 1 30  ? 8.950   3.786   16.359  1.00 27.73 ? 54  ASP A CA  1 
ATOM   125  C  C   . ASP A 1 30  ? 9.583   4.835   15.462  1.00 27.98 ? 54  ASP A C   1 
ATOM   126  O  O   . ASP A 1 30  ? 10.421  4.509   14.619  1.00 26.69 ? 54  ASP A O   1 
ATOM   127  C  CB  . ASP A 1 30  ? 9.765   3.658   17.636  1.00 28.67 ? 54  ASP A CB  1 
ATOM   128  C  CG  . ASP A 1 30  ? 9.059   2.846   18.703  1.00 32.88 ? 54  ASP A CG  1 
ATOM   129  O  OD1 . ASP A 1 30  ? 7.810   2.740   18.667  1.00 38.62 ? 54  ASP A OD1 1 
ATOM   130  O  OD2 . ASP A 1 30  ? 9.764   2.312   19.592  1.00 38.92 ? 54  ASP A OD2 1 
ATOM   131  N  N   . GLU A 1 31  ? 9.189   6.091   15.667  1.00 29.08 ? 55  GLU A N   1 
ATOM   132  C  CA  . GLU A 1 31  ? 9.623   7.203   14.840  1.00 31.20 ? 55  GLU A CA  1 
ATOM   133  C  C   . GLU A 1 31  ? 11.137  7.224   14.616  1.00 31.39 ? 55  GLU A C   1 
ATOM   134  O  O   . GLU A 1 31  ? 11.607  7.347   13.478  1.00 31.34 ? 55  GLU A O   1 
ATOM   135  C  CB  . GLU A 1 31  ? 9.138   8.521   15.447  1.00 31.76 ? 55  GLU A CB  1 
ATOM   136  C  CG  . GLU A 1 31  ? 8.787   9.579   14.406  1.00 35.88 ? 55  GLU A CG  1 
ATOM   137  C  CD  . GLU A 1 31  ? 8.061   10.771  15.007  1.00 41.21 ? 55  GLU A CD  1 
ATOM   138  O  OE1 . GLU A 1 31  ? 7.094   10.556  15.774  1.00 43.87 ? 55  GLU A OE1 1 
ATOM   139  O  OE2 . GLU A 1 31  ? 8.454   11.918  14.714  1.00 44.45 ? 55  GLU A OE2 1 
ATOM   140  N  N   . ALA A 1 32  ? 11.898  7.039   15.691  1.00 32.10 ? 56  ALA A N   1 
ATOM   141  C  CA  . ALA A 1 32  ? 13.355  7.084   15.605  1.00 33.12 ? 56  ALA A CA  1 
ATOM   142  C  C   . ALA A 1 32  ? 13.949  5.940   14.782  1.00 33.39 ? 56  ALA A C   1 
ATOM   143  O  O   . ALA A 1 32  ? 15.046  6.081   14.247  1.00 34.73 ? 56  ALA A O   1 
ATOM   144  C  CB  . ALA A 1 32  ? 13.978  7.130   17.000  1.00 33.51 ? 56  ALA A CB  1 
ATOM   145  N  N   . ASP A 1 33  ? 13.225  4.832   14.662  1.00 32.52 ? 57  ASP A N   1 
ATOM   146  C  CA  . ASP A 1 33  ? 13.711  3.677   13.928  1.00 32.10 ? 57  ASP A CA  1 
ATOM   147  C  C   . ASP A 1 33  ? 13.256  3.678   12.468  1.00 30.93 ? 57  ASP A C   1 
ATOM   148  O  O   . ASP A 1 33  ? 13.461  2.699   11.756  1.00 32.29 ? 57  ASP A O   1 
ATOM   149  C  CB  . ASP A 1 33  ? 13.270  2.384   14.605  1.00 32.16 ? 57  ASP A CB  1 
ATOM   150  N  N   . ARG A 1 34  ? 12.618  4.750   12.015  1.00 29.42 ? 58  ARG A N   1 
ATOM   151  C  CA  . ARG A 1 34  ? 12.098  4.734   10.655  1.00 27.82 ? 58  ARG A CA  1 
ATOM   152  C  C   . ARG A 1 34  ? 13.150  5.023   9.592   1.00 27.66 ? 58  ARG A C   1 
ATOM   153  O  O   . ARG A 1 34  ? 14.035  5.854   9.781   1.00 27.52 ? 58  ARG A O   1 
ATOM   154  C  CB  . ARG A 1 34  ? 10.876  5.624   10.519  1.00 27.27 ? 58  ARG A CB  1 
ATOM   155  C  CG  . ARG A 1 34  ? 9.706   4.974   11.215  1.00 23.59 ? 58  ARG A CG  1 
ATOM   156  C  CD  . ARG A 1 34  ? 8.475   5.773   11.075  1.00 21.91 ? 58  ARG A CD  1 
ATOM   157  N  NE  . ARG A 1 34  ? 7.599   5.478   12.189  1.00 19.74 ? 58  ARG A NE  1 
ATOM   158  C  CZ  . ARG A 1 34  ? 6.671   6.313   12.618  1.00 21.85 ? 58  ARG A CZ  1 
ATOM   159  N  NH1 . ARG A 1 34  ? 6.524   7.486   12.018  1.00 18.95 ? 58  ARG A NH1 1 
ATOM   160  N  NH2 . ARG A 1 34  ? 5.925   5.983   13.648  1.00 21.49 ? 58  ARG A NH2 1 
ATOM   161  N  N   . GLN A 1 35  ? 13.038  4.305   8.487   1.00 27.13 ? 59  GLN A N   1 
ATOM   162  C  CA  . GLN A 1 35  ? 14.011  4.363   7.412   1.00 28.17 ? 59  GLN A CA  1 
ATOM   163  C  C   . GLN A 1 35  ? 13.330  4.845   6.134   1.00 27.77 ? 59  GLN A C   1 
ATOM   164  O  O   . GLN A 1 35  ? 12.114  4.859   6.046   1.00 28.21 ? 59  GLN A O   1 
ATOM   165  C  CB  . GLN A 1 35  ? 14.640  2.985   7.206   1.00 28.42 ? 59  GLN A CB  1 
ATOM   166  C  CG  . GLN A 1 35  ? 15.623  2.577   8.312   1.00 30.72 ? 59  GLN A CG  1 
ATOM   167  C  CD  . GLN A 1 35  ? 16.045  1.111   8.256   1.00 33.60 ? 59  GLN A CD  1 
ATOM   168  O  OE1 . GLN A 1 35  ? 15.232  0.210   7.997   1.00 33.28 ? 59  GLN A OE1 1 
ATOM   169  N  NE2 . GLN A 1 35  ? 17.333  0.864   8.518   1.00 34.00 ? 59  GLN A NE2 1 
ATOM   170  N  N   . GLN A 1 36  ? 14.121  5.228   5.143   1.00 28.39 ? 60  GLN A N   1 
ATOM   171  C  CA  . GLN A 1 36  ? 13.580  5.864   3.942   1.00 28.41 ? 60  GLN A CA  1 
ATOM   172  C  C   . GLN A 1 36  ? 13.394  4.849   2.820   1.00 27.86 ? 60  GLN A C   1 
ATOM   173  O  O   . GLN A 1 36  ? 14.166  3.910   2.687   1.00 26.34 ? 60  GLN A O   1 
ATOM   174  C  CB  . GLN A 1 36  ? 14.499  6.985   3.422   1.00 29.26 ? 60  GLN A CB  1 
ATOM   175  C  CG  . GLN A 1 36  ? 15.269  7.788   4.472   1.00 31.40 ? 60  GLN A CG  1 
ATOM   176  C  CD  . GLN A 1 36  ? 16.405  8.604   3.849   1.00 33.73 ? 60  GLN A CD  1 
ATOM   177  O  OE1 . GLN A 1 36  ? 16.571  8.633   2.621   1.00 38.21 ? 60  GLN A OE1 1 
ATOM   178  N  NE2 . GLN A 1 36  ? 17.188  9.256   4.689   1.00 31.32 ? 60  GLN A NE2 1 
ATOM   179  N  N   . LEU A 1 37  ? 12.376  5.073   1.993   1.00 27.32 ? 61  LEU A N   1 
ATOM   180  C  CA  . LEU A 1 37  ? 12.180  4.285   0.771   1.00 27.60 ? 61  LEU A CA  1 
ATOM   181  C  C   . LEU A 1 37  ? 12.624  5.120   -0.425  1.00 27.63 ? 61  LEU A C   1 
ATOM   182  O  O   . LEU A 1 37  ? 12.698  6.352   -0.314  1.00 27.84 ? 61  LEU A O   1 
ATOM   183  C  CB  . LEU A 1 37  ? 10.703  3.886   0.627   1.00 27.87 ? 61  LEU A CB  1 
ATOM   184  C  CG  . LEU A 1 37  ? 10.079  3.004   1.713   1.00 27.43 ? 61  LEU A CG  1 
ATOM   185  C  CD1 . LEU A 1 37  ? 8.576   3.043   1.614   1.00 28.11 ? 61  LEU A CD1 1 
ATOM   186  C  CD2 . LEU A 1 37  ? 10.579  1.556   1.600   1.00 25.93 ? 61  LEU A CD2 1 
ATOM   187  N  N   . PRO A 1 38  ? 12.943  4.468   -1.571  1.00 27.33 ? 62  PRO A N   1 
ATOM   188  C  CA  . PRO A 1 38  ? 13.097  5.258   -2.790  1.00 27.19 ? 62  PRO A CA  1 
ATOM   189  C  C   . PRO A 1 38  ? 11.727  5.807   -3.214  1.00 27.50 ? 62  PRO A C   1 
ATOM   190  O  O   . PRO A 1 38  ? 10.713  5.487   -2.584  1.00 26.18 ? 62  PRO A O   1 
ATOM   191  C  CB  . PRO A 1 38  ? 13.616  4.244   -3.827  1.00 28.06 ? 62  PRO A CB  1 
ATOM   192  C  CG  . PRO A 1 38  ? 13.681  2.907   -3.138  1.00 27.87 ? 62  PRO A CG  1 
ATOM   193  C  CD  . PRO A 1 38  ? 12.962  3.017   -1.829  1.00 27.68 ? 62  PRO A CD  1 
ATOM   194  N  N   . ASP A 1 39  ? 11.696  6.648   -4.246  1.00 27.85 ? 63  ASP A N   1 
ATOM   195  C  CA  . ASP A 1 39  ? 10.417  7.190   -4.727  1.00 27.92 ? 63  ASP A CA  1 
ATOM   196  C  C   . ASP A 1 39  ? 9.655   6.141   -5.550  1.00 27.55 ? 63  ASP A C   1 
ATOM   197  O  O   . ASP A 1 39  ? 9.630   6.193   -6.787  1.00 27.31 ? 63  ASP A O   1 
ATOM   198  C  CB  . ASP A 1 39  ? 10.641  8.485   -5.514  1.00 28.31 ? 63  ASP A CB  1 
ATOM   199  C  CG  . ASP A 1 39  ? 9.336   9.182   -5.900  1.00 30.31 ? 63  ASP A CG  1 
ATOM   200  O  OD1 . ASP A 1 39  ? 8.290   8.882   -5.299  1.00 32.34 ? 63  ASP A OD1 1 
ATOM   201  O  OD2 . ASP A 1 39  ? 9.361   10.031  -6.816  1.00 33.26 ? 63  ASP A OD2 1 
ATOM   202  N  N   . ILE A 1 40  ? 9.027   5.207   -4.837  1.00 26.94 ? 64  ILE A N   1 
ATOM   203  C  CA  . ILE A 1 40  ? 8.355   4.051   -5.427  1.00 27.22 ? 64  ILE A CA  1 
ATOM   204  C  C   . ILE A 1 40  ? 7.340   4.501   -6.472  1.00 27.12 ? 64  ILE A C   1 
ATOM   205  O  O   . ILE A 1 40  ? 6.530   5.409   -6.221  1.00 27.44 ? 64  ILE A O   1 
ATOM   206  C  CB  . ILE A 1 40  ? 7.698   3.154   -4.320  1.00 27.23 ? 64  ILE A CB  1 
ATOM   207  C  CG1 . ILE A 1 40  ? 8.769   2.564   -3.384  1.00 29.01 ? 64  ILE A CG1 1 
ATOM   208  C  CG2 . ILE A 1 40  ? 6.865   2.038   -4.916  1.00 27.88 ? 64  ILE A CG2 1 
ATOM   209  C  CD1 . ILE A 1 40  ? 10.032  2.151   -4.100  1.00 32.17 ? 64  ILE A CD1 1 
ATOM   210  N  N   . GLY A 1 41  ? 7.380   3.868   -7.634  1.00 26.76 ? 65  GLY A N   1 
ATOM   211  C  CA  . GLY A 1 41  ? 6.471   4.255   -8.705  1.00 26.35 ? 65  GLY A CA  1 
ATOM   212  C  C   . GLY A 1 41  ? 6.199   3.159   -9.698  1.00 25.52 ? 65  GLY A C   1 
ATOM   213  O  O   . GLY A 1 41  ? 6.872   2.115   -9.700  1.00 26.46 ? 65  GLY A O   1 
ATOM   214  N  N   . GLY A 1 42  ? 5.213   3.395   -10.547 1.00 24.27 ? 66  GLY A N   1 
ATOM   215  C  CA  . GLY A 1 42  ? 4.978   2.495   -11.668 1.00 23.15 ? 66  GLY A CA  1 
ATOM   216  C  C   . GLY A 1 42  ? 3.836   2.977   -12.516 1.00 22.36 ? 66  GLY A C   1 
ATOM   217  O  O   . GLY A 1 42  ? 3.256   4.026   -12.242 1.00 21.20 ? 66  GLY A O   1 
ATOM   218  N  N   . ASP A 1 43  ? 3.489   2.193   -13.533 1.00 21.31 ? 67  ASP A N   1 
ATOM   219  C  CA  . ASP A 1 43  ? 2.402   2.573   -14.433 1.00 20.91 ? 67  ASP A CA  1 
ATOM   220  C  C   . ASP A 1 43  ? 1.064   2.533   -13.695 1.00 19.74 ? 67  ASP A C   1 
ATOM   221  O  O   . ASP A 1 43  ? 0.785   1.589   -12.940 1.00 19.09 ? 67  ASP A O   1 
ATOM   222  C  CB  . ASP A 1 43  ? 2.340   1.652   -15.642 1.00 21.75 ? 67  ASP A CB  1 
ATOM   223  C  CG  . ASP A 1 43  ? 1.571   2.274   -16.818 1.00 25.53 ? 67  ASP A CG  1 
ATOM   224  O  OD1 . ASP A 1 43  ? 1.764   3.478   -17.120 1.00 30.20 ? 67  ASP A OD1 1 
ATOM   225  O  OD2 . ASP A 1 43  ? 0.776   1.551   -17.456 1.00 31.09 ? 67  ASP A OD2 1 
ATOM   226  N  N   . SER A 1 44  ? 0.242   3.561   -13.905 1.00 19.16 ? 68  SER A N   1 
ATOM   227  C  CA  . SER A 1 44  ? -1.082  3.588   -13.320 1.00 18.48 ? 68  SER A CA  1 
ATOM   228  C  C   . SER A 1 44  ? -1.941  2.450   -13.873 1.00 18.56 ? 68  SER A C   1 
ATOM   229  O  O   . SER A 1 44  ? -1.936  2.227   -15.070 1.00 19.05 ? 68  SER A O   1 
ATOM   230  C  CB  . SER A 1 44  ? -1.771  4.905   -13.653 1.00 18.60 ? 68  SER A CB  1 
ATOM   231  O  OG  . SER A 1 44  ? -3.133  4.791   -13.285 1.00 21.94 ? 68  SER A OG  1 
ATOM   232  N  N   . LEU A 1 45  ? -2.676  1.734   -13.016 1.00 18.46 ? 69  LEU A N   1 
ATOM   233  C  CA  . LEU A 1 45  ? -3.545  0.652   -13.479 1.00 19.18 ? 69  LEU A CA  1 
ATOM   234  C  C   . LEU A 1 45  ? -4.657  1.182   -14.390 1.00 21.48 ? 69  LEU A C   1 
ATOM   235  O  O   . LEU A 1 45  ? -4.902  0.623   -15.460 1.00 21.35 ? 69  LEU A O   1 
ATOM   236  C  CB  . LEU A 1 45  ? -4.164  -0.109  -12.294 1.00 19.30 ? 69  LEU A CB  1 
ATOM   237  C  CG  . LEU A 1 45  ? -5.185  -1.225  -12.566 1.00 20.05 ? 69  LEU A CG  1 
ATOM   238  C  CD1 . LEU A 1 45  ? -4.677  -2.242  -13.606 1.00 22.36 ? 69  LEU A CD1 1 
ATOM   239  C  CD2 . LEU A 1 45  ? -5.520  -1.940  -11.239 1.00 23.09 ? 69  LEU A CD2 1 
HETATM 240  N  N   . MSE A 1 46  ? -5.304  2.266   -13.959 1.00 22.69 ? 70  MSE A N   1 
HETATM 241  C  CA  . MSE A 1 46  ? -6.471  2.794   -14.676 1.00 25.74 ? 70  MSE A CA  1 
HETATM 242  C  C   . MSE A 1 46  ? -6.124  3.708   -15.861 1.00 26.24 ? 70  MSE A C   1 
HETATM 243  O  O   . MSE A 1 46  ? -6.930  3.864   -16.774 1.00 26.60 ? 70  MSE A O   1 
HETATM 244  C  CB  . MSE A 1 46  ? -7.442  3.506   -13.715 1.00 27.10 ? 70  MSE A CB  1 
HETATM 245  C  CG  . MSE A 1 46  ? -7.912  2.640   -12.550 1.00 32.82 ? 70  MSE A CG  1 
HETATM 246  SE SE  . MSE A 1 46  ? -8.999  1.107   -13.160 1.00 47.74 ? 70  MSE A SE  1 
HETATM 247  C  CE  . MSE A 1 46  ? -8.107  -0.265  -12.164 1.00 44.67 ? 70  MSE A CE  1 
ATOM   248  N  N   . GLU A 1 47  ? -4.932  4.296   -15.862 1.00 26.19 ? 71  GLU A N   1 
ATOM   249  C  CA  . GLU A 1 47  ? -4.526  5.196   -16.936 1.00 26.30 ? 71  GLU A CA  1 
ATOM   250  C  C   . GLU A 1 47  ? -3.198  4.768   -17.505 1.00 26.09 ? 71  GLU A C   1 
ATOM   251  O  O   . GLU A 1 47  ? -2.169  5.308   -17.111 1.00 25.94 ? 71  GLU A O   1 
ATOM   252  C  CB  . GLU A 1 47  ? -4.415  6.633   -16.408 1.00 26.44 ? 71  GLU A CB  1 
ATOM   253  N  N   . GLU A 1 48  ? -3.202  3.808   -18.426 1.00 26.45 ? 72  GLU A N   1 
ATOM   254  C  CA  . GLU A 1 48  ? -1.942  3.289   -18.964 1.00 27.26 ? 72  GLU A CA  1 
ATOM   255  C  C   . GLU A 1 48  ? -1.069  4.395   -19.584 1.00 27.00 ? 72  GLU A C   1 
ATOM   256  O  O   . GLU A 1 48  ? -1.559  5.197   -20.387 1.00 27.17 ? 72  GLU A O   1 
ATOM   257  C  CB  . GLU A 1 48  ? -2.195  2.156   -19.969 1.00 28.32 ? 72  GLU A CB  1 
ATOM   258  C  CG  . GLU A 1 48  ? -0.911  1.649   -20.613 1.00 31.71 ? 72  GLU A CG  1 
ATOM   259  C  CD  . GLU A 1 48  ? -1.082  0.349   -21.394 1.00 38.14 ? 72  GLU A CD  1 
ATOM   260  O  OE1 . GLU A 1 48  ? -0.038  -0.237  -21.779 1.00 40.11 ? 72  GLU A OE1 1 
ATOM   261  O  OE2 . GLU A 1 48  ? -2.240  -0.088  -21.612 1.00 40.09 ? 72  GLU A OE2 1 
ATOM   262  N  N   . GLY A 1 49  ? 0.206   4.453   -19.187 1.00 26.13 ? 73  GLY A N   1 
ATOM   263  C  CA  . GLY A 1 49  ? 1.141   5.458   -19.710 1.00 25.47 ? 73  GLY A CA  1 
ATOM   264  C  C   . GLY A 1 49  ? 1.408   6.623   -18.775 1.00 24.75 ? 73  GLY A C   1 
ATOM   265  O  O   . GLY A 1 49  ? 2.296   7.437   -19.024 1.00 24.99 ? 73  GLY A O   1 
ATOM   266  N  N   . THR A 1 50  ? 0.604   6.719   -17.721 1.00 23.80 ? 74  THR A N   1 
ATOM   267  C  CA  . THR A 1 50  ? 0.790   7.688   -16.669 1.00 23.88 ? 74  THR A CA  1 
ATOM   268  C  C   . THR A 1 50  ? 1.410   7.039   -15.432 1.00 23.36 ? 74  THR A C   1 
ATOM   269  O  O   . THR A 1 50  ? 0.852   6.078   -14.884 1.00 23.09 ? 74  THR A O   1 
ATOM   270  C  CB  . THR A 1 50  ? -0.549  8.318   -16.270 1.00 24.43 ? 74  THR A CB  1 
ATOM   271  O  OG1 . THR A 1 50  ? -1.086  9.018   -17.401 1.00 25.47 ? 74  THR A OG1 1 
ATOM   272  C  CG2 . THR A 1 50  ? -0.344  9.308   -15.134 1.00 25.48 ? 74  THR A CG2 1 
ATOM   273  N  N   . GLN A 1 51  ? 2.539   7.590   -14.989 1.00 22.52 ? 75  GLN A N   1 
ATOM   274  C  CA  . GLN A 1 51  ? 3.249   7.092   -13.798 1.00 22.18 ? 75  GLN A CA  1 
ATOM   275  C  C   . GLN A 1 51  ? 2.566   7.569   -12.519 1.00 22.23 ? 75  GLN A C   1 
ATOM   276  O  O   . GLN A 1 51  ? 1.953   8.642   -12.495 1.00 20.61 ? 75  GLN A O   1 
ATOM   277  C  CB  . GLN A 1 51  ? 4.706   7.544   -13.795 1.00 23.05 ? 75  GLN A CB  1 
ATOM   278  C  CG  . GLN A 1 51  ? 5.595   6.808   -14.792 1.00 26.06 ? 75  GLN A CG  1 
ATOM   279  C  CD  . GLN A 1 51  ? 5.793   5.335   -14.444 1.00 29.23 ? 75  GLN A CD  1 
ATOM   280  O  OE1 . GLN A 1 51  ? 6.471   5.004   -13.481 1.00 32.59 ? 75  GLN A OE1 1 
ATOM   281  N  NE2 . GLN A 1 51  ? 5.217   4.453   -15.245 1.00 30.57 ? 75  GLN A NE2 1 
ATOM   282  N  N   . ILE A 1 52  ? 2.605   6.743   -11.486 1.00 21.20 ? 76  ILE A N   1 
ATOM   283  C  CA  . ILE A 1 52  ? 2.254   7.190   -10.142 1.00 21.94 ? 76  ILE A CA  1 
ATOM   284  C  C   . ILE A 1 52  ? 3.490   6.922   -9.300  1.00 22.36 ? 76  ILE A C   1 
ATOM   285  O  O   . ILE A 1 52  ? 4.080   5.855   -9.413  1.00 21.72 ? 76  ILE A O   1 
ATOM   286  C  CB  . ILE A 1 52  ? 1.072   6.409   -9.545  1.00 22.15 ? 76  ILE A CB  1 
ATOM   287  C  CG1 . ILE A 1 52  ? -0.168  6.532   -10.420 1.00 24.46 ? 76  ILE A CG1 1 
ATOM   288  C  CG2 . ILE A 1 52  ? 0.768   6.921   -8.140  1.00 23.74 ? 76  ILE A CG2 1 
ATOM   289  C  CD1 . ILE A 1 52  ? -1.229  5.470   -10.159 1.00 26.57 ? 76  ILE A CD1 1 
ATOM   290  N  N   . ASN A 1 53  ? 3.887   7.898   -8.487  1.00 21.80 ? 77  ASN A N   1 
ATOM   291  C  CA  . ASN A 1 53  ? 5.013   7.738   -7.586  1.00 22.11 ? 77  ASN A CA  1 
ATOM   292  C  C   . ASN A 1 53  ? 4.586   8.203   -6.188  1.00 21.83 ? 77  ASN A C   1 
ATOM   293  O  O   . ASN A 1 53  ? 3.609   8.949   -6.045  1.00 20.63 ? 77  ASN A O   1 
ATOM   294  C  CB  . ASN A 1 53  ? 6.206   8.580   -8.045  1.00 22.33 ? 77  ASN A CB  1 
ATOM   295  C  CG  . ASN A 1 53  ? 6.798   8.106   -9.355  1.00 24.14 ? 77  ASN A CG  1 
ATOM   296  O  OD1 . ASN A 1 53  ? 6.333   8.472   -10.423 1.00 25.14 ? 77  ASN A OD1 1 
ATOM   297  N  ND2 . ASN A 1 53  ? 7.860   7.299   -9.268  1.00 25.84 ? 77  ASN A ND2 1 
ATOM   298  N  N   . LEU A 1 54  ? 5.325   7.778   -5.165  1.00 21.10 ? 78  LEU A N   1 
ATOM   299  C  CA  . LEU A 1 54  ? 5.102   8.301   -3.807  1.00 21.85 ? 78  LEU A CA  1 
ATOM   300  C  C   . LEU A 1 54  ? 5.182   9.821   -3.742  1.00 21.80 ? 78  LEU A C   1 
ATOM   301  O  O   . LEU A 1 54  ? 4.412   10.453  -3.014  1.00 22.24 ? 78  LEU A O   1 
ATOM   302  C  CB  . LEU A 1 54  ? 6.098   7.693   -2.822  1.00 21.74 ? 78  LEU A CB  1 
ATOM   303  C  CG  . LEU A 1 54  ? 5.988   6.183   -2.612  1.00 21.53 ? 78  LEU A CG  1 
ATOM   304  C  CD1 . LEU A 1 54  ? 7.072   5.745   -1.653  1.00 19.75 ? 78  LEU A CD1 1 
ATOM   305  C  CD2 . LEU A 1 54  ? 4.636   5.800   -2.073  1.00 22.92 ? 78  LEU A CD2 1 
ATOM   306  N  N   . SER A 1 55  ? 6.083   10.403  -4.535  1.00 21.77 ? 79  SER A N   1 
ATOM   307  C  CA  . SER A 1 55  ? 6.299   11.852  -4.540  1.00 23.02 ? 79  SER A CA  1 
ATOM   308  C  C   . SER A 1 55  ? 5.091   12.608  -5.057  1.00 22.93 ? 79  SER A C   1 
ATOM   309  O  O   . SER A 1 55  ? 5.049   13.826  -4.916  1.00 24.08 ? 79  SER A O   1 
ATOM   310  C  CB  . SER A 1 55  ? 7.547   12.227  -5.347  1.00 23.39 ? 79  SER A CB  1 
ATOM   311  O  OG  . SER A 1 55  ? 7.423   11.727  -6.650  1.00 25.14 ? 79  SER A OG  1 
ATOM   312  N  N   . ASP A 1 56  ? 4.105   11.899  -5.618  1.00 22.69 ? 80  ASP A N   1 
ATOM   313  C  CA  . ASP A 1 56  ? 2.793   12.499  -5.956  1.00 22.34 ? 80  ASP A CA  1 
ATOM   314  C  C   . ASP A 1 56  ? 1.911   12.741  -4.726  1.00 22.26 ? 80  ASP A C   1 
ATOM   315  O  O   . ASP A 1 56  ? 0.866   13.414  -4.810  1.00 21.76 ? 80  ASP A O   1 
ATOM   316  C  CB  . ASP A 1 56  ? 2.024   11.634  -6.970  1.00 22.65 ? 80  ASP A CB  1 
ATOM   317  C  CG  . ASP A 1 56  ? 2.704   11.590  -8.334  1.00 24.88 ? 80  ASP A CG  1 
ATOM   318  O  OD1 . ASP A 1 56  ? 3.283   12.623  -8.715  1.00 27.41 ? 80  ASP A OD1 1 
ATOM   319  O  OD2 . ASP A 1 56  ? 2.659   10.534  -9.010  1.00 24.57 ? 80  ASP A OD2 1 
ATOM   320  N  N   . PHE A 1 57  ? 2.326   12.188  -3.594  1.00 21.20 ? 81  PHE A N   1 
ATOM   321  C  CA  . PHE A 1 57  ? 1.526   12.231  -2.382  1.00 21.03 ? 81  PHE A CA  1 
ATOM   322  C  C   . PHE A 1 57  ? 2.350   12.815  -1.238  1.00 21.51 ? 81  PHE A C   1 
ATOM   323  O  O   . PHE A 1 57  ? 2.279   12.354  -0.087  1.00 20.95 ? 81  PHE A O   1 
ATOM   324  C  CB  . PHE A 1 57  ? 1.044   10.815  -2.046  1.00 21.23 ? 81  PHE A CB  1 
ATOM   325  C  CG  . PHE A 1 57  ? 0.268   10.162  -3.150  1.00 21.64 ? 81  PHE A CG  1 
ATOM   326  C  CD1 . PHE A 1 57  ? -1.022  10.589  -3.459  1.00 21.18 ? 81  PHE A CD1 1 
ATOM   327  C  CD2 . PHE A 1 57  ? 0.836   9.155   -3.903  1.00 21.29 ? 81  PHE A CD2 1 
ATOM   328  C  CE1 . PHE A 1 57  ? -1.760  9.977   -4.500  1.00 24.74 ? 81  PHE A CE1 1 
ATOM   329  C  CE2 . PHE A 1 57  ? 0.122   8.534   -4.932  1.00 22.37 ? 81  PHE A CE2 1 
ATOM   330  C  CZ  . PHE A 1 57  ? -1.171  8.941   -5.239  1.00 23.13 ? 81  PHE A CZ  1 
ATOM   331  N  N   . GLU A 1 58  ? 3.132   13.851  -1.552  1.00 21.95 ? 82  GLU A N   1 
ATOM   332  C  CA  . GLU A 1 58  ? 4.026   14.432  -0.558  1.00 23.41 ? 82  GLU A CA  1 
ATOM   333  C  C   . GLU A 1 58  ? 3.226   14.914  0.635   1.00 23.12 ? 82  GLU A C   1 
ATOM   334  O  O   . GLU A 1 58  ? 2.130   15.484  0.481   1.00 22.16 ? 82  GLU A O   1 
ATOM   335  C  CB  . GLU A 1 58  ? 4.871   15.571  -1.141  1.00 23.73 ? 82  GLU A CB  1 
ATOM   336  C  CG  . GLU A 1 58  ? 6.004   15.141  -2.083  1.00 30.76 ? 82  GLU A CG  1 
ATOM   337  C  CD  . GLU A 1 58  ? 7.146   14.327  -1.425  1.00 36.56 ? 82  GLU A CD  1 
ATOM   338  O  OE1 . GLU A 1 58  ? 7.281   14.298  -0.185  1.00 41.52 ? 82  GLU A OE1 1 
ATOM   339  O  OE2 . GLU A 1 58  ? 7.940   13.711  -2.173  1.00 40.54 ? 82  GLU A OE2 1 
ATOM   340  N  N   . ASN A 1 59  ? 3.748   14.635  1.820   1.00 23.44 ? 83  ASN A N   1 
ATOM   341  C  CA  . ASN A 1 59  ? 3.099   15.050  3.076   1.00 24.43 ? 83  ASN A CA  1 
ATOM   342  C  C   . ASN A 1 59  ? 1.786   14.333  3.394   1.00 23.45 ? 83  ASN A C   1 
ATOM   343  O  O   . ASN A 1 59  ? 1.066   14.719  4.325   1.00 24.22 ? 83  ASN A O   1 
ATOM   344  C  CB  . ASN A 1 59  ? 2.908   16.574  3.100   1.00 25.22 ? 83  ASN A CB  1 
ATOM   345  C  CG  . ASN A 1 59  ? 4.217   17.318  2.969   1.00 28.46 ? 83  ASN A CG  1 
ATOM   346  O  OD1 . ASN A 1 59  ? 4.398   18.122  2.045   1.00 31.34 ? 83  ASN A OD1 1 
ATOM   347  N  ND2 . ASN A 1 59  ? 5.158   17.031  3.874   1.00 30.45 ? 83  ASN A ND2 1 
ATOM   348  N  N   . GLN A 1 60  ? 1.464   13.304  2.618   1.00 21.23 ? 84  GLN A N   1 
ATOM   349  C  CA  . GLN A 1 60  ? 0.314   12.463  2.915   1.00 20.40 ? 84  GLN A CA  1 
ATOM   350  C  C   . GLN A 1 60  ? 0.768   11.115  3.432   1.00 19.21 ? 84  GLN A C   1 
ATOM   351  O  O   . GLN A 1 60  ? 1.809   10.589  3.007   1.00 19.43 ? 84  GLN A O   1 
ATOM   352  C  CB  . GLN A 1 60  ? -0.535  12.220  1.678   1.00 20.86 ? 84  GLN A CB  1 
ATOM   353  C  CG  . GLN A 1 60  ? -1.188  13.463  1.070   1.00 21.88 ? 84  GLN A CG  1 
ATOM   354  C  CD  . GLN A 1 60  ? -1.887  13.101  -0.222  1.00 23.47 ? 84  GLN A CD  1 
ATOM   355  O  OE1 . GLN A 1 60  ? -2.654  12.130  -0.281  1.00 26.64 ? 84  GLN A OE1 1 
ATOM   356  N  NE2 . GLN A 1 60  ? -1.592  13.846  -1.279  1.00 26.07 ? 84  GLN A NE2 1 
ATOM   357  N  N   . VAL A 1 61  ? -0.031  10.558  4.341   1.00 17.97 ? 85  VAL A N   1 
ATOM   358  C  CA  . VAL A 1 61  ? 0.147   9.179   4.769   1.00 17.80 ? 85  VAL A CA  1 
ATOM   359  C  C   . VAL A 1 61  ? -0.178  8.300   3.549   1.00 17.29 ? 85  VAL A C   1 
ATOM   360  O  O   . VAL A 1 61  ? -1.074  8.606   2.789   1.00 18.05 ? 85  VAL A O   1 
ATOM   361  C  CB  . VAL A 1 61  ? -0.729  8.854   5.997   1.00 17.14 ? 85  VAL A CB  1 
ATOM   362  C  CG1 . VAL A 1 61  ? -0.903  7.345   6.179   1.00 19.54 ? 85  VAL A CG1 1 
ATOM   363  C  CG2 . VAL A 1 61  ? -0.118  9.460   7.255   1.00 18.13 ? 85  VAL A CG2 1 
ATOM   364  N  N   . VAL A 1 62  ? 0.584   7.238   3.327   1.00 16.48 ? 86  VAL A N   1 
ATOM   365  C  CA  . VAL A 1 62  ? 0.302   6.371   2.197   1.00 16.69 ? 86  VAL A CA  1 
ATOM   366  C  C   . VAL A 1 62  ? 0.170   4.947   2.723   1.00 16.60 ? 86  VAL A C   1 
ATOM   367  O  O   . VAL A 1 62  ? 1.060   4.471   3.415   1.00 18.03 ? 86  VAL A O   1 
ATOM   368  C  CB  . VAL A 1 62  ? 1.426   6.459   1.121   1.00 16.17 ? 86  VAL A CB  1 
ATOM   369  C  CG1 . VAL A 1 62  ? 1.137   5.498   -0.031  1.00 17.16 ? 86  VAL A CG1 1 
ATOM   370  C  CG2 . VAL A 1 62  ? 1.523   7.892   0.562   1.00 19.05 ? 86  VAL A CG2 1 
ATOM   371  N  N   . ILE A 1 63  ? -0.892  4.254   2.345   1.00 15.98 ? 87  ILE A N   1 
ATOM   372  C  CA  . ILE A 1 63  ? -1.048  2.845   2.726   1.00 15.50 ? 87  ILE A CA  1 
ATOM   373  C  C   . ILE A 1 63  ? -0.785  2.051   1.475   1.00 16.13 ? 87  ILE A C   1 
ATOM   374  O  O   . ILE A 1 63  ? -1.636  1.974   0.593   1.00 17.01 ? 87  ILE A O   1 
ATOM   375  C  CB  . ILE A 1 63  ? -2.470  2.564   3.221   1.00 16.30 ? 87  ILE A CB  1 
ATOM   376  C  CG1 . ILE A 1 63  ? -2.879  3.593   4.279   1.00 16.89 ? 87  ILE A CG1 1 
ATOM   377  C  CG2 . ILE A 1 63  ? -2.654  1.109   3.678   1.00 15.62 ? 87  ILE A CG2 1 
ATOM   378  C  CD1 . ILE A 1 63  ? -1.988  3.723   5.478   1.00 18.94 ? 87  ILE A CD1 1 
ATOM   379  N  N   . LEU A 1 64  ? 0.397   1.472   1.366   1.00 15.39 ? 88  LEU A N   1 
ATOM   380  C  CA  . LEU A 1 64  ? 0.698   0.648   0.207   1.00 17.01 ? 88  LEU A CA  1 
ATOM   381  C  C   . LEU A 1 64  ? 0.071   -0.712  0.416   1.00 16.75 ? 88  LEU A C   1 
ATOM   382  O  O   . LEU A 1 64  ? 0.183   -1.284  1.498   1.00 17.51 ? 88  LEU A O   1 
ATOM   383  C  CB  . LEU A 1 64  ? 2.210   0.438   0.087   1.00 17.00 ? 88  LEU A CB  1 
ATOM   384  C  CG  . LEU A 1 64  ? 3.099   1.597   -0.307  1.00 20.60 ? 88  LEU A CG  1 
ATOM   385  C  CD1 . LEU A 1 64  ? 4.568   1.192   -0.164  1.00 23.62 ? 88  LEU A CD1 1 
ATOM   386  C  CD2 . LEU A 1 64  ? 2.749   2.047   -1.719  1.00 22.72 ? 88  LEU A CD2 1 
ATOM   387  N  N   . ASN A 1 65  ? -0.572  -1.249  -0.608  1.00 16.42 ? 89  ASN A N   1 
ATOM   388  C  CA  . ASN A 1 65  ? -1.219  -2.549  -0.473  1.00 17.73 ? 89  ASN A CA  1 
ATOM   389  C  C   . ASN A 1 65  ? -0.989  -3.388  -1.709  1.00 17.98 ? 89  ASN A C   1 
ATOM   390  O  O   . ASN A 1 65  ? -1.425  -3.011  -2.784  1.00 17.74 ? 89  ASN A O   1 
ATOM   391  C  CB  . ASN A 1 65  ? -2.737  -2.377  -0.239  1.00 18.39 ? 89  ASN A CB  1 
ATOM   392  C  CG  . ASN A 1 65  ? -3.475  -3.720  -0.179  1.00 20.58 ? 89  ASN A CG  1 
ATOM   393  O  OD1 . ASN A 1 65  ? -4.121  -4.133  -1.135  1.00 22.67 ? 89  ASN A OD1 1 
ATOM   394  N  ND2 . ASN A 1 65  ? -3.351  -4.411  0.951   1.00 24.81 ? 89  ASN A ND2 1 
ATOM   395  N  N   . ALA A 1 66  ? -0.284  -4.514  -1.561  1.00 17.19 ? 90  ALA A N   1 
ATOM   396  C  CA  . ALA A 1 66  ? -0.053  -5.438  -2.679  1.00 17.88 ? 90  ALA A CA  1 
ATOM   397  C  C   . ALA A 1 66  ? -1.242  -6.378  -2.814  1.00 17.23 ? 90  ALA A C   1 
ATOM   398  O  O   . ALA A 1 66  ? -1.612  -7.046  -1.852  1.00 18.04 ? 90  ALA A O   1 
ATOM   399  C  CB  . ALA A 1 66  ? 1.241   -6.250  -2.436  1.00 18.10 ? 90  ALA A CB  1 
ATOM   400  N  N   . TRP A 1 67  ? -1.813  -6.449  -4.015  1.00 17.81 ? 91  TRP A N   1 
ATOM   401  C  CA  . TRP A 1 67  ? -3.073  -7.174  -4.252  1.00 17.43 ? 91  TRP A CA  1 
ATOM   402  C  C   . TRP A 1 67  ? -3.164  -7.770  -5.653  1.00 17.64 ? 91  TRP A C   1 
ATOM   403  O  O   . TRP A 1 67  ? -2.530  -7.292  -6.595  1.00 17.15 ? 91  TRP A O   1 
ATOM   404  C  CB  . TRP A 1 67  ? -4.281  -6.241  -4.017  1.00 17.22 ? 91  TRP A CB  1 
ATOM   405  C  CG  . TRP A 1 67  ? -4.480  -5.182  -5.100  1.00 17.71 ? 91  TRP A CG  1 
ATOM   406  C  CD1 . TRP A 1 67  ? -3.888  -3.950  -5.169  1.00 17.39 ? 91  TRP A CD1 1 
ATOM   407  C  CD2 . TRP A 1 67  ? -5.369  -5.257  -6.227  1.00 17.16 ? 91  TRP A CD2 1 
ATOM   408  N  NE1 . TRP A 1 67  ? -4.344  -3.259  -6.281  1.00 16.87 ? 91  TRP A NE1 1 
ATOM   409  C  CE2 . TRP A 1 67  ? -5.249  -4.040  -6.943  1.00 17.13 ? 91  TRP A CE2 1 
ATOM   410  C  CE3 . TRP A 1 67  ? -6.253  -6.238  -6.705  1.00 19.08 ? 91  TRP A CE3 1 
ATOM   411  C  CZ2 . TRP A 1 67  ? -5.963  -3.786  -8.111  1.00 14.68 ? 91  TRP A CZ2 1 
ATOM   412  C  CZ3 . TRP A 1 67  ? -6.982  -5.975  -7.864  1.00 19.25 ? 91  TRP A CZ3 1 
ATOM   413  C  CH2 . TRP A 1 67  ? -6.814  -4.770  -8.566  1.00 17.88 ? 91  TRP A CH2 1 
ATOM   414  N  N   . GLY A 1 68  ? -3.979  -8.805  -5.784  1.00 17.51 ? 92  GLY A N   1 
ATOM   415  C  CA  . GLY A 1 68  ? -4.427  -9.283  -7.099  1.00 18.86 ? 92  GLY A CA  1 
ATOM   416  C  C   . GLY A 1 68  ? -5.854  -9.792  -6.966  1.00 19.87 ? 92  GLY A C   1 
ATOM   417  O  O   . GLY A 1 68  ? -6.240  -10.264 -5.887  1.00 20.40 ? 92  GLY A O   1 
ATOM   418  N  N   . GLN A 1 69  ? -6.648  -9.688  -8.031  1.00 20.44 ? 93  GLN A N   1 
ATOM   419  C  CA  . GLN A 1 69  ? -8.028  -10.206 -7.965  1.00 21.97 ? 93  GLN A CA  1 
ATOM   420  C  C   . GLN A 1 69  ? -8.070  -11.726 -7.798  1.00 22.25 ? 93  GLN A C   1 
ATOM   421  O  O   . GLN A 1 69  ? -9.067  -12.281 -7.341  1.00 22.86 ? 93  GLN A O   1 
ATOM   422  C  CB  . GLN A 1 69  ? -8.907  -9.722  -9.141  1.00 22.08 ? 93  GLN A CB  1 
ATOM   423  C  CG  . GLN A 1 69  ? -8.408  -10.056 -10.538 1.00 24.17 ? 93  GLN A CG  1 
ATOM   424  C  CD  . GLN A 1 69  ? -8.473  -11.542 -10.909 1.00 26.08 ? 93  GLN A CD  1 
ATOM   425  O  OE1 . GLN A 1 69  ? -7.582  -12.048 -11.585 1.00 30.24 ? 93  GLN A OE1 1 
ATOM   426  N  NE2 . GLN A 1 69  ? -9.523  -12.233 -10.482 1.00 23.85 ? 93  GLN A NE2 1 
ATOM   427  N  N   . TRP A 1 70  ? -6.971  -12.393 -8.143  1.00 22.38 ? 94  TRP A N   1 
ATOM   428  C  CA  . TRP A 1 70  ? -6.869  -13.846 -8.024  1.00 22.94 ? 94  TRP A CA  1 
ATOM   429  C  C   . TRP A 1 70  ? -6.727  -14.311 -6.586  1.00 23.82 ? 94  TRP A C   1 
ATOM   430  O  O   . TRP A 1 70  ? -6.819  -15.516 -6.309  1.00 23.36 ? 94  TRP A O   1 
ATOM   431  C  CB  . TRP A 1 70  ? -5.655  -14.330 -8.819  1.00 22.73 ? 94  TRP A CB  1 
ATOM   432  C  CG  . TRP A 1 70  ? -4.413  -13.558 -8.465  1.00 22.71 ? 94  TRP A CG  1 
ATOM   433  C  CD1 . TRP A 1 70  ? -3.951  -12.431 -9.072  1.00 21.09 ? 94  TRP A CD1 1 
ATOM   434  C  CD2 . TRP A 1 70  ? -3.497  -13.858 -7.414  1.00 22.32 ? 94  TRP A CD2 1 
ATOM   435  N  NE1 . TRP A 1 70  ? -2.813  -11.994 -8.452  1.00 21.70 ? 94  TRP A NE1 1 
ATOM   436  C  CE2 . TRP A 1 70  ? -2.502  -12.858 -7.437  1.00 20.76 ? 94  TRP A CE2 1 
ATOM   437  C  CE3 . TRP A 1 70  ? -3.427  -14.870 -6.438  1.00 21.49 ? 94  TRP A CE3 1 
ATOM   438  C  CZ2 . TRP A 1 70  ? -1.445  -12.835 -6.534  1.00 21.95 ? 94  TRP A CZ2 1 
ATOM   439  C  CZ3 . TRP A 1 70  ? -2.363  -14.857 -5.547  1.00 24.10 ? 94  TRP A CZ3 1 
ATOM   440  C  CH2 . TRP A 1 70  ? -1.386  -13.834 -5.597  1.00 22.88 ? 94  TRP A CH2 1 
ATOM   441  N  N   . CYS A 1 71  ? -6.492  -13.353 -5.681  1.00 24.23 ? 95  CYS A N   1 
ATOM   442  C  CA  . CYS A 1 71  ? -6.130  -13.612 -4.299  1.00 25.96 ? 95  CYS A CA  1 
ATOM   443  C  C   . CYS A 1 71  ? -7.331  -13.509 -3.366  1.00 25.90 ? 95  CYS A C   1 
ATOM   444  O  O   . CYS A 1 71  ? -7.877  -12.422 -3.176  1.00 25.38 ? 95  CYS A O   1 
ATOM   445  C  CB  . CYS A 1 71  ? -5.046  -12.616 -3.873  1.00 25.60 ? 95  CYS A CB  1 
ATOM   446  S  SG  . CYS A 1 71  ? -4.459  -12.817 -2.190  1.00 31.11 ? 95  CYS A SG  1 
ATOM   447  N  N   . ALA A 1 72  ? -7.743  -14.646 -2.802  1.00 26.51 ? 96  ALA A N   1 
ATOM   448  C  CA  . ALA A 1 72  ? -8.924  -14.696 -1.919  1.00 27.34 ? 96  ALA A CA  1 
ATOM   449  C  C   . ALA A 1 72  ? -8.899  -13.697 -0.738  1.00 27.38 ? 96  ALA A C   1 
ATOM   450  O  O   . ALA A 1 72  ? -9.866  -12.947 -0.549  1.00 28.21 ? 96  ALA A O   1 
ATOM   451  C  CB  . ALA A 1 72  ? -9.179  -16.136 -1.431  1.00 27.62 ? 96  ALA A CB  1 
ATOM   452  N  N   . PRO A 1 73  ? -7.813  -13.687 0.058   1.00 27.87 ? 97  PRO A N   1 
ATOM   453  C  CA  . PRO A 1 73  ? -7.624  -12.666 1.108   1.00 27.71 ? 97  PRO A CA  1 
ATOM   454  C  C   . PRO A 1 73  ? -7.684  -11.212 0.631   1.00 27.43 ? 97  PRO A C   1 
ATOM   455  O  O   . PRO A 1 73  ? -8.230  -10.355 1.341   1.00 27.05 ? 97  PRO A O   1 
ATOM   456  C  CB  . PRO A 1 73  ? -6.232  -12.978 1.631   1.00 28.00 ? 97  PRO A CB  1 
ATOM   457  C  CG  . PRO A 1 73  ? -6.088  -14.438 1.423   1.00 28.84 ? 97  PRO A CG  1 
ATOM   458  C  CD  . PRO A 1 73  ? -6.767  -14.733 0.141   1.00 28.07 ? 97  PRO A CD  1 
ATOM   459  N  N   . CYS A 1 74  ? -7.134  -10.927 -0.545  1.00 26.59 ? 98  CYS A N   1 
ATOM   460  C  CA  . CYS A 1 74  ? -7.267  -9.582  -1.119  1.00 26.94 ? 98  CYS A CA  1 
ATOM   461  C  C   . CYS A 1 74  ? -8.706  -9.226  -1.393  1.00 28.12 ? 98  CYS A C   1 
ATOM   462  O  O   . CYS A 1 74  ? -9.104  -8.074  -1.241  1.00 28.15 ? 98  CYS A O   1 
ATOM   463  C  CB  . CYS A 1 74  ? -6.495  -9.446  -2.428  1.00 25.96 ? 98  CYS A CB  1 
ATOM   464  S  SG  . CYS A 1 74  ? -4.740  -9.672  -2.219  1.00 24.24 ? 98  CYS A SG  1 
ATOM   465  N  N   . ARG A 1 75  ? -9.493  -10.208 -1.824  1.00 29.22 ? 99  ARG A N   1 
ATOM   466  C  CA  . ARG A 1 75  ? -10.882 -9.919  -2.146  1.00 30.71 ? 99  ARG A CA  1 
ATOM   467  C  C   . ARG A 1 75  ? -11.670 -9.638  -0.871  1.00 31.13 ? 99  ARG A C   1 
ATOM   468  O  O   . ARG A 1 75  ? -12.537 -8.764  -0.867  1.00 31.92 ? 99  ARG A O   1 
ATOM   469  C  CB  . ARG A 1 75  ? -11.523 -11.028 -3.006  1.00 31.14 ? 99  ARG A CB  1 
ATOM   470  C  CG  . ARG A 1 75  ? -10.884 -11.154 -4.411  1.00 32.27 ? 99  ARG A CG  1 
ATOM   471  C  CD  . ARG A 1 75  ? -11.775 -11.833 -5.454  1.00 34.48 ? 99  ARG A CD  1 
ATOM   472  N  NE  . ARG A 1 75  ? -12.215 -13.168 -5.052  1.00 38.05 ? 99  ARG A NE  1 
ATOM   473  C  CZ  . ARG A 1 75  ? -11.587 -14.304 -5.350  1.00 39.61 ? 99  ARG A CZ  1 
ATOM   474  N  NH1 . ARG A 1 75  ? -10.464 -14.297 -6.063  1.00 40.29 ? 99  ARG A NH1 1 
ATOM   475  N  NH2 . ARG A 1 75  ? -12.087 -15.462 -4.933  1.00 40.55 ? 99  ARG A NH2 1 
ATOM   476  N  N   . SER A 1 76  ? -11.347 -10.327 0.217   1.00 31.40 ? 100 SER A N   1 
ATOM   477  C  CA  . SER A 1 76  ? -12.044 -10.057 1.467   1.00 32.64 ? 100 SER A CA  1 
ATOM   478  C  C   . SER A 1 76  ? -11.629 -8.696  2.061   1.00 32.27 ? 100 SER A C   1 
ATOM   479  O  O   . SER A 1 76  ? -12.411 -8.080  2.786   1.00 33.08 ? 100 SER A O   1 
ATOM   480  C  CB  . SER A 1 76  ? -11.902 -11.210 2.467   1.00 32.68 ? 100 SER A CB  1 
ATOM   481  O  OG  . SER A 1 76  ? -10.695 -11.145 3.209   1.00 35.89 ? 100 SER A OG  1 
ATOM   482  N  N   . GLU A 1 77  ? -10.428 -8.228  1.703   1.00 31.41 ? 101 GLU A N   1 
ATOM   483  C  CA  . GLU A 1 77  ? -9.823  -6.989  2.228   1.00 30.97 ? 101 GLU A CA  1 
ATOM   484  C  C   . GLU A 1 77  ? -10.316 -5.721  1.515   1.00 29.49 ? 101 GLU A C   1 
ATOM   485  O  O   . GLU A 1 77  ? -10.184 -4.598  2.018   1.00 28.51 ? 101 GLU A O   1 
ATOM   486  C  CB  . GLU A 1 77  ? -8.309  -7.073  2.015   1.00 31.06 ? 101 GLU A CB  1 
ATOM   487  C  CG  . GLU A 1 77  ? -7.515  -6.672  3.214   1.00 34.91 ? 101 GLU A CG  1 
ATOM   488  C  CD  . GLU A 1 77  ? -6.012  -6.671  2.966   1.00 37.76 ? 101 GLU A CD  1 
ATOM   489  O  OE1 . GLU A 1 77  ? -5.580  -6.619  1.794   1.00 39.79 ? 101 GLU A OE1 1 
ATOM   490  O  OE2 . GLU A 1 77  ? -5.257  -6.693  3.960   1.00 40.34 ? 101 GLU A OE2 1 
ATOM   491  N  N   . SER A 1 78  ? -10.834 -5.928  0.312   1.00 28.53 ? 102 SER A N   1 
ATOM   492  C  CA  . SER A 1 78  ? -11.157 -4.875  -0.620  1.00 28.42 ? 102 SER A CA  1 
ATOM   493  C  C   . SER A 1 78  ? -12.016 -3.787  0.027   1.00 27.14 ? 102 SER A C   1 
ATOM   494  O  O   . SER A 1 78  ? -11.674 -2.623  -0.058  1.00 26.21 ? 102 SER A O   1 
ATOM   495  C  CB  . SER A 1 78  ? -11.859 -5.489  -1.841  1.00 28.64 ? 102 SER A CB  1 
ATOM   496  O  OG  . SER A 1 78  ? -12.431 -4.486  -2.644  1.00 33.12 ? 102 SER A OG  1 
ATOM   497  N  N   . ASP A 1 79  ? -13.098 -4.183  0.688   1.00 25.91 ? 103 ASP A N   1 
ATOM   498  C  CA  . ASP A 1 79  ? -14.021 -3.225  1.325   1.00 26.64 ? 103 ASP A CA  1 
ATOM   499  C  C   . ASP A 1 79  ? -13.334 -2.398  2.429   1.00 25.50 ? 103 ASP A C   1 
ATOM   500  O  O   . ASP A 1 79  ? -13.579 -1.199  2.559   1.00 24.22 ? 103 ASP A O   1 
ATOM   501  C  CB  . ASP A 1 79  ? -15.200 -3.964  1.954   1.00 27.47 ? 103 ASP A CB  1 
ATOM   502  C  CG  . ASP A 1 79  ? -16.312 -4.307  0.954   1.00 31.06 ? 103 ASP A CG  1 
ATOM   503  O  OD1 . ASP A 1 79  ? -16.113 -4.207  -0.279  1.00 34.87 ? 103 ASP A OD1 1 
ATOM   504  O  OD2 . ASP A 1 79  ? -17.411 -4.688  1.434   1.00 34.93 ? 103 ASP A OD2 1 
ATOM   505  N  N   . ASP A 1 80  ? -12.482 -3.048  3.220   1.00 24.55 ? 104 ASP A N   1 
ATOM   506  C  CA  . ASP A 1 80  ? -11.783 -2.361  4.296   1.00 23.89 ? 104 ASP A CA  1 
ATOM   507  C  C   . ASP A 1 80  ? -10.791 -1.350  3.740   1.00 22.60 ? 104 ASP A C   1 
ATOM   508  O  O   . ASP A 1 80  ? -10.658 -0.262  4.287   1.00 21.52 ? 104 ASP A O   1 
ATOM   509  C  CB  . ASP A 1 80  ? -11.105 -3.350  5.246   1.00 24.86 ? 104 ASP A CB  1 
ATOM   510  C  CG  . ASP A 1 80  ? -12.121 -4.146  6.085   1.00 28.15 ? 104 ASP A CG  1 
ATOM   511  O  OD1 . ASP A 1 80  ? -12.266 -3.860  7.291   1.00 30.07 ? 104 ASP A OD1 1 
ATOM   512  O  OD2 . ASP A 1 80  ? -12.778 -5.054  5.529   1.00 34.89 ? 104 ASP A OD2 1 
ATOM   513  N  N   . LEU A 1 81  ? -10.114 -1.703  2.649   1.00 21.13 ? 105 LEU A N   1 
ATOM   514  C  CA  . LEU A 1 81  ? -9.193  -0.776  2.026   1.00 20.53 ? 105 LEU A CA  1 
ATOM   515  C  C   . LEU A 1 81  ? -9.931  0.464   1.526   1.00 19.74 ? 105 LEU A C   1 
ATOM   516  O  O   . LEU A 1 81  ? -9.420  1.572   1.646   1.00 19.73 ? 105 LEU A O   1 
ATOM   517  C  CB  . LEU A 1 81  ? -8.416  -1.434  0.876   1.00 21.35 ? 105 LEU A CB  1 
ATOM   518  C  CG  . LEU A 1 81  ? -7.354  -2.433  1.368   1.00 22.01 ? 105 LEU A CG  1 
ATOM   519  C  CD1 . LEU A 1 81  ? -6.831  -3.293  0.219   1.00 26.42 ? 105 LEU A CD1 1 
ATOM   520  C  CD2 . LEU A 1 81  ? -6.198  -1.707  2.054   1.00 23.75 ? 105 LEU A CD2 1 
ATOM   521  N  N   . GLN A 1 82  ? -11.118 0.266   0.960   1.00 20.00 ? 106 GLN A N   1 
ATOM   522  C  CA  . GLN A 1 82  ? -11.958 1.400   0.504   1.00 19.90 ? 106 GLN A CA  1 
ATOM   523  C  C   . GLN A 1 82  ? -12.365 2.339   1.658   1.00 20.53 ? 106 GLN A C   1 
ATOM   524  O  O   . GLN A 1 82  ? -12.297 3.560   1.519   1.00 20.00 ? 106 GLN A O   1 
ATOM   525  C  CB  . GLN A 1 82  ? -13.168 0.903   -0.302  1.00 20.79 ? 106 GLN A CB  1 
ATOM   526  C  CG  . GLN A 1 82  ? -14.119 2.032   -0.821  1.00 22.66 ? 106 GLN A CG  1 
ATOM   527  C  CD  . GLN A 1 82  ? -13.476 3.037   -1.787  1.00 26.57 ? 106 GLN A CD  1 
ATOM   528  O  OE1 . GLN A 1 82  ? -12.436 2.785   -2.416  1.00 24.47 ? 106 GLN A OE1 1 
ATOM   529  N  NE2 . GLN A 1 82  ? -14.122 4.188   -1.926  1.00 29.12 ? 106 GLN A NE2 1 
ATOM   530  N  N   . ILE A 1 83  ? -12.730 1.763   2.802   1.00 20.72 ? 107 ILE A N   1 
ATOM   531  C  CA  . ILE A 1 83  ? -13.022 2.524   4.022   1.00 20.43 ? 107 ILE A CA  1 
ATOM   532  C  C   . ILE A 1 83  ? -11.788 3.269   4.522   1.00 19.66 ? 107 ILE A C   1 
ATOM   533  O  O   . ILE A 1 83  ? -11.863 4.446   4.896   1.00 19.32 ? 107 ILE A O   1 
ATOM   534  C  CB  . ILE A 1 83  ? -13.546 1.598   5.175   1.00 21.43 ? 107 ILE A CB  1 
ATOM   535  C  CG1 . ILE A 1 83  ? -14.903 0.972   4.830   1.00 23.13 ? 107 ILE A CG1 1 
ATOM   536  C  CG2 . ILE A 1 83  ? -13.624 2.356   6.526   1.00 21.65 ? 107 ILE A CG2 1 
ATOM   537  C  CD1 . ILE A 1 83  ? -15.056 -0.462  5.385   1.00 28.14 ? 107 ILE A CD1 1 
ATOM   538  N  N   . ILE A 1 84  ? -10.647 2.581   4.562   1.00 18.65 ? 108 ILE A N   1 
ATOM   539  C  CA  . ILE A 1 84  ? -9.390  3.213   4.953   1.00 18.12 ? 108 ILE A CA  1 
ATOM   540  C  C   . ILE A 1 84  ? -9.084  4.415   4.075   1.00 18.10 ? 108 ILE A C   1 
ATOM   541  O  O   . ILE A 1 84  ? -8.791  5.506   4.590   1.00 18.24 ? 108 ILE A O   1 
ATOM   542  C  CB  . ILE A 1 84  ? -8.203  2.215   4.863   1.00 16.70 ? 108 ILE A CB  1 
ATOM   543  C  CG1 . ILE A 1 84  ? -8.311  1.152   5.957   1.00 18.43 ? 108 ILE A CG1 1 
ATOM   544  C  CG2 . ILE A 1 84  ? -6.854  2.945   4.957   1.00 18.42 ? 108 ILE A CG2 1 
ATOM   545  C  CD1 . ILE A 1 84  ? -7.493  -0.122  5.620   1.00 17.91 ? 108 ILE A CD1 1 
ATOM   546  N  N   . HIS A 1 85  ? -9.149  4.220   2.758   1.00 18.34 ? 109 HIS A N   1 
ATOM   547  C  CA  . HIS A 1 85  ? -8.937  5.304   1.809   1.00 19.35 ? 109 HIS A CA  1 
ATOM   548  C  C   . HIS A 1 85  ? -9.900  6.479   2.065   1.00 20.10 ? 109 HIS A C   1 
ATOM   549  O  O   . HIS A 1 85  ? -9.481  7.648   2.131   1.00 20.62 ? 109 HIS A O   1 
ATOM   550  C  CB  . HIS A 1 85  ? -9.119  4.788   0.386   1.00 18.96 ? 109 HIS A CB  1 
ATOM   551  C  CG  . HIS A 1 85  ? -8.850  5.819   -0.663  1.00 20.22 ? 109 HIS A CG  1 
ATOM   552  N  ND1 . HIS A 1 85  ? -7.585  6.292   -0.931  1.00 19.83 ? 109 HIS A ND1 1 
ATOM   553  C  CD2 . HIS A 1 85  ? -9.686  6.482   -1.493  1.00 20.30 ? 109 HIS A CD2 1 
ATOM   554  C  CE1 . HIS A 1 85  ? -7.655  7.197   -1.892  1.00 22.79 ? 109 HIS A CE1 1 
ATOM   555  N  NE2 . HIS A 1 85  ? -8.915  7.317   -2.263  1.00 20.22 ? 109 HIS A NE2 1 
ATOM   556  N  N   . GLU A 1 86  ? -11.178 6.180   2.221   1.00 21.54 ? 110 GLU A N   1 
ATOM   557  C  CA  . GLU A 1 86  ? -12.151 7.272   2.421   1.00 23.41 ? 110 GLU A CA  1 
ATOM   558  C  C   . GLU A 1 86  ? -11.855 8.065   3.705   1.00 23.33 ? 110 GLU A C   1 
ATOM   559  O  O   . GLU A 1 86  ? -11.920 9.293   3.710   1.00 24.32 ? 110 GLU A O   1 
ATOM   560  C  CB  . GLU A 1 86  ? -13.588 6.761   2.435   1.00 24.60 ? 110 GLU A CB  1 
ATOM   561  C  CG  . GLU A 1 86  ? -14.046 6.117   1.119   1.00 28.54 ? 110 GLU A CG  1 
ATOM   562  C  CD  . GLU A 1 86  ? -15.425 5.459   1.233   1.00 35.20 ? 110 GLU A CD  1 
ATOM   563  O  OE1 . GLU A 1 86  ? -15.989 5.412   2.353   1.00 38.62 ? 110 GLU A OE1 1 
ATOM   564  O  OE2 . GLU A 1 86  ? -15.949 4.981   0.201   1.00 39.31 ? 110 GLU A OE2 1 
ATOM   565  N  N   . GLU A 1 87  ? -11.518 7.359   4.780   1.00 23.44 ? 111 GLU A N   1 
ATOM   566  C  CA  . GLU A 1 87  ? -11.235 8.004   6.068   1.00 23.97 ? 111 GLU A CA  1 
ATOM   567  C  C   . GLU A 1 87  ? -9.962  8.843   5.992   1.00 23.22 ? 111 GLU A C   1 
ATOM   568  O  O   . GLU A 1 87  ? -9.919  9.947   6.536   1.00 23.03 ? 111 GLU A O   1 
ATOM   569  C  CB  . GLU A 1 87  ? -11.143 6.988   7.213   1.00 24.24 ? 111 GLU A CB  1 
ATOM   570  C  CG  . GLU A 1 87  ? -12.409 6.179   7.425   1.00 28.78 ? 111 GLU A CG  1 
ATOM   571  C  CD  . GLU A 1 87  ? -12.885 6.128   8.872   1.00 36.49 ? 111 GLU A CD  1 
ATOM   572  O  OE1 . GLU A 1 87  ? -12.581 7.076   9.637   1.00 39.66 ? 111 GLU A OE1 1 
ATOM   573  O  OE2 . GLU A 1 87  ? -13.584 5.140   9.233   1.00 38.86 ? 111 GLU A OE2 1 
ATOM   574  N  N   . LEU A 1 88  ? -8.931  8.327   5.317   1.00 21.85 ? 112 LEU A N   1 
ATOM   575  C  CA  . LEU A 1 88  ? -7.694  9.091   5.186   1.00 21.84 ? 112 LEU A CA  1 
ATOM   576  C  C   . LEU A 1 88  ? -7.852  10.309  4.286   1.00 21.85 ? 112 LEU A C   1 
ATOM   577  O  O   . LEU A 1 88  ? -7.264  11.354  4.556   1.00 21.30 ? 112 LEU A O   1 
ATOM   578  C  CB  . LEU A 1 88  ? -6.545  8.218   4.700   1.00 21.63 ? 112 LEU A CB  1 
ATOM   579  C  CG  . LEU A 1 88  ? -6.118  7.214   5.765   1.00 20.85 ? 112 LEU A CG  1 
ATOM   580  C  CD1 . LEU A 1 88  ? -5.051  6.328   5.116   1.00 20.05 ? 112 LEU A CD1 1 
ATOM   581  C  CD2 . LEU A 1 88  ? -5.565  7.897   7.012   1.00 23.84 ? 112 LEU A CD2 1 
ATOM   582  N  N   . GLN A 1 89  ? -8.642  10.160  3.225   1.00 22.05 ? 113 GLN A N   1 
ATOM   583  C  CA  . GLN A 1 89  ? -8.933  11.278  2.329   1.00 23.73 ? 113 GLN A CA  1 
ATOM   584  C  C   . GLN A 1 89  ? -9.609  12.397  3.098   1.00 25.21 ? 113 GLN A C   1 
ATOM   585  O  O   . GLN A 1 89  ? -9.311  13.575  2.880   1.00 26.14 ? 113 GLN A O   1 
ATOM   586  C  CB  . GLN A 1 89  ? -9.778  10.826  1.135   1.00 23.52 ? 113 GLN A CB  1 
ATOM   587  C  CG  . GLN A 1 89  ? -8.957  9.972   0.117   1.00 21.62 ? 113 GLN A CG  1 
ATOM   588  C  CD  . GLN A 1 89  ? -8.044  10.808  -0.758  1.00 24.90 ? 113 GLN A CD  1 
ATOM   589  O  OE1 . GLN A 1 89  ? -6.813  10.733  -0.659  1.00 25.27 ? 113 GLN A OE1 1 
ATOM   590  N  NE2 . GLN A 1 89  ? -8.635  11.599  -1.628  1.00 22.38 ? 113 GLN A NE2 1 
ATOM   591  N  N   . ALA A 1 90  ? -10.474 12.025  4.030   1.00 26.03 ? 114 ALA A N   1 
ATOM   592  C  CA  . ALA A 1 90  ? -11.215 13.023  4.822   1.00 27.47 ? 114 ALA A CA  1 
ATOM   593  C  C   . ALA A 1 90  ? -10.424 13.572  6.027   1.00 28.48 ? 114 ALA A C   1 
ATOM   594  O  O   . ALA A 1 90  ? -10.789 14.596  6.598   1.00 28.59 ? 114 ALA A O   1 
ATOM   595  C  CB  . ALA A 1 90  ? -12.537 12.453  5.272   1.00 27.34 ? 114 ALA A CB  1 
ATOM   596  N  N   . ALA A 1 91  ? -9.339  12.895  6.403   1.00 28.97 ? 115 ALA A N   1 
ATOM   597  C  CA  . ALA A 1 91  ? -8.545  13.258  7.578   1.00 30.30 ? 115 ALA A CA  1 
ATOM   598  C  C   . ALA A 1 91  ? -7.675  14.485  7.308   1.00 31.56 ? 115 ALA A C   1 
ATOM   599  O  O   . ALA A 1 91  ? -7.474  14.861  6.153   1.00 31.90 ? 115 ALA A O   1 
ATOM   600  C  CB  . ALA A 1 91  ? -7.663  12.081  7.992   1.00 29.73 ? 115 ALA A CB  1 
ATOM   601  N  N   . GLY A 1 92  ? -7.147  15.093  8.373   1.00 32.74 ? 116 GLY A N   1 
ATOM   602  C  CA  . GLY A 1 92  ? -6.219  16.228  8.231   1.00 34.72 ? 116 GLY A CA  1 
ATOM   603  C  C   . GLY A 1 92  ? -6.888  17.594  8.274   1.00 35.49 ? 116 GLY A C   1 
ATOM   604  O  O   . GLY A 1 92  ? -8.083  17.701  8.577   1.00 36.85 ? 116 GLY A O   1 
ATOM   605  N  N   . THR A 1 96  ? -7.032  19.623  1.804   1.00 35.30 ? 120 THR A N   1 
ATOM   606  C  CA  . THR A 1 96  ? -6.119  18.614  1.266   1.00 34.55 ? 120 THR A CA  1 
ATOM   607  C  C   . THR A 1 96  ? -6.300  17.252  1.952   1.00 33.32 ? 120 THR A C   1 
ATOM   608  O  O   . THR A 1 96  ? -6.557  17.188  3.153   1.00 33.82 ? 120 THR A O   1 
ATOM   609  C  CB  . THR A 1 96  ? -4.632  19.048  1.380   1.00 34.85 ? 120 THR A CB  1 
ATOM   610  O  OG1 . THR A 1 96  ? -4.311  19.358  2.740   1.00 36.32 ? 120 THR A OG1 1 
ATOM   611  C  CG2 . THR A 1 96  ? -4.351  20.276  0.520   1.00 35.96 ? 120 THR A CG2 1 
ATOM   612  N  N   . PRO A 1 97  ? -6.167  16.154  1.190   1.00 31.49 ? 121 PRO A N   1 
ATOM   613  C  CA  . PRO A 1 97  ? -6.336  14.816  1.767   1.00 29.85 ? 121 PRO A CA  1 
ATOM   614  C  C   . PRO A 1 97  ? -5.231  14.443  2.763   1.00 28.03 ? 121 PRO A C   1 
ATOM   615  O  O   . PRO A 1 97  ? -4.061  14.775  2.545   1.00 27.88 ? 121 PRO A O   1 
ATOM   616  C  CB  . PRO A 1 97  ? -6.286  13.901  0.535   1.00 30.03 ? 121 PRO A CB  1 
ATOM   617  C  CG  . PRO A 1 97  ? -5.567  14.702  -0.517  1.00 30.91 ? 121 PRO A CG  1 
ATOM   618  C  CD  . PRO A 1 97  ? -6.028  16.108  -0.277  1.00 31.95 ? 121 PRO A CD  1 
ATOM   619  N  N   . GLY A 1 98  ? -5.610  13.780  3.858   1.00 26.32 ? 122 GLY A N   1 
ATOM   620  C  CA  . GLY A 1 98  ? -4.673  13.399  4.918   1.00 24.23 ? 122 GLY A CA  1 
ATOM   621  C  C   . GLY A 1 98  ? -3.760  12.257  4.500   1.00 22.63 ? 122 GLY A C   1 
ATOM   622  O  O   . GLY A 1 98  ? -2.629  12.161  4.955   1.00 21.89 ? 122 GLY A O   1 
ATOM   623  N  N   . GLY A 1 99  ? -4.271  11.399  3.627   1.00 22.09 ? 123 GLY A N   1 
ATOM   624  C  CA  . GLY A 1 99  ? -3.545  10.218  3.171   1.00 20.77 ? 123 GLY A CA  1 
ATOM   625  C  C   . GLY A 1 99  ? -4.340  9.509   2.099   1.00 19.98 ? 123 GLY A C   1 
ATOM   626  O  O   . GLY A 1 99  ? -5.438  9.930   1.743   1.00 20.09 ? 123 GLY A O   1 
ATOM   627  N  N   . THR A 1 100 ? -3.762  8.446   1.556   1.00 18.39 ? 124 THR A N   1 
ATOM   628  C  CA  . THR A 1 100 ? -4.339  7.708   0.459   1.00 18.33 ? 124 THR A CA  1 
ATOM   629  C  C   . THR A 1 100 ? -4.003  6.247   0.629   1.00 17.72 ? 124 THR A C   1 
ATOM   630  O  O   . THR A 1 100 ? -2.992  5.919   1.246   1.00 17.98 ? 124 THR A O   1 
ATOM   631  C  CB  . THR A 1 100 ? -3.804  8.220   -0.945  1.00 17.74 ? 124 THR A CB  1 
ATOM   632  O  OG1 . THR A 1 100 ? -4.546  7.589   -1.993  1.00 20.46 ? 124 THR A OG1 1 
ATOM   633  C  CG2 . THR A 1 100 ? -2.282  7.957   -1.151  1.00 20.06 ? 124 THR A CG2 1 
ATOM   634  N  N   . VAL A 1 101 ? -4.818  5.372   0.061   1.00 16.76 ? 125 VAL A N   1 
ATOM   635  C  CA  . VAL A 1 101 ? -4.345  4.004   -0.212  1.00 16.51 ? 125 VAL A CA  1 
ATOM   636  C  C   . VAL A 1 101 ? -3.696  4.053   -1.606  1.00 16.91 ? 125 VAL A C   1 
ATOM   637  O  O   . VAL A 1 101 ? -4.144  4.791   -2.491  1.00 17.38 ? 125 VAL A O   1 
ATOM   638  C  CB  . VAL A 1 101 ? -5.486  2.954   -0.158  1.00 16.73 ? 125 VAL A CB  1 
ATOM   639  C  CG1 . VAL A 1 101 ? -4.997  1.565   -0.641  1.00 16.47 ? 125 VAL A CG1 1 
ATOM   640  C  CG2 . VAL A 1 101 ? -6.072  2.834   1.255   1.00 17.04 ? 125 VAL A CG2 1 
ATOM   641  N  N   . LEU A 1 102 ? -2.615  3.297   -1.800  1.00 15.85 ? 126 LEU A N   1 
ATOM   642  C  CA  . LEU A 1 102 ? -2.022  3.153   -3.122  1.00 17.02 ? 126 LEU A CA  1 
ATOM   643  C  C   . LEU A 1 102 ? -1.799  1.667   -3.321  1.00 17.28 ? 126 LEU A C   1 
ATOM   644  O  O   . LEU A 1 102 ? -0.974  1.056   -2.633  1.00 18.30 ? 126 LEU A O   1 
ATOM   645  C  CB  . LEU A 1 102 ? -0.696  3.939   -3.253  1.00 17.10 ? 126 LEU A CB  1 
ATOM   646  C  CG  . LEU A 1 102 ? 0.086   3.775   -4.572  1.00 19.44 ? 126 LEU A CG  1 
ATOM   647  C  CD1 . LEU A 1 102 ? -0.734  4.299   -5.726  1.00 20.50 ? 126 LEU A CD1 1 
ATOM   648  C  CD2 . LEU A 1 102 ? 1.476   4.462   -4.514  1.00 18.92 ? 126 LEU A CD2 1 
ATOM   649  N  N   . GLY A 1 103 ? -2.563  1.074   -4.224  1.00 17.56 ? 127 GLY A N   1 
ATOM   650  C  CA  . GLY A 1 103 ? -2.437  -0.357  -4.484  1.00 18.09 ? 127 GLY A CA  1 
ATOM   651  C  C   . GLY A 1 103 ? -1.224  -0.668  -5.349  1.00 17.83 ? 127 GLY A C   1 
ATOM   652  O  O   . GLY A 1 103 ? -0.757  0.174   -6.122  1.00 17.40 ? 127 GLY A O   1 
ATOM   653  N  N   . ILE A 1 104 ? -0.682  -1.863  -5.168  1.00 17.27 ? 128 ILE A N   1 
ATOM   654  C  CA  . ILE A 1 104 ? 0.303   -2.406  -6.112  1.00 17.67 ? 128 ILE A CA  1 
ATOM   655  C  C   . ILE A 1 104 ? -0.328  -3.694  -6.651  1.00 16.68 ? 128 ILE A C   1 
ATOM   656  O  O   . ILE A 1 104 ? -0.422  -4.694  -5.941  1.00 16.15 ? 128 ILE A O   1 
ATOM   657  C  CB  . ILE A 1 104 ? 1.663   -2.696  -5.441  1.00 17.49 ? 128 ILE A CB  1 
ATOM   658  C  CG1 . ILE A 1 104 ? 2.207   -1.420  -4.789  1.00 21.37 ? 128 ILE A CG1 1 
ATOM   659  C  CG2 . ILE A 1 104 ? 2.677   -3.230  -6.495  1.00 17.05 ? 128 ILE A CG2 1 
ATOM   660  C  CD1 . ILE A 1 104 ? 3.452   -1.671  -3.902  1.00 23.69 ? 128 ILE A CD1 1 
ATOM   661  N  N   . ASN A 1 105 ? -0.801  -3.649  -7.894  1.00 16.00 ? 129 ASN A N   1 
ATOM   662  C  CA  . ASN A 1 105 ? -1.534  -4.788  -8.466  1.00 15.36 ? 129 ASN A CA  1 
ATOM   663  C  C   . ASN A 1 105 ? -0.547  -5.791  -9.019  1.00 15.86 ? 129 ASN A C   1 
ATOM   664  O  O   . ASN A 1 105 ? 0.177   -5.455  -9.952  1.00 16.68 ? 129 ASN A O   1 
ATOM   665  C  CB  . ASN A 1 105 ? -2.468  -4.346  -9.581  1.00 16.33 ? 129 ASN A CB  1 
ATOM   666  C  CG  . ASN A 1 105 ? -3.194  -5.526  -10.228 1.00 17.49 ? 129 ASN A CG  1 
ATOM   667  O  OD1 . ASN A 1 105 ? -3.778  -6.410  -9.547  1.00 20.82 ? 129 ASN A OD1 1 
ATOM   668  N  ND2 . ASN A 1 105 ? -3.149  -5.565  -11.530 1.00 17.86 ? 129 ASN A ND2 1 
ATOM   669  N  N   . VAL A 1 106 ? -0.527  -6.992  -8.450  1.00 16.17 ? 130 VAL A N   1 
ATOM   670  C  CA  . VAL A 1 106 ? 0.536   -7.960  -8.807  1.00 17.45 ? 130 VAL A CA  1 
ATOM   671  C  C   . VAL A 1 106 ? -0.005  -9.308  -9.326  1.00 18.09 ? 130 VAL A C   1 
ATOM   672  O  O   . VAL A 1 106 ? -1.052  -9.768  -8.910  1.00 17.93 ? 130 VAL A O   1 
ATOM   673  C  CB  . VAL A 1 106 ? 1.489   -8.230  -7.599  1.00 17.49 ? 130 VAL A CB  1 
ATOM   674  C  CG1 . VAL A 1 106 ? 2.203   -6.938  -7.141  1.00 17.93 ? 130 VAL A CG1 1 
ATOM   675  C  CG2 . VAL A 1 106 ? 0.749   -8.836  -6.423  1.00 20.63 ? 130 VAL A CG2 1 
ATOM   676  N  N   . ARG A 1 107 ? 0.762   -9.957  -10.206 1.00 18.73 ? 131 ARG A N   1 
ATOM   677  C  CA  . ARG A 1 107 ? 0.375   -11.243 -10.798 1.00 19.83 ? 131 ARG A CA  1 
ATOM   678  C  C   . ARG A 1 107 ? -0.987  -11.290 -11.495 1.00 20.20 ? 131 ARG A C   1 
ATOM   679  O  O   . ARG A 1 107 ? -1.572  -12.349 -11.687 1.00 19.95 ? 131 ARG A O   1 
ATOM   680  C  CB  . ARG A 1 107 ? 0.550   -12.356 -9.764  1.00 21.02 ? 131 ARG A CB  1 
ATOM   681  C  CG  . ARG A 1 107 ? 2.041   -12.587 -9.491  1.00 23.00 ? 131 ARG A CG  1 
ATOM   682  C  CD  . ARG A 1 107 ? 2.288   -13.371 -8.238  1.00 25.41 ? 131 ARG A CD  1 
ATOM   683  N  NE  . ARG A 1 107 ? 1.602   -14.659 -8.229  1.00 28.74 ? 131 ARG A NE  1 
ATOM   684  C  CZ  . ARG A 1 107 ? 1.595   -15.477 -7.179  1.00 30.78 ? 131 ARG A CZ  1 
ATOM   685  N  NH1 . ARG A 1 107 ? 2.254   -15.136 -6.077  1.00 33.33 ? 131 ARG A NH1 1 
ATOM   686  N  NH2 . ARG A 1 107 ? 0.930   -16.629 -7.216  1.00 32.23 ? 131 ARG A NH2 1 
ATOM   687  N  N   . ASP A 1 108 ? -1.477  -10.114 -11.869 1.00 20.74 ? 132 ASP A N   1 
ATOM   688  C  CA  . ASP A 1 108 ? -2.680  -9.961  -12.654 1.00 21.69 ? 132 ASP A CA  1 
ATOM   689  C  C   . ASP A 1 108 ? -2.224  -9.637  -14.077 1.00 22.49 ? 132 ASP A C   1 
ATOM   690  O  O   . ASP A 1 108 ? -1.980  -8.478  -14.424 1.00 22.26 ? 132 ASP A O   1 
ATOM   691  C  CB  . ASP A 1 108 ? -3.534  -8.832  -12.073 1.00 22.11 ? 132 ASP A CB  1 
ATOM   692  C  CG  . ASP A 1 108 ? -4.729  -9.346  -11.291 1.00 23.70 ? 132 ASP A CG  1 
ATOM   693  O  OD1 . ASP A 1 108 ? -5.333  -10.357 -11.730 1.00 27.04 ? 132 ASP A OD1 1 
ATOM   694  O  OD2 . ASP A 1 108 ? -5.098  -8.734  -10.262 1.00 21.96 ? 132 ASP A OD2 1 
ATOM   695  N  N   . TYR A 1 109 ? -2.072  -10.677 -14.893 1.00 22.91 ? 133 TYR A N   1 
ATOM   696  C  CA  . TYR A 1 109 ? -1.390  -10.521 -16.182 1.00 23.85 ? 133 TYR A CA  1 
ATOM   697  C  C   . TYR A 1 109 ? -2.270  -9.958  -17.285 1.00 24.31 ? 133 TYR A C   1 
ATOM   698  O  O   . TYR A 1 109 ? -1.782  -9.613  -18.357 1.00 24.77 ? 133 TYR A O   1 
ATOM   699  C  CB  . TYR A 1 109 ? -0.747  -11.832 -16.601 1.00 24.34 ? 133 TYR A CB  1 
ATOM   700  C  CG  . TYR A 1 109 ? 0.158   -12.380 -15.547 1.00 24.47 ? 133 TYR A CG  1 
ATOM   701  C  CD1 . TYR A 1 109 ? 1.378   -11.765 -15.269 1.00 26.68 ? 133 TYR A CD1 1 
ATOM   702  C  CD2 . TYR A 1 109 ? -0.199  -13.510 -14.806 1.00 26.28 ? 133 TYR A CD2 1 
ATOM   703  C  CE1 . TYR A 1 109 ? 2.222   -12.253 -14.304 1.00 26.35 ? 133 TYR A CE1 1 
ATOM   704  C  CE2 . TYR A 1 109 ? 0.646   -14.006 -13.819 1.00 27.85 ? 133 TYR A CE2 1 
ATOM   705  C  CZ  . TYR A 1 109 ? 1.858   -13.374 -13.582 1.00 27.96 ? 133 TYR A CZ  1 
ATOM   706  O  OH  . TYR A 1 109 ? 2.720   -13.826 -12.622 1.00 27.78 ? 133 TYR A OH  1 
ATOM   707  N  N   . SER A 1 110 ? -3.563  -9.853  -17.009 1.00 24.86 ? 134 SER A N   1 
ATOM   708  C  CA  . SER A 1 110 ? -4.463  -9.083  -17.852 1.00 25.21 ? 134 SER A CA  1 
ATOM   709  C  C   . SER A 1 110 ? -4.878  -7.791  -17.159 1.00 24.86 ? 134 SER A C   1 
ATOM   710  O  O   . SER A 1 110 ? -5.573  -7.815  -16.132 1.00 24.61 ? 134 SER A O   1 
ATOM   711  C  CB  . SER A 1 110 ? -5.693  -9.902  -18.227 1.00 26.08 ? 134 SER A CB  1 
ATOM   712  O  OG  . SER A 1 110 ? -6.725  -9.059  -18.731 1.00 27.51 ? 134 SER A OG  1 
ATOM   713  N  N   . ARG A 1 111 ? -4.447  -6.671  -17.731 1.00 24.10 ? 135 ARG A N   1 
ATOM   714  C  CA  . ARG A 1 111 ? -4.780  -5.370  -17.190 1.00 25.12 ? 135 ARG A CA  1 
ATOM   715  C  C   . ARG A 1 111 ? -6.294  -5.192  -17.155 1.00 24.63 ? 135 ARG A C   1 
ATOM   716  O  O   . ARG A 1 111 ? -6.832  -4.651  -16.196 1.00 25.12 ? 135 ARG A O   1 
ATOM   717  C  CB  . ARG A 1 111 ? -4.111  -4.246  -17.999 1.00 25.83 ? 135 ARG A CB  1 
ATOM   718  C  CG  . ARG A 1 111 ? -4.522  -2.835  -17.552 1.00 27.70 ? 135 ARG A CG  1 
ATOM   719  C  CD  . ARG A 1 111 ? -4.063  -1.740  -18.531 1.00 30.99 ? 135 ARG A CD  1 
ATOM   720  N  NE  . ARG A 1 111 ? -2.603  -1.611  -18.564 1.00 31.88 ? 135 ARG A NE  1 
ATOM   721  C  CZ  . ARG A 1 111 ? -1.888  -0.808  -17.779 1.00 31.74 ? 135 ARG A CZ  1 
ATOM   722  N  NH1 . ARG A 1 111 ? -2.466  -0.022  -16.880 1.00 31.18 ? 135 ARG A NH1 1 
ATOM   723  N  NH2 . ARG A 1 111 ? -0.578  -0.783  -17.913 1.00 32.93 ? 135 ARG A NH2 1 
ATOM   724  N  N   . ASP A 1 112 ? -6.982  -5.655  -18.198 1.00 24.79 ? 136 ASP A N   1 
ATOM   725  C  CA  . ASP A 1 112 ? -8.430  -5.460  -18.304 1.00 24.21 ? 136 ASP A CA  1 
ATOM   726  C  C   . ASP A 1 112 ? -9.177  -6.129  -17.151 1.00 24.14 ? 136 ASP A C   1 
ATOM   727  O  O   . ASP A 1 112 ? -10.151 -5.568  -16.621 1.00 23.86 ? 136 ASP A O   1 
ATOM   728  C  CB  . ASP A 1 112 ? -8.949  -5.981  -19.645 1.00 24.78 ? 136 ASP A CB  1 
ATOM   729  N  N   . ILE A 1 113 ? -8.725  -7.319  -16.756 1.00 22.89 ? 137 ILE A N   1 
ATOM   730  C  CA  . ILE A 1 113 ? -9.317  -8.042  -15.641 1.00 22.73 ? 137 ILE A CA  1 
ATOM   731  C  C   . ILE A 1 113 ? -9.140  -7.283  -14.308 1.00 22.18 ? 137 ILE A C   1 
ATOM   732  O  O   . ILE A 1 113 ? -10.057 -7.226  -13.478 1.00 22.55 ? 137 ILE A O   1 
ATOM   733  C  CB  . ILE A 1 113 ? -8.735  -9.472  -15.538 1.00 22.83 ? 137 ILE A CB  1 
ATOM   734  C  CG1 . ILE A 1 113 ? -9.268  -10.368 -16.672 1.00 24.70 ? 137 ILE A CG1 1 
ATOM   735  C  CG2 . ILE A 1 113 ? -9.096  -10.087 -14.202 1.00 24.02 ? 137 ILE A CG2 1 
ATOM   736  C  CD1 . ILE A 1 113 ? -8.659  -11.803 -16.700 1.00 29.78 ? 137 ILE A CD1 1 
ATOM   737  N  N   . ALA A 1 114 ? -7.965  -6.697  -14.100 1.00 21.65 ? 138 ALA A N   1 
ATOM   738  C  CA  . ALA A 1 114 ? -7.715  -5.946  -12.877 1.00 21.97 ? 138 ALA A CA  1 
ATOM   739  C  C   . ALA A 1 114 ? -8.572  -4.686  -12.853 1.00 21.67 ? 138 ALA A C   1 
ATOM   740  O  O   . ALA A 1 114 ? -9.154  -4.365  -11.826 1.00 22.59 ? 138 ALA A O   1 
ATOM   741  C  CB  . ALA A 1 114 ? -6.239  -5.600  -12.732 1.00 21.94 ? 138 ALA A CB  1 
ATOM   742  N  N   . GLN A 1 115 ? -8.649  -3.989  -13.984 1.00 21.78 ? 139 GLN A N   1 
ATOM   743  C  CA  . GLN A 1 115 ? -9.447  -2.761  -14.074 1.00 22.44 ? 139 GLN A CA  1 
ATOM   744  C  C   . GLN A 1 115 ? -10.925 -3.020  -13.765 1.00 23.02 ? 139 GLN A C   1 
ATOM   745  O  O   . GLN A 1 115 ? -11.575 -2.231  -13.067 1.00 22.98 ? 139 GLN A O   1 
ATOM   746  C  CB  . GLN A 1 115 ? -9.311  -2.124  -15.456 1.00 22.82 ? 139 GLN A CB  1 
ATOM   747  C  CG  . GLN A 1 115 ? -7.923  -1.558  -15.778 1.00 22.76 ? 139 GLN A CG  1 
ATOM   748  C  CD  . GLN A 1 115 ? -7.832  -1.003  -17.205 1.00 25.40 ? 139 GLN A CD  1 
ATOM   749  O  OE1 . GLN A 1 115 ? -8.494  -1.503  -18.121 1.00 25.48 ? 139 GLN A OE1 1 
ATOM   750  N  NE2 . GLN A 1 115 ? -6.983  0.016   -17.399 1.00 22.76 ? 139 GLN A NE2 1 
ATOM   751  N  N   . ASP A 1 116 ? -11.450 -4.110  -14.309 1.00 23.10 ? 140 ASP A N   1 
ATOM   752  C  CA  . ASP A 1 116 ? -12.830 -4.499  -14.093 1.00 24.63 ? 140 ASP A CA  1 
ATOM   753  C  C   . ASP A 1 116 ? -13.066 -4.884  -12.639 1.00 23.93 ? 140 ASP A C   1 
ATOM   754  O  O   . ASP A 1 116 ? -14.115 -4.573  -12.100 1.00 24.51 ? 140 ASP A O   1 
ATOM   755  C  CB  . ASP A 1 116 ? -13.227 -5.642  -15.041 1.00 25.01 ? 140 ASP A CB  1 
ATOM   756  C  CG  . ASP A 1 116 ? -13.288 -5.197  -16.492 1.00 29.87 ? 140 ASP A CG  1 
ATOM   757  O  OD1 . ASP A 1 116 ? -13.219 -3.972  -16.757 1.00 33.76 ? 140 ASP A OD1 1 
ATOM   758  O  OD2 . ASP A 1 116 ? -13.413 -6.075  -17.380 1.00 34.74 ? 140 ASP A OD2 1 
ATOM   759  N  N   . PHE A 1 117 ? -12.091 -5.530  -11.990 1.00 22.78 ? 141 PHE A N   1 
ATOM   760  C  CA  . PHE A 1 117 ? -12.225 -5.772  -10.552 1.00 22.83 ? 141 PHE A CA  1 
ATOM   761  C  C   . PHE A 1 117 ? -12.408 -4.461  -9.789  1.00 22.77 ? 141 PHE A C   1 
ATOM   762  O  O   . PHE A 1 117 ? -13.283 -4.336  -8.924  1.00 22.35 ? 141 PHE A O   1 
ATOM   763  C  CB  . PHE A 1 117 ? -11.015 -6.526  -9.992  1.00 22.67 ? 141 PHE A CB  1 
ATOM   764  C  CG  . PHE A 1 117 ? -11.109 -6.797  -8.517  1.00 24.36 ? 141 PHE A CG  1 
ATOM   765  C  CD1 . PHE A 1 117 ? -11.825 -7.903  -8.041  1.00 25.52 ? 141 PHE A CD1 1 
ATOM   766  C  CD2 . PHE A 1 117 ? -10.485 -5.956  -7.598  1.00 23.70 ? 141 PHE A CD2 1 
ATOM   767  C  CE1 . PHE A 1 117 ? -11.918 -8.154  -6.662  1.00 26.11 ? 141 PHE A CE1 1 
ATOM   768  C  CE2 . PHE A 1 117 ? -10.582 -6.210  -6.221  1.00 23.81 ? 141 PHE A CE2 1 
ATOM   769  C  CZ  . PHE A 1 117 ? -11.287 -7.307  -5.767  1.00 23.99 ? 141 PHE A CZ  1 
ATOM   770  N  N   . VAL A 1 118 ? -11.575 -3.486  -10.121 1.00 22.28 ? 142 VAL A N   1 
ATOM   771  C  CA  . VAL A 1 118 ? -11.584 -2.222  -9.427  1.00 23.55 ? 142 VAL A CA  1 
ATOM   772  C  C   . VAL A 1 118 ? -12.950 -1.588  -9.634  1.00 23.84 ? 142 VAL A C   1 
ATOM   773  O  O   . VAL A 1 118 ? -13.566 -1.190  -8.670  1.00 24.57 ? 142 VAL A O   1 
ATOM   774  C  CB  . VAL A 1 118 ? -10.429 -1.300  -9.895  1.00 22.70 ? 142 VAL A CB  1 
ATOM   775  C  CG1 . VAL A 1 118 ? -10.652 0.147   -9.443  1.00 24.22 ? 142 VAL A CG1 1 
ATOM   776  C  CG2 . VAL A 1 118 ? -9.094  -1.831  -9.349  1.00 22.78 ? 142 VAL A CG2 1 
ATOM   777  N  N   . THR A 1 119 ? -13.404 -1.537  -10.888 1.00 25.27 ? 143 THR A N   1 
ATOM   778  C  CA  . THR A 1 119 ? -14.683 -0.900  -11.249 1.00 26.92 ? 143 THR A CA  1 
ATOM   779  C  C   . THR A 1 119 ? -15.896 -1.631  -10.647 1.00 27.45 ? 143 THR A C   1 
ATOM   780  O  O   . THR A 1 119 ? -16.804 -0.976  -10.106 1.00 26.87 ? 143 THR A O   1 
ATOM   781  C  CB  . THR A 1 119 ? -14.839 -0.789  -12.783 1.00 27.65 ? 143 THR A CB  1 
ATOM   782  O  OG1 . THR A 1 119 ? -13.687 -0.137  -13.331 1.00 29.07 ? 143 THR A OG1 1 
ATOM   783  C  CG2 . THR A 1 119 ? -16.070 0.025   -13.146 1.00 29.24 ? 143 THR A CG2 1 
ATOM   784  N  N   . ASP A 1 120 ? -15.906 -2.971  -10.723 1.00 27.94 ? 144 ASP A N   1 
ATOM   785  C  CA  . ASP A 1 120 ? -17.026 -3.794  -10.197 1.00 28.64 ? 144 ASP A CA  1 
ATOM   786  C  C   . ASP A 1 120 ? -17.205 -3.649  -8.685  1.00 28.82 ? 144 ASP A C   1 
ATOM   787  O  O   . ASP A 1 120 ? -18.313 -3.783  -8.164  1.00 28.86 ? 144 ASP A O   1 
ATOM   788  C  CB  . ASP A 1 120 ? -16.816 -5.291  -10.471 1.00 28.84 ? 144 ASP A CB  1 
ATOM   789  C  CG  . ASP A 1 120 ? -16.930 -5.665  -11.942 1.00 31.31 ? 144 ASP A CG  1 
ATOM   790  O  OD1 . ASP A 1 120 ? -17.397 -4.854  -12.770 1.00 33.08 ? 144 ASP A OD1 1 
ATOM   791  O  OD2 . ASP A 1 120 ? -16.541 -6.814  -12.269 1.00 34.30 ? 144 ASP A OD2 1 
ATOM   792  N  N   . ASN A 1 121 ? -16.101 -3.412  -7.982  1.00 28.71 ? 145 ASN A N   1 
ATOM   793  C  CA  . ASN A 1 121 ? -16.136 -3.310  -6.528  1.00 29.03 ? 145 ASN A CA  1 
ATOM   794  C  C   . ASN A 1 121 ? -16.146 -1.890  -5.988  1.00 29.12 ? 145 ASN A C   1 
ATOM   795  O  O   . ASN A 1 121 ? -16.137 -1.692  -4.778  1.00 29.52 ? 145 ASN A O   1 
ATOM   796  C  CB  . ASN A 1 121 ? -15.041 -4.174  -5.896  1.00 28.74 ? 145 ASN A CB  1 
ATOM   797  C  CG  . ASN A 1 121 ? -15.235 -5.645  -6.225  1.00 29.14 ? 145 ASN A CG  1 
ATOM   798  O  OD1 . ASN A 1 121 ? -14.800 -6.127  -7.280  1.00 27.96 ? 145 ASN A OD1 1 
ATOM   799  N  ND2 . ASN A 1 121 ? -15.937 -6.352  -5.358  1.00 25.87 ? 145 ASN A ND2 1 
ATOM   800  N  N   . GLY A 1 122 ? -16.194 -0.917  -6.896  1.00 29.39 ? 146 GLY A N   1 
ATOM   801  C  CA  . GLY A 1 122 ? -16.310 0.498   -6.534  1.00 29.48 ? 146 GLY A CA  1 
ATOM   802  C  C   . GLY A 1 122 ? -15.110 1.047   -5.783  1.00 29.40 ? 146 GLY A C   1 
ATOM   803  O  O   . GLY A 1 122 ? -15.252 1.943   -4.941  1.00 30.73 ? 146 GLY A O   1 
ATOM   804  N  N   . LEU A 1 123 ? -13.931 0.501   -6.072  1.00 28.36 ? 147 LEU A N   1 
ATOM   805  C  CA  . LEU A 1 123 ? -12.703 0.917   -5.416  1.00 28.05 ? 147 LEU A CA  1 
ATOM   806  C  C   . LEU A 1 123 ? -12.224 2.236   -6.022  1.00 27.03 ? 147 LEU A C   1 
ATOM   807  O  O   . LEU A 1 123 ? -12.081 2.340   -7.236  1.00 27.49 ? 147 LEU A O   1 
ATOM   808  C  CB  . LEU A 1 123 ? -11.648 -0.173  -5.564  1.00 28.36 ? 147 LEU A CB  1 
ATOM   809  C  CG  . LEU A 1 123 ? -11.550 -1.305  -4.521  1.00 30.07 ? 147 LEU A CG  1 
ATOM   810  C  CD1 . LEU A 1 123 ? -12.785 -1.522  -3.635  1.00 30.22 ? 147 LEU A CD1 1 
ATOM   811  C  CD2 . LEU A 1 123 ? -11.064 -2.632  -5.151  1.00 31.30 ? 147 LEU A CD2 1 
ATOM   812  N  N   . ASP A 1 124 ? -11.975 3.226   -5.171  1.00 25.94 ? 148 ASP A N   1 
ATOM   813  C  CA  A ASP A 1 124 ? -11.674 4.590   -5.608  0.50 25.80 ? 148 ASP A CA  1 
ATOM   814  C  CA  B ASP A 1 124 ? -11.668 4.574   -5.634  0.50 26.07 ? 148 ASP A CA  1 
ATOM   815  C  C   . ASP A 1 124 ? -10.182 4.946   -5.551  1.00 25.06 ? 148 ASP A C   1 
ATOM   816  O  O   . ASP A 1 124 ? -9.757  5.985   -6.067  1.00 25.96 ? 148 ASP A O   1 
ATOM   817  C  CB  A ASP A 1 124 ? -12.478 5.599   -4.769  0.50 26.08 ? 148 ASP A CB  1 
ATOM   818  C  CB  B ASP A 1 124 ? -12.511 5.594   -4.859  0.50 26.72 ? 148 ASP A CB  1 
ATOM   819  C  CG  A ASP A 1 124 ? -13.940 5.676   -5.174  0.50 26.99 ? 148 ASP A CG  1 
ATOM   820  C  CG  B ASP A 1 124 ? -12.455 6.971   -5.474  0.50 28.46 ? 148 ASP A CG  1 
ATOM   821  O  OD1 A ASP A 1 124 ? -14.296 5.221   -6.285  0.50 27.27 ? 148 ASP A OD1 1 
ATOM   822  O  OD1 B ASP A 1 124 ? -13.116 7.184   -6.510  0.50 30.72 ? 148 ASP A OD1 1 
ATOM   823  O  OD2 A ASP A 1 124 ? -14.743 6.196   -4.370  0.50 27.08 ? 148 ASP A OD2 1 
ATOM   824  O  OD2 B ASP A 1 124 ? -11.742 7.841   -4.928  0.50 32.87 ? 148 ASP A OD2 1 
ATOM   825  N  N   . TYR A 1 125 ? -9.377  4.105   -4.922  1.00 23.46 ? 149 TYR A N   1 
ATOM   826  C  CA  . TYR A 1 125 ? -7.966  4.433   -4.756  1.00 21.51 ? 149 TYR A CA  1 
ATOM   827  C  C   . TYR A 1 125 ? -7.087  4.025   -5.947  1.00 21.17 ? 149 TYR A C   1 
ATOM   828  O  O   . TYR A 1 125 ? -7.403  3.056   -6.649  1.00 20.73 ? 149 TYR A O   1 
ATOM   829  C  CB  . TYR A 1 125 ? -7.421  3.800   -3.493  1.00 20.88 ? 149 TYR A CB  1 
ATOM   830  C  CG  . TYR A 1 125 ? -7.707  2.324   -3.331  1.00 20.53 ? 149 TYR A CG  1 
ATOM   831  C  CD1 . TYR A 1 125 ? -8.809  1.891   -2.625  1.00 18.30 ? 149 TYR A CD1 1 
ATOM   832  C  CD2 . TYR A 1 125 ? -6.814  1.355   -3.836  1.00 20.39 ? 149 TYR A CD2 1 
ATOM   833  C  CE1 . TYR A 1 125 ? -9.082  0.523   -2.451  1.00 20.03 ? 149 TYR A CE1 1 
ATOM   834  C  CE2 . TYR A 1 125 ? -7.056  0.015   -3.673  1.00 21.35 ? 149 TYR A CE2 1 
ATOM   835  C  CZ  . TYR A 1 125 ? -8.176  -0.408  -2.960  1.00 22.97 ? 149 TYR A CZ  1 
ATOM   836  O  OH  . TYR A 1 125 ? -8.425  -1.746  -2.777  1.00 24.90 ? 149 TYR A OH  1 
ATOM   837  N  N   . PRO A 1 126 ? -5.974  4.758   -6.162  1.00 20.48 ? 150 PRO A N   1 
ATOM   838  C  CA  . PRO A 1 126 ? -5.109  4.463   -7.295  1.00 19.56 ? 150 PRO A CA  1 
ATOM   839  C  C   . PRO A 1 126 ? -4.323  3.174   -7.044  1.00 18.47 ? 150 PRO A C   1 
ATOM   840  O  O   . PRO A 1 126 ? -4.154  2.768   -5.893  1.00 17.70 ? 150 PRO A O   1 
ATOM   841  C  CB  . PRO A 1 126 ? -4.195  5.683   -7.357  1.00 20.45 ? 150 PRO A CB  1 
ATOM   842  C  CG  . PRO A 1 126 ? -4.174  6.223   -5.960  1.00 20.99 ? 150 PRO A CG  1 
ATOM   843  C  CD  . PRO A 1 126 ? -5.511  5.939   -5.401  1.00 20.60 ? 150 PRO A CD  1 
ATOM   844  N  N   . SER A 1 127 ? -3.921  2.526   -8.122  1.00 18.83 ? 151 SER A N   1 
ATOM   845  C  CA  . SER A 1 127 ? -2.990  1.393   -8.043  1.00 18.91 ? 151 SER A CA  1 
ATOM   846  C  C   . SER A 1 127 ? -1.949  1.500   -9.139  1.00 19.15 ? 151 SER A C   1 
ATOM   847  O  O   . SER A 1 127 ? -2.214  2.029   -10.218 1.00 19.55 ? 151 SER A O   1 
ATOM   848  C  CB  . SER A 1 127 ? -3.711  0.041   -8.225  1.00 18.56 ? 151 SER A CB  1 
ATOM   849  O  OG  . SER A 1 127 ? -4.419  -0.360  -7.065  1.00 20.30 ? 151 SER A OG  1 
ATOM   850  N  N   . ILE A 1 128 ? -0.771  0.982   -8.833  1.00 19.26 ? 152 ILE A N   1 
ATOM   851  C  CA  . ILE A 1 128 ? 0.281   0.717   -9.791  1.00 21.18 ? 152 ILE A CA  1 
ATOM   852  C  C   . ILE A 1 128 ? 0.020   -0.656  -10.409 1.00 20.81 ? 152 ILE A C   1 
ATOM   853  O  O   . ILE A 1 128 ? -0.316  -1.604  -9.696  1.00 21.28 ? 152 ILE A O   1 
ATOM   854  C  CB  . ILE A 1 128 ? 1.659   0.665   -9.048  1.00 21.29 ? 152 ILE A CB  1 
ATOM   855  C  CG1 . ILE A 1 128 ? 1.990   2.025   -8.424  1.00 25.75 ? 152 ILE A CG1 1 
ATOM   856  C  CG2 . ILE A 1 128 ? 2.770   0.182   -9.973  1.00 24.51 ? 152 ILE A CG2 1 
ATOM   857  C  CD1 . ILE A 1 128 ? 1.751   3.171   -9.345  1.00 28.67 ? 152 ILE A CD1 1 
ATOM   858  N  N   . TYR A 1 129 ? 0.234   -0.777  -11.720 1.00 20.66 ? 153 TYR A N   1 
ATOM   859  C  CA  . TYR A 1 129 ? 0.142   -2.052  -12.392 1.00 20.13 ? 153 TYR A CA  1 
ATOM   860  C  C   . TYR A 1 129 ? 1.541   -2.668  -12.480 1.00 20.40 ? 153 TYR A C   1 
ATOM   861  O  O   . TYR A 1 129 ? 2.399   -2.160  -13.219 1.00 19.61 ? 153 TYR A O   1 
ATOM   862  C  CB  . TYR A 1 129 ? -0.449  -1.874  -13.778 1.00 20.61 ? 153 TYR A CB  1 
ATOM   863  C  CG  . TYR A 1 129 ? -0.670  -3.181  -14.495 1.00 20.32 ? 153 TYR A CG  1 
ATOM   864  C  CD1 . TYR A 1 129 ? -1.516  -4.143  -13.967 1.00 20.90 ? 153 TYR A CD1 1 
ATOM   865  C  CD2 . TYR A 1 129 ? -0.023  -3.452  -15.708 1.00 23.19 ? 153 TYR A CD2 1 
ATOM   866  C  CE1 . TYR A 1 129 ? -1.730  -5.335  -14.612 1.00 21.13 ? 153 TYR A CE1 1 
ATOM   867  C  CE2 . TYR A 1 129 ? -0.241  -4.644  -16.383 1.00 22.43 ? 153 TYR A CE2 1 
ATOM   868  C  CZ  . TYR A 1 129 ? -1.080  -5.583  -15.820 1.00 21.88 ? 153 TYR A CZ  1 
ATOM   869  O  OH  . TYR A 1 129 ? -1.318  -6.771  -16.446 1.00 22.86 ? 153 TYR A OH  1 
ATOM   870  N  N   . ASP A 1 130 ? 1.771   -3.721  -11.703 1.00 19.63 ? 154 ASP A N   1 
ATOM   871  C  CA  . ASP A 1 130 ? 3.112   -4.296  -11.549 1.00 20.58 ? 154 ASP A CA  1 
ATOM   872  C  C   . ASP A 1 130 ? 3.042   -5.838  -11.550 1.00 20.13 ? 154 ASP A C   1 
ATOM   873  O  O   . ASP A 1 130 ? 3.223   -6.473  -10.512 1.00 20.26 ? 154 ASP A O   1 
ATOM   874  C  CB  . ASP A 1 130 ? 3.714   -3.740  -10.254 1.00 20.30 ? 154 ASP A CB  1 
ATOM   875  C  CG  . ASP A 1 130 ? 5.115   -4.271  -9.958  1.00 23.75 ? 154 ASP A CG  1 
ATOM   876  O  OD1 . ASP A 1 130 ? 5.808   -4.764  -10.891 1.00 25.53 ? 154 ASP A OD1 1 
ATOM   877  O  OD2 . ASP A 1 130 ? 5.517   -4.173  -8.774  1.00 24.96 ? 154 ASP A OD2 1 
ATOM   878  N  N   . PRO A 1 131 ? 2.775   -6.454  -12.720 1.00 20.82 ? 155 PRO A N   1 
ATOM   879  C  CA  . PRO A 1 131 ? 2.520   -7.899  -12.711 1.00 21.61 ? 155 PRO A CA  1 
ATOM   880  C  C   . PRO A 1 131 ? 3.646   -8.724  -12.080 1.00 21.59 ? 155 PRO A C   1 
ATOM   881  O  O   . PRO A 1 131 ? 3.347   -9.641  -11.345 1.00 22.20 ? 155 PRO A O   1 
ATOM   882  C  CB  . PRO A 1 131 ? 2.356   -8.244  -14.194 1.00 21.80 ? 155 PRO A CB  1 
ATOM   883  C  CG  . PRO A 1 131 ? 1.882   -6.976  -14.817 1.00 21.69 ? 155 PRO A CG  1 
ATOM   884  C  CD  . PRO A 1 131 ? 2.554   -5.867  -14.056 1.00 21.58 ? 155 PRO A CD  1 
ATOM   885  N  N   . PRO A 1 132 ? 4.930   -8.395  -12.354 1.00 22.95 ? 156 PRO A N   1 
ATOM   886  C  CA  . PRO A 1 132 ? 5.984   -9.241  -11.760 1.00 23.19 ? 156 PRO A CA  1 
ATOM   887  C  C   . PRO A 1 132 ? 6.390   -8.810  -10.336 1.00 24.06 ? 156 PRO A C   1 
ATOM   888  O  O   . PRO A 1 132 ? 7.364   -9.329  -9.790  1.00 24.11 ? 156 PRO A O   1 
ATOM   889  C  CB  . PRO A 1 132 ? 7.153   -9.023  -12.711 1.00 24.21 ? 156 PRO A CB  1 
ATOM   890  C  CG  . PRO A 1 132 ? 7.013   -7.564  -13.102 1.00 23.50 ? 156 PRO A CG  1 
ATOM   891  C  CD  . PRO A 1 132 ? 5.511   -7.378  -13.256 1.00 22.74 ? 156 PRO A CD  1 
ATOM   892  N  N   . PHE A 1 133 ? 5.648   -7.874  -9.732  1.00 23.21 ? 157 PHE A N   1 
ATOM   893  C  CA  . PHE A 1 133 ? 5.996   -7.347  -8.399  1.00 23.31 ? 157 PHE A CA  1 
ATOM   894  C  C   . PHE A 1 133 ? 7.462   -6.868  -8.348  1.00 23.60 ? 157 PHE A C   1 
ATOM   895  O  O   . PHE A 1 133 ? 8.217   -7.225  -7.436  1.00 22.44 ? 157 PHE A O   1 
ATOM   896  C  CB  . PHE A 1 133 ? 5.706   -8.376  -7.282  1.00 23.99 ? 157 PHE A CB  1 
ATOM   897  C  CG  . PHE A 1 133 ? 5.382   -7.769  -5.933  1.00 23.20 ? 157 PHE A CG  1 
ATOM   898  C  CD1 . PHE A 1 133 ? 5.470   -6.390  -5.703  1.00 23.67 ? 157 PHE A CD1 1 
ATOM   899  C  CD2 . PHE A 1 133 ? 5.000   -8.596  -4.875  1.00 25.41 ? 157 PHE A CD2 1 
ATOM   900  C  CE1 . PHE A 1 133 ? 5.150   -5.854  -4.441  1.00 22.75 ? 157 PHE A CE1 1 
ATOM   901  C  CE2 . PHE A 1 133 ? 4.689   -8.074  -3.610  1.00 22.57 ? 157 PHE A CE2 1 
ATOM   902  C  CZ  . PHE A 1 133 ? 4.773   -6.693  -3.397  1.00 24.87 ? 157 PHE A CZ  1 
HETATM 903  N  N   . MSE A 1 134 ? 7.855   -6.070  -9.343  1.00 23.44 ? 158 MSE A N   1 
HETATM 904  C  CA  . MSE A 1 134 ? 9.187   -5.476  -9.380  1.00 23.47 ? 158 MSE A CA  1 
HETATM 905  C  C   . MSE A 1 134 ? 9.392   -4.556  -8.187  1.00 23.76 ? 158 MSE A C   1 
HETATM 906  O  O   . MSE A 1 134 ? 10.511  -4.372  -7.709  1.00 23.32 ? 158 MSE A O   1 
HETATM 907  C  CB  . MSE A 1 134 ? 9.392   -4.684  -10.676 1.00 24.07 ? 158 MSE A CB  1 
ATOM   908  N  N   . THR A 1 135 ? 8.299   -3.970  -7.706  1.00 23.19 ? 159 THR A N   1 
ATOM   909  C  CA  A THR A 1 135 ? 8.407   -3.022  -6.608  0.50 23.86 ? 159 THR A CA  1 
ATOM   910  C  CA  B THR A 1 135 ? 8.301   -3.048  -6.568  0.50 23.67 ? 159 THR A CA  1 
ATOM   911  C  C   . THR A 1 135 ? 8.860   -3.695  -5.309  1.00 24.13 ? 159 THR A C   1 
ATOM   912  O  O   . THR A 1 135 ? 9.368   -3.019  -4.420  1.00 24.31 ? 159 THR A O   1 
ATOM   913  C  CB  A THR A 1 135 ? 7.117   -2.194  -6.411  0.50 23.83 ? 159 THR A CB  1 
ATOM   914  C  CB  B THR A 1 135 ? 6.865   -2.559  -6.252  0.50 23.46 ? 159 THR A CB  1 
ATOM   915  O  OG1 A THR A 1 135 ? 6.022   -3.065  -6.128  0.50 22.93 ? 159 THR A OG1 1 
ATOM   916  O  OG1 B THR A 1 135 ? 6.224   -2.163  -7.462  0.50 22.75 ? 159 THR A OG1 1 
ATOM   917  C  CG2 A THR A 1 135 ? 6.812   -1.401  -7.668  0.50 24.53 ? 159 THR A CG2 1 
ATOM   918  C  CG2 B THR A 1 135 ? 6.887   -1.384  -5.294  0.50 23.23 ? 159 THR A CG2 1 
ATOM   919  N  N   . ALA A 1 136 ? 8.736   -5.020  -5.227  1.00 24.52 ? 160 ALA A N   1 
ATOM   920  C  CA  . ALA A 1 136 ? 9.215   -5.768  -4.054  1.00 25.67 ? 160 ALA A CA  1 
ATOM   921  C  C   . ALA A 1 136 ? 10.692  -5.500  -3.750  1.00 26.48 ? 160 ALA A C   1 
ATOM   922  O  O   . ALA A 1 136 ? 11.089  -5.435  -2.583  1.00 26.89 ? 160 ALA A O   1 
ATOM   923  C  CB  . ALA A 1 136 ? 8.958   -7.266  -4.205  1.00 25.24 ? 160 ALA A CB  1 
ATOM   924  N  N   . ALA A 1 137 ? 11.484  -5.316  -4.803  1.00 27.75 ? 161 ALA A N   1 
ATOM   925  C  CA  . ALA A 1 137 ? 12.905  -4.971  -4.674  1.00 29.11 ? 161 ALA A CA  1 
ATOM   926  C  C   . ALA A 1 137 ? 13.136  -3.694  -3.842  1.00 29.77 ? 161 ALA A C   1 
ATOM   927  O  O   . ALA A 1 137 ? 14.176  -3.533  -3.205  1.00 29.98 ? 161 ALA A O   1 
ATOM   928  C  CB  . ALA A 1 137 ? 13.554  -4.852  -6.069  1.00 29.46 ? 161 ALA A CB  1 
ATOM   929  N  N   . SER A 1 138 ? 12.154  -2.796  -3.831  1.00 30.05 ? 162 SER A N   1 
ATOM   930  C  CA  . SER A 1 138 ? 12.295  -1.537  -3.116  1.00 31.04 ? 162 SER A CA  1 
ATOM   931  C  C   . SER A 1 138 ? 11.768  -1.600  -1.687  1.00 31.38 ? 162 SER A C   1 
ATOM   932  O  O   . SER A 1 138 ? 11.937  -0.659  -0.919  1.00 32.31 ? 162 SER A O   1 
ATOM   933  C  CB  . SER A 1 138 ? 11.600  -0.422  -3.888  1.00 30.83 ? 162 SER A CB  1 
ATOM   934  O  OG  . SER A 1 138 ? 12.056  -0.379  -5.228  1.00 31.13 ? 162 SER A OG  1 
ATOM   935  N  N   . LEU A 1 139 ? 11.180  -2.732  -1.318  1.00 31.97 ? 163 LEU A N   1 
ATOM   936  C  CA  . LEU A 1 139 ? 10.540  -2.884  -0.018  1.00 32.26 ? 163 LEU A CA  1 
ATOM   937  C  C   . LEU A 1 139 ? 11.429  -3.644  0.976   1.00 32.24 ? 163 LEU A C   1 
ATOM   938  O  O   . LEU A 1 139 ? 10.946  -4.306  1.897   1.00 32.70 ? 163 LEU A O   1 
ATOM   939  C  CB  . LEU A 1 139 ? 9.168   -3.545  -0.196  1.00 32.37 ? 163 LEU A CB  1 
ATOM   940  C  CG  . LEU A 1 139 ? 8.204   -2.843  -1.173  1.00 32.59 ? 163 LEU A CG  1 
ATOM   941  C  CD1 . LEU A 1 139 ? 6.870   -3.554  -1.218  1.00 33.77 ? 163 LEU A CD1 1 
ATOM   942  C  CD2 . LEU A 1 139 ? 8.002   -1.350  -0.869  1.00 32.70 ? 163 LEU A CD2 1 
ATOM   943  N  N   . GLY A 1 140 ? 12.735  -3.546  0.763   1.00 32.25 ? 164 GLY A N   1 
ATOM   944  C  CA  . GLY A 1 140 ? 13.738  -3.969  1.738   1.00 32.30 ? 164 GLY A CA  1 
ATOM   945  C  C   . GLY A 1 140 ? 13.692  -5.369  2.318   1.00 32.05 ? 164 GLY A C   1 
ATOM   946  O  O   . GLY A 1 140 ? 14.169  -5.592  3.427   1.00 32.49 ? 164 GLY A O   1 
ATOM   947  N  N   . GLY A 1 141 ? 13.130  -6.316  1.577   1.00 32.13 ? 165 GLY A N   1 
ATOM   948  C  CA  . GLY A 1 141 ? 13.141  -7.712  2.006   1.00 31.95 ? 165 GLY A CA  1 
ATOM   949  C  C   . GLY A 1 141 ? 11.810  -8.317  2.426   1.00 31.43 ? 165 GLY A C   1 
ATOM   950  O  O   . GLY A 1 141 ? 11.761  -9.485  2.812   1.00 31.42 ? 165 GLY A O   1 
ATOM   951  N  N   . VAL A 1 142 ? 10.733  -7.528  2.390   1.00 30.82 ? 166 VAL A N   1 
ATOM   952  C  CA  . VAL A 1 142 ? 9.392   -8.107  2.425   1.00 30.63 ? 166 VAL A CA  1 
ATOM   953  C  C   . VAL A 1 142 ? 9.332   -9.149  1.301   1.00 29.83 ? 166 VAL A C   1 
ATOM   954  O  O   . VAL A 1 142 ? 9.679   -8.821  0.166   1.00 28.87 ? 166 VAL A O   1 
ATOM   955  C  CB  . VAL A 1 142 ? 8.305   -7.044  2.185   1.00 30.57 ? 166 VAL A CB  1 
ATOM   956  C  CG1 . VAL A 1 142 ? 6.960   -7.726  1.937   1.00 31.26 ? 166 VAL A CG1 1 
ATOM   957  C  CG2 . VAL A 1 142 ? 8.218   -6.090  3.371   1.00 31.07 ? 166 VAL A CG2 1 
ATOM   958  N  N   . PRO A 1 143 ? 8.934   -10.414 1.605   1.00 30.04 ? 167 PRO A N   1 
ATOM   959  C  CA  . PRO A 1 143 ? 9.029   -11.378 0.518   1.00 29.49 ? 167 PRO A CA  1 
ATOM   960  C  C   . PRO A 1 143 ? 7.916   -11.109 -0.485  1.00 28.72 ? 167 PRO A C   1 
ATOM   961  O  O   . PRO A 1 143 ? 6.800   -10.768 -0.087  1.00 28.41 ? 167 PRO A O   1 
ATOM   962  C  CB  . PRO A 1 143 ? 8.824   -12.742 1.217   1.00 29.63 ? 167 PRO A CB  1 
ATOM   963  C  CG  . PRO A 1 143 ? 9.029   -12.483 2.646   1.00 30.07 ? 167 PRO A CG  1 
ATOM   964  C  CD  . PRO A 1 143 ? 8.511   -11.078 2.853   1.00 29.96 ? 167 PRO A CD  1 
ATOM   965  N  N   . ALA A 1 144 ? 8.234   -11.243 -1.766  1.00 27.70 ? 168 ALA A N   1 
ATOM   966  C  CA  . ALA A 1 144 ? 7.259   -11.026 -2.835  1.00 26.85 ? 168 ALA A CA  1 
ATOM   967  C  C   . ALA A 1 144 ? 6.084   -12.015 -2.807  1.00 26.34 ? 168 ALA A C   1 
ATOM   968  O  O   . ALA A 1 144 ? 5.016   -11.731 -3.367  1.00 26.51 ? 168 ALA A O   1 
ATOM   969  C  CB  . ALA A 1 144 ? 7.959   -11.029 -4.186  1.00 26.66 ? 168 ALA A CB  1 
ATOM   970  N  N   . SER A 1 145 ? 6.249   -13.147 -2.118  1.00 25.31 ? 169 SER A N   1 
ATOM   971  C  CA  . SER A 1 145 ? 5.194   -14.154 -2.022  1.00 24.85 ? 169 SER A CA  1 
ATOM   972  C  C   . SER A 1 145 ? 4.053   -13.765 -1.066  1.00 24.63 ? 169 SER A C   1 
ATOM   973  O  O   . SER A 1 145 ? 2.979   -14.367 -1.111  1.00 24.15 ? 169 SER A O   1 
ATOM   974  C  CB  . SER A 1 145 ? 5.782   -15.493 -1.580  1.00 25.14 ? 169 SER A CB  1 
ATOM   975  O  OG  . SER A 1 145 ? 6.543   -15.304 -0.410  1.00 26.20 ? 169 SER A OG  1 
ATOM   976  N  N   . VAL A 1 146 ? 4.281   -12.756 -0.222  1.00 23.47 ? 170 VAL A N   1 
ATOM   977  C  CA  . VAL A 1 146 ? 3.309   -12.406 0.810   1.00 23.44 ? 170 VAL A CA  1 
ATOM   978  C  C   . VAL A 1 146 ? 2.323   -11.418 0.187   1.00 23.15 ? 170 VAL A C   1 
ATOM   979  O  O   . VAL A 1 146 ? 2.610   -10.216 0.081   1.00 23.49 ? 170 VAL A O   1 
ATOM   980  C  CB  . VAL A 1 146 ? 3.977   -11.851 2.091   1.00 23.71 ? 170 VAL A CB  1 
ATOM   981  C  CG1 . VAL A 1 146 ? 2.935   -11.494 3.129   1.00 24.07 ? 170 VAL A CG1 1 
ATOM   982  C  CG2 . VAL A 1 146 ? 4.891   -12.904 2.711   1.00 23.93 ? 170 VAL A CG2 1 
ATOM   983  N  N   . ILE A 1 147 ? 1.208   -11.961 -0.282  1.00 22.77 ? 171 ILE A N   1 
ATOM   984  C  CA  . ILE A 1 147 ? 0.114   -11.180 -0.892  1.00 22.96 ? 171 ILE A CA  1 
ATOM   985  C  C   . ILE A 1 147 ? -1.200  -11.608 -0.240  1.00 23.18 ? 171 ILE A C   1 
ATOM   986  O  O   . ILE A 1 147 ? -1.576  -12.794 -0.283  1.00 22.50 ? 171 ILE A O   1 
ATOM   987  C  CB  . ILE A 1 147 ? 0.074   -11.353 -2.444  1.00 23.46 ? 171 ILE A CB  1 
ATOM   988  C  CG1 . ILE A 1 147 ? 1.348   -10.782 -3.065  1.00 24.50 ? 171 ILE A CG1 1 
ATOM   989  C  CG2 . ILE A 1 147 ? -1.166  -10.664 -3.035  1.00 23.29 ? 171 ILE A CG2 1 
ATOM   990  C  CD1 . ILE A 1 147 ? 1.767   -11.446 -4.381  1.00 29.20 ? 171 ILE A CD1 1 
ATOM   991  N  N   . PRO A 1 148 ? -1.913  -10.656 0.388   1.00 22.81 ? 172 PRO A N   1 
ATOM   992  C  CA  . PRO A 1 148 ? -1.601  -9.229  0.498   1.00 22.47 ? 172 PRO A CA  1 
ATOM   993  C  C   . PRO A 1 148 ? -0.532  -8.880  1.539   1.00 22.14 ? 172 PRO A C   1 
ATOM   994  O  O   . PRO A 1 148 ? -0.319  -9.620  2.522   1.00 22.62 ? 172 PRO A O   1 
ATOM   995  C  CB  . PRO A 1 148 ? -2.947  -8.617  0.926   1.00 22.51 ? 172 PRO A CB  1 
ATOM   996  C  CG  . PRO A 1 148 ? -3.569  -9.701  1.757   1.00 23.33 ? 172 PRO A CG  1 
ATOM   997  C  CD  . PRO A 1 148 ? -3.105  -11.022 1.168   1.00 23.30 ? 172 PRO A CD  1 
ATOM   998  N  N   . THR A 1 149 ? 0.145   -7.771  1.289   1.00 21.77 ? 173 THR A N   1 
ATOM   999  C  CA  . THR A 1 149 ? 0.962   -7.059  2.276   1.00 22.03 ? 173 THR A CA  1 
ATOM   1000 C  C   . THR A 1 149 ? 0.500   -5.613  2.266   1.00 21.92 ? 173 THR A C   1 
ATOM   1001 O  O   . THR A 1 149 ? 0.214   -5.060  1.198   1.00 21.15 ? 173 THR A O   1 
ATOM   1002 C  CB  . THR A 1 149 ? 2.450   -7.130  1.935   1.00 23.29 ? 173 THR A CB  1 
ATOM   1003 O  OG1 . THR A 1 149 ? 2.893   -8.463  2.180   1.00 25.76 ? 173 THR A OG1 1 
ATOM   1004 C  CG2 . THR A 1 149 ? 3.298   -6.194  2.819   1.00 22.28 ? 173 THR A CG2 1 
ATOM   1005 N  N   . THR A 1 150 ? 0.398   -5.025  3.458   1.00 21.10 ? 174 THR A N   1 
ATOM   1006 C  CA  . THR A 1 150 ? 0.058   -3.618  3.613   1.00 20.70 ? 174 THR A CA  1 
ATOM   1007 C  C   . THR A 1 150 ? 1.197   -2.971  4.397   1.00 19.24 ? 174 THR A C   1 
ATOM   1008 O  O   . THR A 1 150 ? 1.653   -3.518  5.425   1.00 19.12 ? 174 THR A O   1 
ATOM   1009 C  CB  . THR A 1 150 ? -1.279  -3.472  4.376   1.00 21.31 ? 174 THR A CB  1 
ATOM   1010 O  OG1 . THR A 1 150 ? -2.327  -4.115  3.642   1.00 25.26 ? 174 THR A OG1 1 
ATOM   1011 C  CG2 . THR A 1 150 ? -1.652  -2.029  4.560   1.00 22.00 ? 174 THR A CG2 1 
ATOM   1012 N  N   . ILE A 1 151 ? 1.687   -1.845  3.891   1.00 17.28 ? 175 ILE A N   1 
ATOM   1013 C  CA  . ILE A 1 151 ? 2.711   -1.087  4.565   1.00 17.45 ? 175 ILE A CA  1 
ATOM   1014 C  C   . ILE A 1 151 ? 2.178   0.306   4.778   1.00 16.92 ? 175 ILE A C   1 
ATOM   1015 O  O   . ILE A 1 151 ? 1.823   0.949   3.796   1.00 17.65 ? 175 ILE A O   1 
ATOM   1016 C  CB  . ILE A 1 151 ? 3.961   -0.941  3.716   1.00 17.28 ? 175 ILE A CB  1 
ATOM   1017 C  CG1 . ILE A 1 151 ? 4.534   -2.333  3.401   1.00 19.52 ? 175 ILE A CG1 1 
ATOM   1018 C  CG2 . ILE A 1 151 ? 4.972   -0.070  4.450   1.00 19.92 ? 175 ILE A CG2 1 
ATOM   1019 C  CD1 . ILE A 1 151 ? 5.671   -2.331  2.390   1.00 22.42 ? 175 ILE A CD1 1 
ATOM   1020 N  N   . VAL A 1 152 ? 2.123   0.757   6.029   1.00 15.90 ? 176 VAL A N   1 
ATOM   1021 C  CA  . VAL A 1 152 ? 1.685   2.120   6.347   1.00 15.87 ? 176 VAL A CA  1 
ATOM   1022 C  C   . VAL A 1 152 ? 2.904   3.031   6.372   1.00 16.46 ? 176 VAL A C   1 
ATOM   1023 O  O   . VAL A 1 152 ? 3.816   2.805   7.168   1.00 16.90 ? 176 VAL A O   1 
ATOM   1024 C  CB  . VAL A 1 152 ? 1.028   2.186   7.717   1.00 15.46 ? 176 VAL A CB  1 
ATOM   1025 C  CG1 . VAL A 1 152 ? 0.590   3.650   8.010   1.00 16.42 ? 176 VAL A CG1 1 
ATOM   1026 C  CG2 . VAL A 1 152 ? -0.154  1.211   7.796   1.00 17.14 ? 176 VAL A CG2 1 
ATOM   1027 N  N   . LEU A 1 153 ? 2.925   4.042   5.503   1.00 16.91 ? 177 LEU A N   1 
ATOM   1028 C  CA  . LEU A 1 153 ? 4.006   5.039   5.454   1.00 17.06 ? 177 LEU A CA  1 
ATOM   1029 C  C   . LEU A 1 153 ? 3.565   6.294   6.155   1.00 18.33 ? 177 LEU A C   1 
ATOM   1030 O  O   . LEU A 1 153 ? 2.428   6.738   5.951   1.00 17.41 ? 177 LEU A O   1 
ATOM   1031 C  CB  . LEU A 1 153 ? 4.336   5.409   4.012   1.00 17.27 ? 177 LEU A CB  1 
ATOM   1032 C  CG  . LEU A 1 153 ? 4.520   4.251   3.059   1.00 17.04 ? 177 LEU A CG  1 
ATOM   1033 C  CD1 . LEU A 1 153 ? 4.880   4.748   1.685   1.00 18.99 ? 177 LEU A CD1 1 
ATOM   1034 C  CD2 . LEU A 1 153 ? 5.671   3.402   3.660   1.00 18.81 ? 177 LEU A CD2 1 
ATOM   1035 N  N   . ASP A 1 154 ? 4.457   6.889   6.947   1.00 17.89 ? 178 ASP A N   1 
ATOM   1036 C  CA  . ASP A 1 154 ? 4.131   8.163   7.612   1.00 17.53 ? 178 ASP A CA  1 
ATOM   1037 C  C   . ASP A 1 154 ? 4.160   9.333   6.611   1.00 17.77 ? 178 ASP A C   1 
ATOM   1038 O  O   . ASP A 1 154 ? 4.386   9.132   5.419   1.00 17.10 ? 178 ASP A O   1 
ATOM   1039 C  CB  . ASP A 1 154 ? 5.044   8.427   8.827   1.00 17.84 ? 178 ASP A CB  1 
ATOM   1040 C  CG  . ASP A 1 154 ? 6.552   8.549   8.461   1.00 19.96 ? 178 ASP A CG  1 
ATOM   1041 O  OD1 . ASP A 1 154 ? 6.908   8.821   7.293   1.00 21.19 ? 178 ASP A OD1 1 
ATOM   1042 O  OD2 . ASP A 1 154 ? 7.383   8.399   9.384   1.00 21.66 ? 178 ASP A OD2 1 
ATOM   1043 N  N   . LYS A 1 155 ? 3.959   10.551  7.097   1.00 18.95 ? 179 LYS A N   1 
ATOM   1044 C  CA  . LYS A 1 155 ? 3.942   11.715  6.222   1.00 20.01 ? 179 LYS A CA  1 
ATOM   1045 C  C   . LYS A 1 155 ? 5.260   12.020  5.512   1.00 20.97 ? 179 LYS A C   1 
ATOM   1046 O  O   . LYS A 1 155 ? 5.262   12.734  4.505   1.00 21.45 ? 179 LYS A O   1 
ATOM   1047 C  CB  . LYS A 1 155 ? 3.439   12.939  6.973   1.00 20.74 ? 179 LYS A CB  1 
ATOM   1048 C  CG  . LYS A 1 155 ? 1.934   12.940  7.097   1.00 23.22 ? 179 LYS A CG  1 
ATOM   1049 C  CD  . LYS A 1 155 ? 1.412   14.050  8.012   1.00 27.43 ? 179 LYS A CD  1 
ATOM   1050 C  CE  . LYS A 1 155 ? 2.035   15.404  7.734   1.00 32.34 ? 179 LYS A CE  1 
ATOM   1051 N  NZ  . LYS A 1 155 ? 1.471   16.404  8.716   1.00 35.95 ? 179 LYS A NZ  1 
ATOM   1052 N  N   . GLN A 1 156 ? 6.358   11.476  6.043   1.00 20.99 ? 180 GLN A N   1 
ATOM   1053 C  CA  . GLN A 1 156 ? 7.689   11.533  5.407   1.00 21.62 ? 180 GLN A CA  1 
ATOM   1054 C  C   . GLN A 1 156 ? 7.936   10.314  4.505   1.00 21.37 ? 180 GLN A C   1 
ATOM   1055 O  O   . GLN A 1 156 ? 9.036   10.149  3.958   1.00 21.36 ? 180 GLN A O   1 
ATOM   1056 C  CB  . GLN A 1 156 ? 8.787   11.653  6.472   1.00 21.60 ? 180 GLN A CB  1 
ATOM   1057 C  CG  . GLN A 1 156 ? 8.664   12.882  7.371   1.00 26.13 ? 180 GLN A CG  1 
ATOM   1058 C  CD  . GLN A 1 156 ? 7.647   12.700  8.486   1.00 30.69 ? 180 GLN A CD  1 
ATOM   1059 O  OE1 . GLN A 1 156 ? 7.516   11.619  9.065   1.00 33.81 ? 180 GLN A OE1 1 
ATOM   1060 N  NE2 . GLN A 1 156 ? 6.919   13.764  8.795   1.00 34.31 ? 180 GLN A NE2 1 
ATOM   1061 N  N   . HIS A 1 157 ? 6.889   9.502   4.320   1.00 20.16 ? 181 HIS A N   1 
ATOM   1062 C  CA  . HIS A 1 157 ? 6.895   8.256   3.520   1.00 20.50 ? 181 HIS A CA  1 
ATOM   1063 C  C   . HIS A 1 157 ? 7.936   7.249   3.995   1.00 20.28 ? 181 HIS A C   1 
ATOM   1064 O  O   . HIS A 1 157 ? 8.617   6.585   3.183   1.00 21.70 ? 181 HIS A O   1 
ATOM   1065 C  CB  . HIS A 1 157 ? 6.980   8.514   2.010   1.00 20.22 ? 181 HIS A CB  1 
ATOM   1066 C  CG  . HIS A 1 157 ? 5.840   9.347   1.470   1.00 20.34 ? 181 HIS A CG  1 
ATOM   1067 N  ND1 . HIS A 1 157 ? 5.917   10.006  0.262   1.00 20.46 ? 181 HIS A ND1 1 
ATOM   1068 C  CD2 . HIS A 1 157 ? 4.622   9.654   1.986   1.00 20.01 ? 181 HIS A CD2 1 
ATOM   1069 C  CE1 . HIS A 1 157 ? 4.787   10.654  0.041   1.00 21.94 ? 181 HIS A CE1 1 
ATOM   1070 N  NE2 . HIS A 1 157 ? 3.995   10.482  1.082   1.00 19.23 ? 181 HIS A NE2 1 
ATOM   1071 N  N   . ARG A 1 158 ? 8.049   7.143   5.311   1.00 18.94 ? 182 ARG A N   1 
ATOM   1072 C  CA  . ARG A 1 158 ? 8.846   6.081   5.936   1.00 18.75 ? 182 ARG A CA  1 
ATOM   1073 C  C   . ARG A 1 158 ? 7.888   5.021   6.498   1.00 17.99 ? 182 ARG A C   1 
ATOM   1074 O  O   . ARG A 1 158 ? 6.862   5.370   7.093   1.00 17.59 ? 182 ARG A O   1 
ATOM   1075 C  CB  . ARG A 1 158 ? 9.712   6.657   7.053   1.00 18.09 ? 182 ARG A CB  1 
ATOM   1076 C  CG  . ARG A 1 158 ? 10.532  7.893   6.643   1.00 19.59 ? 182 ARG A CG  1 
ATOM   1077 C  CD  . ARG A 1 158 ? 11.135  8.595   7.860   1.00 22.58 ? 182 ARG A CD  1 
ATOM   1078 N  NE  . ARG A 1 158 ? 10.109  9.165   8.747   1.00 23.98 ? 182 ARG A NE  1 
ATOM   1079 C  CZ  . ARG A 1 158 ? 10.370  9.922   9.810   1.00 27.72 ? 182 ARG A CZ  1 
ATOM   1080 N  NH1 . ARG A 1 158 ? 11.625  10.226  10.124  1.00 26.48 ? 182 ARG A NH1 1 
ATOM   1081 N  NH2 . ARG A 1 158 ? 9.367   10.399  10.555  1.00 27.70 ? 182 ARG A NH2 1 
ATOM   1082 N  N   . PRO A 1 159 ? 8.232   3.725   6.361   1.00 17.81 ? 183 PRO A N   1 
ATOM   1083 C  CA  . PRO A 1 159 ? 7.368   2.676   6.909   1.00 16.89 ? 183 PRO A CA  1 
ATOM   1084 C  C   . PRO A 1 159 ? 7.204   2.769   8.425   1.00 17.30 ? 183 PRO A C   1 
ATOM   1085 O  O   . PRO A 1 159 ? 8.180   2.770   9.171   1.00 16.83 ? 183 PRO A O   1 
ATOM   1086 C  CB  . PRO A 1 159 ? 8.076   1.369   6.494   1.00 17.63 ? 183 PRO A CB  1 
ATOM   1087 C  CG  . PRO A 1 159 ? 8.914   1.739   5.344   1.00 17.99 ? 183 PRO A CG  1 
ATOM   1088 C  CD  . PRO A 1 159 ? 9.355   3.161   5.582   1.00 18.18 ? 183 PRO A CD  1 
ATOM   1089 N  N   . ALA A 1 160 ? 5.957   2.923   8.868   1.00 16.32 ? 184 ALA A N   1 
ATOM   1090 C  CA  . ALA A 1 160 ? 5.618   2.932   10.277  1.00 16.26 ? 184 ALA A CA  1 
ATOM   1091 C  C   . ALA A 1 160 ? 5.032   1.595   10.749  1.00 15.76 ? 184 ALA A C   1 
ATOM   1092 O  O   . ALA A 1 160 ? 5.075   1.280   11.937  1.00 17.38 ? 184 ALA A O   1 
ATOM   1093 C  CB  . ALA A 1 160 ? 4.628   4.079   10.554  1.00 15.79 ? 184 ALA A CB  1 
ATOM   1094 N  N   . ALA A 1 161 ? 4.488   0.813   9.828   1.00 16.08 ? 185 ALA A N   1 
ATOM   1095 C  CA  . ALA A 1 161 ? 3.938   -0.510  10.145  1.00 16.54 ? 185 ALA A CA  1 
ATOM   1096 C  C   . ALA A 1 161 ? 3.906   -1.368  8.888   1.00 16.71 ? 185 ALA A C   1 
ATOM   1097 O  O   . ALA A 1 161 ? 3.683   -0.855  7.787   1.00 17.02 ? 185 ALA A O   1 
ATOM   1098 C  CB  . ALA A 1 161 ? 2.506   -0.407  10.731  1.00 16.61 ? 185 ALA A CB  1 
ATOM   1099 N  N   . VAL A 1 162 ? 4.154   -2.668  9.058   1.00 15.93 ? 186 VAL A N   1 
ATOM   1100 C  CA  . VAL A 1 162 ? 4.060   -3.629  7.965   1.00 17.20 ? 186 VAL A CA  1 
ATOM   1101 C  C   . VAL A 1 162 ? 3.146   -4.742  8.434   1.00 17.41 ? 186 VAL A C   1 
ATOM   1102 O  O   . VAL A 1 162 ? 3.315   -5.273  9.537   1.00 18.47 ? 186 VAL A O   1 
ATOM   1103 C  CB  . VAL A 1 162 ? 5.458   -4.214  7.562   1.00 16.60 ? 186 VAL A CB  1 
ATOM   1104 C  CG1 . VAL A 1 162 ? 5.318   -5.216  6.426   1.00 17.80 ? 186 VAL A CG1 1 
ATOM   1105 C  CG2 . VAL A 1 162 ? 6.419   -3.117  7.139   1.00 17.87 ? 186 VAL A CG2 1 
ATOM   1106 N  N   . PHE A 1 163 ? 2.176   -5.101  7.606   1.00 17.39 ? 187 PHE A N   1 
ATOM   1107 C  CA  . PHE A 1 163 ? 1.231   -6.153  7.937   1.00 17.77 ? 187 PHE A CA  1 
ATOM   1108 C  C   . PHE A 1 163 ? 1.366   -7.191  6.866   1.00 17.86 ? 187 PHE A C   1 
ATOM   1109 O  O   . PHE A 1 163 ? 1.103   -6.919  5.698   1.00 18.12 ? 187 PHE A O   1 
ATOM   1110 C  CB  . PHE A 1 163 ? -0.200  -5.630  7.873   1.00 17.22 ? 187 PHE A CB  1 
ATOM   1111 C  CG  . PHE A 1 163 ? -0.559  -4.666  8.953   1.00 19.24 ? 187 PHE A CG  1 
ATOM   1112 C  CD1 . PHE A 1 163 ? -0.971  -5.118  10.194  1.00 20.03 ? 187 PHE A CD1 1 
ATOM   1113 C  CD2 . PHE A 1 163 ? -0.580  -3.297  8.690   1.00 19.93 ? 187 PHE A CD2 1 
ATOM   1114 C  CE1 . PHE A 1 163 ? -1.355  -4.222  11.187  1.00 22.19 ? 187 PHE A CE1 1 
ATOM   1115 C  CE2 . PHE A 1 163 ? -0.956  -2.392  9.665   1.00 20.16 ? 187 PHE A CE2 1 
ATOM   1116 C  CZ  . PHE A 1 163 ? -1.343  -2.838  10.909  1.00 20.96 ? 187 PHE A CZ  1 
ATOM   1117 N  N   . LEU A 1 164 ? 1.741   -8.401  7.259   1.00 18.84 ? 188 LEU A N   1 
ATOM   1118 C  CA  . LEU A 1 164 ? 1.951   -9.461  6.318   1.00 20.10 ? 188 LEU A CA  1 
ATOM   1119 C  C   . LEU A 1 164 ? 0.771   -10.420 6.293   1.00 21.71 ? 188 LEU A C   1 
ATOM   1120 O  O   . LEU A 1 164 ? 0.930   -11.646 6.217   1.00 22.40 ? 188 LEU A O   1 
ATOM   1121 C  CB  . LEU A 1 164 ? 3.252   -10.185 6.679   1.00 20.36 ? 188 LEU A CB  1 
ATOM   1122 C  CG  . LEU A 1 164 ? 4.467   -9.262  6.691   1.00 21.89 ? 188 LEU A CG  1 
ATOM   1123 C  CD1 . LEU A 1 164 ? 5.688   -10.103 6.998   1.00 25.24 ? 188 LEU A CD1 1 
ATOM   1124 C  CD2 . LEU A 1 164 ? 4.619   -8.645  5.326   1.00 23.41 ? 188 LEU A CD2 1 
ATOM   1125 N  N   . ARG A 1 165 ? -0.421  -9.842  6.341   1.00 21.71 ? 189 ARG A N   1 
ATOM   1126 C  CA  . ARG A 1 165 ? -1.648  -10.596 6.458   1.00 22.55 ? 189 ARG A CA  1 
ATOM   1127 C  C   . ARG A 1 165 ? -2.769  -9.697  5.973   1.00 23.09 ? 189 ARG A C   1 
ATOM   1128 O  O   . ARG A 1 165 ? -2.558  -8.494  5.773   1.00 23.73 ? 189 ARG A O   1 
ATOM   1129 C  CB  . ARG A 1 165 ? -1.895  -10.991 7.921   1.00 22.61 ? 189 ARG A CB  1 
ATOM   1130 C  CG  . ARG A 1 165 ? -2.003  -9.780  8.873   1.00 24.04 ? 189 ARG A CG  1 
ATOM   1131 C  CD  . ARG A 1 165 ? -2.306  -10.206 10.285  1.00 25.78 ? 189 ARG A CD  1 
ATOM   1132 N  NE  . ARG A 1 165 ? -2.341  -9.087  11.228  1.00 28.73 ? 189 ARG A NE  1 
ATOM   1133 C  CZ  . ARG A 1 165 ? -3.394  -8.279  11.394  1.00 29.60 ? 189 ARG A CZ  1 
ATOM   1134 N  NH1 . ARG A 1 165 ? -4.488  -8.442  10.661  1.00 29.20 ? 189 ARG A NH1 1 
ATOM   1135 N  NH2 . ARG A 1 165 ? -3.353  -7.317  12.305  1.00 30.68 ? 189 ARG A NH2 1 
ATOM   1136 N  N   . GLU A 1 166 ? -3.952  -10.290 5.809   1.00 23.78 ? 190 GLU A N   1 
ATOM   1137 C  CA  . GLU A 1 166 ? -5.168  -9.537  5.562   1.00 25.04 ? 190 GLU A CA  1 
ATOM   1138 C  C   . GLU A 1 166 ? -5.432  -8.644  6.781   1.00 25.03 ? 190 GLU A C   1 
ATOM   1139 O  O   . GLU A 1 166 ? -5.264  -9.070  7.921   1.00 25.57 ? 190 GLU A O   1 
ATOM   1140 C  CB  . GLU A 1 166 ? -6.349  -10.492 5.310   1.00 25.40 ? 190 GLU A CB  1 
ATOM   1141 N  N   . VAL A 1 167 ? -5.828  -7.399  6.521   1.00 25.44 ? 191 VAL A N   1 
ATOM   1142 C  CA  . VAL A 1 167 ? -6.053  -6.410  7.584   1.00 25.11 ? 191 VAL A CA  1 
ATOM   1143 C  C   . VAL A 1 167 ? -7.494  -5.934  7.585   1.00 24.13 ? 191 VAL A C   1 
ATOM   1144 O  O   . VAL A 1 167 ? -8.214  -6.122  6.603   1.00 24.42 ? 191 VAL A O   1 
ATOM   1145 C  CB  . VAL A 1 167 ? -5.165  -5.142  7.391   1.00 25.30 ? 191 VAL A CB  1 
ATOM   1146 C  CG1 . VAL A 1 167 ? -3.721  -5.514  7.274   1.00 27.37 ? 191 VAL A CG1 1 
ATOM   1147 C  CG2 . VAL A 1 167 ? -5.600  -4.350  6.146   1.00 26.00 ? 191 VAL A CG2 1 
ATOM   1148 N  N   . THR A 1 168 ? -7.913  -5.339  8.706   1.00 22.60 ? 192 THR A N   1 
ATOM   1149 C  CA  . THR A 1 168 ? -9.189  -4.629  8.763   1.00 22.05 ? 192 THR A CA  1 
ATOM   1150 C  C   . THR A 1 168 ? -8.944  -3.139  8.756   1.00 21.07 ? 192 THR A C   1 
ATOM   1151 O  O   . THR A 1 168 ? -7.832  -2.676  9.032   1.00 20.44 ? 192 THR A O   1 
ATOM   1152 C  CB  . THR A 1 168 ? -9.973  -4.976  10.052  1.00 21.48 ? 192 THR A CB  1 
ATOM   1153 O  OG1 . THR A 1 168 ? -9.196  -4.608  11.191  1.00 22.69 ? 192 THR A OG1 1 
ATOM   1154 C  CG2 . THR A 1 168 ? -10.296 -6.474  10.105  1.00 22.93 ? 192 THR A CG2 1 
ATOM   1155 N  N   . SER A 1 169 ? -9.996  -2.376  8.463   1.00 21.98 ? 193 SER A N   1 
ATOM   1156 C  CA  . SER A 1 169 ? -9.896  -0.937  8.540   1.00 22.54 ? 193 SER A CA  1 
ATOM   1157 C  C   . SER A 1 169 ? -9.502  -0.491  9.954   1.00 22.77 ? 193 SER A C   1 
ATOM   1158 O  O   . SER A 1 169 ? -8.701  0.423   10.108  1.00 22.14 ? 193 SER A O   1 
ATOM   1159 C  CB  . SER A 1 169 ? -11.193 -0.255  8.058   1.00 23.04 ? 193 SER A CB  1 
ATOM   1160 O  OG  . SER A 1 169 ? -12.305 -0.577  8.880   1.00 24.57 ? 193 SER A OG  1 
ATOM   1161 N  N   . LYS A 1 170 ? -10.019 -1.170  10.980  1.00 22.83 ? 194 LYS A N   1 
ATOM   1162 C  CA  . LYS A 1 170 ? -9.706  -0.815  12.362  1.00 23.30 ? 194 LYS A CA  1 
ATOM   1163 C  C   . LYS A 1 170 ? -8.206  -0.873  12.655  1.00 23.59 ? 194 LYS A C   1 
ATOM   1164 O  O   . LYS A 1 170 ? -7.633  0.065   13.225  1.00 24.30 ? 194 LYS A O   1 
ATOM   1165 C  CB  . LYS A 1 170 ? -10.469 -1.717  13.333  1.00 24.45 ? 194 LYS A CB  1 
ATOM   1166 N  N   . ASP A 1 171 ? -7.555  -1.959  12.254  1.00 23.28 ? 195 ASP A N   1 
ATOM   1167 C  CA  . ASP A 1 171 ? -6.142  -2.117  12.587  1.00 23.41 ? 195 ASP A CA  1 
ATOM   1168 C  C   . ASP A 1 171 ? -5.221  -1.154  11.834  1.00 22.26 ? 195 ASP A C   1 
ATOM   1169 O  O   . ASP A 1 171 ? -4.261  -0.652  12.401  1.00 21.40 ? 195 ASP A O   1 
ATOM   1170 C  CB  . ASP A 1 171 ? -5.678  -3.575  12.454  1.00 24.51 ? 195 ASP A CB  1 
ATOM   1171 C  CG  . ASP A 1 171 ? -5.878  -4.375  13.758  1.00 29.28 ? 195 ASP A CG  1 
ATOM   1172 O  OD1 . ASP A 1 171 ? -6.652  -3.917  14.651  1.00 33.35 ? 195 ASP A OD1 1 
ATOM   1173 O  OD2 . ASP A 1 171 ? -5.260  -5.456  13.897  1.00 30.26 ? 195 ASP A OD2 1 
ATOM   1174 N  N   . VAL A 1 172 ? -5.537  -0.877  10.574  1.00 20.76 ? 196 VAL A N   1 
ATOM   1175 C  CA  . VAL A 1 172 ? -4.745  0.072   9.807   1.00 20.41 ? 196 VAL A CA  1 
ATOM   1176 C  C   . VAL A 1 172 ? -4.969  1.518   10.279  1.00 19.99 ? 196 VAL A C   1 
ATOM   1177 O  O   . VAL A 1 172 ? -4.023  2.271   10.431  1.00 19.47 ? 196 VAL A O   1 
ATOM   1178 C  CB  . VAL A 1 172 ? -5.003  -0.061  8.307   1.00 20.50 ? 196 VAL A CB  1 
ATOM   1179 C  CG1 . VAL A 1 172 ? -4.239  1.017   7.523   1.00 20.24 ? 196 VAL A CG1 1 
ATOM   1180 C  CG2 . VAL A 1 172 ? -4.598  -1.441  7.855   1.00 21.55 ? 196 VAL A CG2 1 
ATOM   1181 N  N   . LEU A 1 173 ? -6.218  1.902   10.514  1.00 20.22 ? 197 LEU A N   1 
ATOM   1182 C  CA  . LEU A 1 173 ? -6.474  3.279   10.897  1.00 20.84 ? 197 LEU A CA  1 
ATOM   1183 C  C   . LEU A 1 173 ? -5.962  3.590   12.299  1.00 21.16 ? 197 LEU A C   1 
ATOM   1184 O  O   . LEU A 1 173 ? -5.614  4.731   12.596  1.00 21.25 ? 197 LEU A O   1 
ATOM   1185 C  CB  . LEU A 1 173 ? -7.966  3.611   10.739  1.00 20.32 ? 197 LEU A CB  1 
ATOM   1186 C  CG  . LEU A 1 173 ? -8.503  3.715   9.300   1.00 20.76 ? 197 LEU A CG  1 
ATOM   1187 C  CD1 . LEU A 1 173 ? -10.016 3.818   9.278   1.00 21.74 ? 197 LEU A CD1 1 
ATOM   1188 C  CD2 . LEU A 1 173 ? -7.881  4.897   8.492   1.00 22.68 ? 197 LEU A CD2 1 
ATOM   1189 N  N   . ASP A 1 174 ? -5.854  2.566   13.146  1.00 21.78 ? 198 ASP A N   1 
ATOM   1190 C  CA  . ASP A 1 174 ? -5.284  2.732   14.482  1.00 23.64 ? 198 ASP A CA  1 
ATOM   1191 C  C   . ASP A 1 174 ? -3.863  3.279   14.390  1.00 23.33 ? 198 ASP A C   1 
ATOM   1192 O  O   . ASP A 1 174 ? -3.430  4.050   15.248  1.00 23.55 ? 198 ASP A O   1 
ATOM   1193 C  CB  . ASP A 1 174 ? -5.253  1.392   15.234  1.00 23.91 ? 198 ASP A CB  1 
ATOM   1194 C  CG  . ASP A 1 174 ? -6.543  1.095   16.010  1.00 28.46 ? 198 ASP A CG  1 
ATOM   1195 O  OD1 . ASP A 1 174 ? -7.517  1.898   15.950  1.00 31.02 ? 198 ASP A OD1 1 
ATOM   1196 O  OD2 . ASP A 1 174 ? -6.585  0.037   16.684  1.00 33.51 ? 198 ASP A OD2 1 
ATOM   1197 N  N   . VAL A 1 175 ? -3.131  2.856   13.353  1.00 23.14 ? 199 VAL A N   1 
ATOM   1198 C  CA  . VAL A 1 175 ? -1.781  3.348   13.083  1.00 22.66 ? 199 VAL A CA  1 
ATOM   1199 C  C   . VAL A 1 175 ? -1.816  4.635   12.256  1.00 21.94 ? 199 VAL A C   1 
ATOM   1200 O  O   . VAL A 1 175 ? -1.131  5.612   12.568  1.00 21.99 ? 199 VAL A O   1 
ATOM   1201 C  CB  . VAL A 1 175 ? -0.943  2.307   12.267  1.00 23.27 ? 199 VAL A CB  1 
ATOM   1202 C  CG1 . VAL A 1 175 ? 0.392   2.913   11.849  1.00 24.65 ? 199 VAL A CG1 1 
ATOM   1203 C  CG2 . VAL A 1 175 ? -0.754  0.989   13.056  1.00 24.29 ? 199 VAL A CG2 1 
ATOM   1204 N  N   . ALA A 1 176 ? -2.603  4.605   11.188  1.00 21.90 ? 200 ALA A N   1 
ATOM   1205 C  CA  . ALA A 1 176 ? -2.562  5.642   10.151  1.00 21.82 ? 200 ALA A CA  1 
ATOM   1206 C  C   . ALA A 1 176 ? -3.107  7.002   10.580  1.00 21.91 ? 200 ALA A C   1 
ATOM   1207 O  O   . ALA A 1 176 ? -2.533  8.035   10.220  1.00 22.29 ? 200 ALA A O   1 
ATOM   1208 C  CB  . ALA A 1 176 ? -3.278  5.159   8.889   1.00 21.22 ? 200 ALA A CB  1 
ATOM   1209 N  N   . LEU A 1 177 ? -4.226  7.011   11.296  1.00 22.70 ? 201 LEU A N   1 
ATOM   1210 C  CA  . LEU A 1 177 ? -4.838  8.277   11.682  1.00 22.94 ? 201 LEU A CA  1 
ATOM   1211 C  C   . LEU A 1 177 ? -3.948  9.163   12.592  1.00 23.49 ? 201 LEU A C   1 
ATOM   1212 O  O   . LEU A 1 177 ? -3.762  10.343  12.290  1.00 23.27 ? 201 LEU A O   1 
ATOM   1213 C  CB  . LEU A 1 177 ? -6.282  8.101   12.202  1.00 23.19 ? 201 LEU A CB  1 
ATOM   1214 C  CG  . LEU A 1 177 ? -7.376  7.780   11.160  1.00 23.91 ? 201 LEU A CG  1 
ATOM   1215 C  CD1 . LEU A 1 177 ? -8.740  7.615   11.823  1.00 25.03 ? 201 LEU A CD1 1 
ATOM   1216 C  CD2 . LEU A 1 177 ? -7.457  8.849   10.039  1.00 24.33 ? 201 LEU A CD2 1 
ATOM   1217 N  N   . PRO A 1 178 ? -3.355  8.597   13.668  1.00 23.85 ? 202 PRO A N   1 
ATOM   1218 C  CA  . PRO A 1 178 ? -2.399  9.415   14.448  1.00 23.88 ? 202 PRO A CA  1 
ATOM   1219 C  C   . PRO A 1 178 ? -1.240  9.976   13.598  1.00 23.30 ? 202 PRO A C   1 
ATOM   1220 O  O   . PRO A 1 178 ? -0.793  11.101  13.839  1.00 24.10 ? 202 PRO A O   1 
ATOM   1221 C  CB  . PRO A 1 178 ? -1.862  8.438   15.505  1.00 24.43 ? 202 PRO A CB  1 
ATOM   1222 C  CG  . PRO A 1 178 ? -2.924  7.444   15.680  1.00 24.83 ? 202 PRO A CG  1 
ATOM   1223 C  CD  . PRO A 1 178 ? -3.589  7.284   14.311  1.00 24.46 ? 202 PRO A CD  1 
ATOM   1224 N  N   . LEU A 1 179 ? -0.767  9.204   12.612  1.00 21.85 ? 203 LEU A N   1 
ATOM   1225 C  CA  . LEU A 1 179 ? 0.256   9.690   11.691  1.00 21.48 ? 203 LEU A CA  1 
ATOM   1226 C  C   . LEU A 1 179 ? -0.152  10.924  10.878  1.00 21.43 ? 203 LEU A C   1 
ATOM   1227 O  O   . LEU A 1 179 ? 0.696   11.745  10.565  1.00 21.71 ? 203 LEU A O   1 
ATOM   1228 C  CB  . LEU A 1 179 ? 0.718   8.579   10.748  1.00 20.24 ? 203 LEU A CB  1 
ATOM   1229 C  CG  . LEU A 1 179 ? 1.376   7.348   11.394  1.00 21.01 ? 203 LEU A CG  1 
ATOM   1230 C  CD1 . LEU A 1 179 ? 1.666   6.299   10.336  1.00 20.53 ? 203 LEU A CD1 1 
ATOM   1231 C  CD2 . LEU A 1 179 ? 2.656   7.719   12.082  1.00 21.70 ? 203 LEU A CD2 1 
ATOM   1232 N  N   . VAL A 1 180 ? -1.431  11.045  10.537  1.00 22.78 ? 204 VAL A N   1 
ATOM   1233 C  CA  . VAL A 1 180 ? -1.937  12.219  9.808   1.00 24.50 ? 204 VAL A CA  1 
ATOM   1234 C  C   . VAL A 1 180 ? -1.823  13.505  10.650  1.00 27.15 ? 204 VAL A C   1 
ATOM   1235 O  O   . VAL A 1 180 ? -1.517  14.592  10.122  1.00 26.57 ? 204 VAL A O   1 
ATOM   1236 C  CB  . VAL A 1 180 ? -3.400  12.006  9.346   1.00 24.92 ? 204 VAL A CB  1 
ATOM   1237 C  CG1 . VAL A 1 180 ? -3.978  13.298  8.748   1.00 23.48 ? 204 VAL A CG1 1 
ATOM   1238 C  CG2 . VAL A 1 180 ? -3.485  10.868  8.314   1.00 24.49 ? 204 VAL A CG2 1 
ATOM   1239 N  N   . ASP A 1 181 ? -2.062  13.368  11.957  1.00 29.60 ? 205 ASP A N   1 
ATOM   1240 C  CA  . ASP A 1 181 ? -2.128  14.505  12.883  1.00 32.80 ? 205 ASP A CA  1 
ATOM   1241 C  C   . ASP A 1 181 ? -0.782  14.955  13.443  1.00 33.92 ? 205 ASP A C   1 
ATOM   1242 O  O   . ASP A 1 181 ? -0.698  16.016  14.067  1.00 34.51 ? 205 ASP A O   1 
ATOM   1243 C  CB  . ASP A 1 181 ? -3.060  14.180  14.057  1.00 33.60 ? 205 ASP A CB  1 
ATOM   1244 C  CG  . ASP A 1 181 ? -4.407  13.642  13.612  1.00 36.46 ? 205 ASP A CG  1 
ATOM   1245 O  OD1 . ASP A 1 181 ? -5.083  14.300  12.777  1.00 39.11 ? 205 ASP A OD1 1 
ATOM   1246 O  OD2 . ASP A 1 181 ? -4.795  12.556  14.119  1.00 40.73 ? 205 ASP A OD2 1 
ATOM   1247 N  N   . GLU A 1 182 ? 0.264   14.154  13.234  1.00 35.08 ? 206 GLU A N   1 
ATOM   1248 C  CA  . GLU A 1 182 ? 1.590   14.437  13.785  1.00 36.18 ? 206 GLU A CA  1 
ATOM   1249 C  C   . GLU A 1 182 ? 2.332   15.497  12.960  1.00 36.96 ? 206 GLU A C   1 
ATOM   1250 O  O   . GLU A 1 182 ? 2.929   16.435  13.520  1.00 38.47 ? 206 GLU A O   1 
ATOM   1251 C  CB  . GLU A 1 182 ? 2.415   13.149  13.866  1.00 35.85 ? 206 GLU A CB  1 
HETATM 1252 CA CA  . CA  B 2 .   ? 4.757   11.900  -12.381 1.00 37.50 ? 1   CA  A CA  1 
HETATM 1253 CA CA  . CA  C 2 .   ? -4.927  3.812   -10.991 1.00 30.91 ? 2   CA  A CA  1 
HETATM 1254 O  O   . HOH D 3 .   ? 10.927  2.238   8.744   1.00 26.15 ? 3   HOH A O   1 
HETATM 1255 O  O   . HOH D 3 .   ? -5.207  9.440   -3.882  1.00 22.53 ? 4   HOH A O   1 
HETATM 1256 O  O   . HOH D 3 .   ? 6.544   -4.495  16.382  1.00 28.66 ? 5   HOH A O   1 
HETATM 1257 O  O   . HOH D 3 .   ? 3.299   11.201  9.938   1.00 23.99 ? 6   HOH A O   1 
HETATM 1258 O  O   . HOH D 3 .   ? -2.802  -4.724  14.730  1.00 26.10 ? 7   HOH A O   1 
HETATM 1259 O  O   . HOH D 3 .   ? -6.708  0.521   -7.337  1.00 25.99 ? 8   HOH A O   1 
HETATM 1260 O  O   . HOH D 3 .   ? 8.904   -15.235 -1.772  1.00 44.61 ? 9   HOH A O   1 
HETATM 1261 O  O   . HOH D 3 .   ? 1.638   -11.591 14.454  1.00 31.21 ? 10  HOH A O   1 
HETATM 1262 O  O   . HOH D 3 .   ? -13.342 10.641  2.014   1.00 31.78 ? 11  HOH A O   1 
HETATM 1263 O  O   . HOH D 3 .   ? 6.196   13.126  2.047   1.00 40.77 ? 12  HOH A O   1 
HETATM 1264 O  O   . HOH D 3 .   ? -4.062  -13.241 5.724   1.00 35.11 ? 13  HOH A O   1 
HETATM 1265 O  O   . HOH D 3 .   ? -1.514  13.841  -5.984  1.00 42.44 ? 14  HOH A O   1 
HETATM 1266 O  O   . HOH D 3 .   ? -2.734  -6.624  3.791   1.00 35.31 ? 15  HOH A O   1 
HETATM 1267 O  O   . HOH D 3 .   ? -4.224  4.899   17.414  1.00 35.69 ? 16  HOH A O   1 
HETATM 1268 O  O   . HOH D 3 .   ? -1.153  14.403  5.825   1.00 32.05 ? 17  HOH A O   1 
HETATM 1269 O  O   . HOH D 3 .   ? -2.421  -6.606  -19.636 1.00 37.74 ? 18  HOH A O   1 
HETATM 1270 O  O   . HOH D 3 .   ? -5.401  2.237   -19.426 1.00 37.44 ? 19  HOH A O   1 
HETATM 1271 O  O   . HOH D 3 .   ? 10.954  -11.728 -2.550  1.00 46.35 ? 20  HOH A O   1 
HETATM 1272 O  O   . HOH D 3 .   ? -4.598  11.780  -2.298  1.00 27.58 ? 21  HOH A O   1 
HETATM 1273 O  O   . HOH D 3 .   ? 4.826   -13.011 -5.904  1.00 37.19 ? 22  HOH A O   1 
HETATM 1274 O  O   . HOH D 3 .   ? -14.620 2.565   -8.932  1.00 39.20 ? 23  HOH A O   1 
HETATM 1275 O  O   . HOH D 3 .   ? 0.591   5.732   14.969  1.00 31.78 ? 24  HOH A O   1 
HETATM 1276 O  O   . HOH D 3 .   ? -0.424  -7.300  -12.052 1.00 20.00 ? 208 HOH A O   1 
HETATM 1277 O  O   . HOH D 3 .   ? -2.907  -1.866  14.559  1.00 23.90 ? 209 HOH A O   1 
HETATM 1278 O  O   . HOH D 3 .   ? 10.939  7.423   2.308   1.00 33.15 ? 210 HOH A O   1 
HETATM 1279 O  O   . HOH D 3 .   ? 11.925  -4.856  10.050  1.00 38.98 ? 211 HOH A O   1 
HETATM 1280 O  O   . HOH D 3 .   ? 7.181   6.605   17.737  1.00 35.83 ? 212 HOH A O   1 
HETATM 1281 O  O   . HOH D 3 .   ? 12.679  0.346   9.587   1.00 32.55 ? 213 HOH A O   1 
HETATM 1282 O  O   . HOH D 3 .   ? -17.577 -5.376  -3.962  1.00 38.10 ? 214 HOH A O   1 
HETATM 1283 O  O   . HOH D 3 .   ? -3.727  17.641  5.755   1.00 39.84 ? 215 HOH A O   1 
HETATM 1284 O  O   . HOH D 3 .   ? -5.287  -10.425 -14.658 1.00 31.50 ? 216 HOH A O   1 
HETATM 1285 O  O   . HOH D 3 .   ? -15.419 -8.888  -8.071  1.00 35.44 ? 217 HOH A O   1 
HETATM 1286 O  O   . HOH D 3 .   ? 14.435  0.147   0.736   1.00 40.58 ? 218 HOH A O   1 
HETATM 1287 O  O   . HOH D 3 .   ? 11.578  -7.041  -0.657  1.00 41.13 ? 219 HOH A O   1 
HETATM 1288 O  O   . HOH D 3 .   ? 7.353   16.196  -12.806 1.00 41.03 ? 220 HOH A O   1 
HETATM 1289 O  O   . HOH D 3 .   ? 6.253   12.802  -11.211 1.00 26.22 ? 221 HOH A O   1 
HETATM 1290 O  O   . HOH D 3 .   ? 6.416   10.969  -13.338 1.00 24.99 ? 222 HOH A O   1 
HETATM 1291 O  O   . HOH D 3 .   ? 4.405   10.311  -10.936 1.00 22.51 ? 223 HOH A O   1 
HETATM 1292 O  O   . HOH D 3 .   ? 3.444   13.080  -11.246 1.00 26.14 ? 224 HOH A O   1 
HETATM 1293 O  O   . HOH D 3 .   ? 4.796   13.463  -13.941 1.00 25.67 ? 225 HOH A O   1 
HETATM 1294 O  O   . HOH D 3 .   ? 3.284   10.981  -13.569 1.00 23.22 ? 226 HOH A O   1 
HETATM 1295 O  O   . HOH D 3 .   ? 4.149   2.610   14.874  1.00 39.40 ? 227 HOH A O   1 
HETATM 1296 O  O   . HOH D 3 .   ? 10.619  17.071  -13.000 1.00 42.53 ? 228 HOH A O   1 
HETATM 1297 O  O   . HOH D 3 .   ? 10.713  0.414   16.496  1.00 34.00 ? 229 HOH A O   1 
HETATM 1298 O  O   . HOH D 3 .   ? 7.845   9.226   -12.388 1.00 42.34 ? 230 HOH A O   1 
HETATM 1299 O  O   . HOH D 3 .   ? -5.533  8.667   -13.083 1.00 44.25 ? 231 HOH A O   1 
HETATM 1300 O  O   . HOH D 3 .   ? 0.818   13.192  -12.770 1.00 38.00 ? 232 HOH A O   1 
HETATM 1301 O  O   . HOH D 3 .   ? -0.892  -12.223 3.375   1.00 32.89 ? 233 HOH A O   1 
HETATM 1302 O  O   . HOH D 3 .   ? 8.927   14.153  -13.016 1.00 45.84 ? 234 HOH A O   1 
HETATM 1303 O  O   . HOH D 3 .   ? -12.109 -11.711 -10.471 1.00 44.93 ? 235 HOH A O   1 
HETATM 1304 O  O   . HOH D 3 .   ? -12.195 -12.191 -8.171  1.00 40.53 ? 236 HOH A O   1 
# 
